data_2VGK
#
_entry.id   2VGK
#
_cell.length_a   105.140
_cell.length_b   93.350
_cell.length_c   109.100
_cell.angle_alpha   90.00
_cell.angle_beta   94.98
_cell.angle_gamma   90.00
#
_symmetry.space_group_name_H-M   'P 1 21 1'
#
loop_
_entity.id
_entity.type
_entity.pdbx_description
1 polymer 'D-ALANYL-D-ALANINE CARBOXYPEPTIDASE'
2 non-polymer '(2R)-2-AMINO-7-{[(1R)-1-CARBOXYETHYL]AMINO}-7-OXOHEPTANOIC ACID'
3 non-polymer 'SULFATE ION'
4 non-polymer 'MAGNESIUM ION'
5 water water
#
_entity_poly.entity_id   1
_entity_poly.type   'polypeptide(L)'
_entity_poly.pdbx_seq_one_letter_code
;RLTELREDIDAILEDPALEGAVSGVVVVDTATGEELYSRDGGEQLLPASNMKLFTAAAALEVLGADHSFGTEVAAESAPG
RRGEVQDLYLVGRGDPTLSAEDLDAMAAEVAASGVRTVRGDLYADDTWFDSERLVDDWWPEDEPYAYSAQISALTVAHGE
RFDTGVTEVSVTPAAEGEPADVDLGAAEGYAELDNRAVTGAAGSANTLVIDRPVGTNTIAVTGSLPADAAPVTALRTVDE
PAALAGHLFEEALESNGVTVKGDVGLGGVPADWQDAEVLADHTSAELSEILVPFMKFSNNGHAEMLVKSIGQETAGAGTW
DAGLVGVEEALSGLGVDTAGLVLNDGSGLSRGNLVTADTVVDLLGQAGSAPWAQTWSASLPVAGESDPFVGGTLANRMRG
TAAEGVVEAKTGTMSGVSALSGYVPGPEGELAFSIVNNGHSGPAPLAVQDAIAVRLAEYAGHQAPEGARMMRGPVQGSGE
LECSWVQAC
;
_entity_poly.pdbx_strand_id   A,B,C,D
#
loop_
_chem_comp.id
_chem_comp.type
_chem_comp.name
_chem_comp.formula
MG non-polymer 'MAGNESIUM ION' 'Mg 2'
REZ non-polymer '(2R)-2-AMINO-7-{[(1R)-1-CARBOXYETHYL]AMINO}-7-OXOHEPTANOIC ACID' 'C10 H18 N2 O5'
SO4 non-polymer 'SULFATE ION' 'O4 S -2'
#
# COMPACT_ATOMS: atom_id res chain seq x y z
N ARG A 1 -8.23 74.57 59.64
CA ARG A 1 -9.06 73.33 59.50
C ARG A 1 -8.45 72.41 58.43
N LEU A 2 -7.77 73.01 57.46
CA LEU A 2 -7.04 72.29 56.43
C LEU A 2 -5.62 71.93 56.92
N THR A 3 -5.11 72.72 57.88
CA THR A 3 -3.78 72.48 58.46
C THR A 3 -3.77 71.24 59.35
N GLU A 4 -4.89 70.95 60.01
CA GLU A 4 -5.01 69.79 60.90
C GLU A 4 -5.19 68.46 60.14
N LEU A 5 -5.90 68.51 59.01
CA LEU A 5 -6.09 67.36 58.12
C LEU A 5 -4.76 66.80 57.61
N ARG A 6 -3.81 67.70 57.33
CA ARG A 6 -2.48 67.33 56.84
C ARG A 6 -1.63 66.67 57.91
N GLU A 7 -1.77 67.14 59.15
CA GLU A 7 -1.03 66.60 60.28
C GLU A 7 -1.45 65.16 60.63
N ASP A 8 -2.69 64.81 60.31
CA ASP A 8 -3.24 63.49 60.61
C ASP A 8 -2.91 62.46 59.52
N ILE A 9 -2.86 62.89 58.26
CA ILE A 9 -2.45 62.02 57.15
C ILE A 9 -0.92 61.80 57.17
N ASP A 10 -0.18 62.82 57.64
CA ASP A 10 1.26 62.71 57.89
C ASP A 10 1.55 61.68 58.99
N ALA A 11 0.74 61.71 60.06
CA ALA A 11 0.88 60.79 61.18
C ALA A 11 0.45 59.35 60.84
N ILE A 12 -0.59 59.23 60.00
CA ILE A 12 -1.06 57.92 59.51
C ILE A 12 0.00 57.24 58.64
N LEU A 13 0.72 58.06 57.88
CA LEU A 13 1.75 57.58 56.95
C LEU A 13 3.08 57.22 57.63
N GLU A 14 3.13 57.36 58.96
CA GLU A 14 4.31 57.00 59.76
C GLU A 14 4.35 55.52 60.14
N ASP A 15 3.19 54.86 60.15
CA ASP A 15 3.00 53.45 60.54
C ASP A 15 4.17 52.51 60.19
N PRO A 16 4.54 51.58 61.11
CA PRO A 16 5.58 50.58 60.84
C PRO A 16 5.25 49.60 59.71
N ALA A 17 3.99 49.53 59.30
CA ALA A 17 3.56 48.68 58.18
C ALA A 17 4.09 49.18 56.83
N LEU A 18 4.53 50.43 56.81
CA LEU A 18 5.10 51.08 55.62
C LEU A 18 6.64 51.21 55.68
N GLU A 19 7.28 50.19 56.25
CA GLU A 19 8.74 50.14 56.40
C GLU A 19 9.42 49.79 55.07
N GLY A 20 10.16 50.75 54.52
CA GLY A 20 10.86 50.59 53.24
C GLY A 20 9.98 50.74 52.01
N ALA A 21 8.77 51.26 52.20
CA ALA A 21 7.80 51.44 51.14
C ALA A 21 7.76 52.86 50.62
N VAL A 22 7.54 53.00 49.31
CA VAL A 22 7.24 54.29 48.69
C VAL A 22 5.73 54.38 48.53
N SER A 23 5.15 55.51 48.92
CA SER A 23 3.70 55.69 48.90
C SER A 23 3.30 57.01 48.27
N GLY A 24 2.52 56.94 47.21
CA GLY A 24 1.95 58.13 46.59
C GLY A 24 0.55 58.38 47.14
N VAL A 25 0.37 59.54 47.76
CA VAL A 25 -0.92 59.92 48.38
C VAL A 25 -1.29 61.32 47.92
N VAL A 26 -2.41 61.43 47.22
CA VAL A 26 -2.87 62.71 46.66
C VAL A 26 -4.37 62.87 46.92
N VAL A 27 -4.75 64.05 47.43
CA VAL A 27 -6.17 64.34 47.69
C VAL A 27 -6.54 65.70 47.11
N VAL A 28 -7.69 65.75 46.45
CA VAL A 28 -8.10 66.93 45.69
C VAL A 28 -9.61 67.16 45.84
N ASP A 29 -10.02 68.43 45.90
CA ASP A 29 -11.44 68.78 45.86
C ASP A 29 -11.91 68.94 44.42
N THR A 30 -13.03 68.29 44.09
CA THR A 30 -13.56 68.22 42.72
C THR A 30 -14.31 69.48 42.23
N ALA A 31 -14.83 70.28 43.15
CA ALA A 31 -15.60 71.49 42.80
C ALA A 31 -14.72 72.71 42.54
N THR A 32 -13.59 72.79 43.26
CA THR A 32 -12.67 73.92 43.15
C THR A 32 -11.44 73.55 42.34
N GLY A 33 -10.83 72.42 42.70
CA GLY A 33 -9.56 71.99 42.10
C GLY A 33 -8.43 72.11 43.10
N GLU A 34 -8.80 72.41 44.34
CA GLU A 34 -7.84 72.57 45.44
C GLU A 34 -7.19 71.25 45.82
N GLU A 35 -5.86 71.22 45.74
CA GLU A 35 -5.06 70.09 46.17
C GLU A 35 -4.90 70.16 47.69
N LEU A 36 -5.68 69.33 48.40
CA LEU A 36 -5.69 69.34 49.86
C LEU A 36 -4.50 68.60 50.47
N TYR A 37 -3.88 67.70 49.70
CA TYR A 37 -2.70 66.93 50.15
C TYR A 37 -1.98 66.31 48.95
N SER A 38 -0.65 66.25 49.05
CA SER A 38 0.20 65.67 47.99
C SER A 38 1.51 65.14 48.56
N ARG A 39 1.72 63.84 48.43
CA ARG A 39 2.99 63.20 48.80
C ARG A 39 3.42 62.23 47.71
N ASP A 40 4.57 62.52 47.10
CA ASP A 40 5.15 61.72 46.01
C ASP A 40 4.16 61.50 44.86
N GLY A 41 3.44 62.57 44.52
CA GLY A 41 2.35 62.52 43.55
C GLY A 41 2.73 62.24 42.11
N GLY A 42 3.98 62.53 41.75
CA GLY A 42 4.45 62.35 40.38
C GLY A 42 5.43 61.20 40.24
N GLU A 43 5.54 60.40 41.30
CA GLU A 43 6.39 59.22 41.33
C GLU A 43 5.71 58.03 40.63
N GLN A 44 6.47 57.27 39.85
CA GLN A 44 5.93 56.13 39.11
C GLN A 44 5.94 54.83 39.92
N LEU A 45 4.77 54.23 40.08
CA LEU A 45 4.59 53.03 40.90
C LEU A 45 3.73 51.98 40.18
N LEU A 46 3.76 50.73 40.66
CA LEU A 46 2.86 49.69 40.14
C LEU A 46 1.48 49.81 40.80
N PRO A 47 0.40 49.62 40.01
CA PRO A 47 -0.97 49.83 40.48
C PRO A 47 -1.83 48.60 40.88
N ALA A 48 -1.38 47.38 40.59
CA ALA A 48 -2.25 46.20 40.60
C ALA A 48 -3.60 46.52 39.93
N SER A 49 -4.72 46.10 40.52
CA SER A 49 -6.05 46.32 39.92
C SER A 49 -6.56 47.77 39.80
N ASN A 50 -5.85 48.76 40.33
CA ASN A 50 -6.23 50.16 40.06
C ASN A 50 -6.08 50.55 38.59
N MET A 51 -5.41 49.67 37.84
CA MET A 51 -5.25 49.78 36.39
C MET A 51 -6.58 49.51 35.67
N LYS A 52 -7.54 48.95 36.39
CA LYS A 52 -8.86 48.69 35.85
C LYS A 52 -9.67 49.97 35.69
N LEU A 53 -9.35 50.98 36.51
CA LEU A 53 -9.96 52.31 36.38
C LEU A 53 -9.77 52.86 34.96
N PHE A 54 -8.51 52.87 34.51
CA PHE A 54 -8.12 53.36 33.18
C PHE A 54 -8.81 52.61 32.06
N THR A 55 -8.75 51.27 32.14
CA THR A 55 -9.40 50.35 31.20
C THR A 55 -10.88 50.65 31.07
N ALA A 56 -11.59 50.68 32.21
CA ALA A 56 -13.05 50.84 32.28
C ALA A 56 -13.56 52.15 31.72
N ALA A 57 -12.79 53.22 31.88
CA ALA A 57 -13.14 54.51 31.28
C ALA A 57 -12.97 54.48 29.75
N ALA A 58 -11.88 53.85 29.29
CA ALA A 58 -11.63 53.67 27.86
C ALA A 58 -12.66 52.74 27.19
N ALA A 59 -13.13 51.72 27.90
CA ALA A 59 -14.16 50.84 27.33
C ALA A 59 -15.49 51.56 27.14
N LEU A 60 -15.75 52.58 27.96
CA LEU A 60 -16.99 53.36 27.89
C LEU A 60 -16.92 54.48 26.85
N GLU A 61 -15.73 55.07 26.67
CA GLU A 61 -15.49 56.05 25.59
C GLU A 61 -15.49 55.43 24.19
N VAL A 62 -14.92 54.25 24.05
CA VAL A 62 -14.73 53.61 22.74
C VAL A 62 -15.97 52.81 22.32
N LEU A 63 -16.42 51.94 23.23
CA LEU A 63 -17.53 51.02 22.94
C LEU A 63 -18.90 51.60 23.29
N GLY A 64 -18.93 52.55 24.23
CA GLY A 64 -20.18 53.15 24.70
C GLY A 64 -20.89 52.28 25.73
N ALA A 65 -21.73 52.90 26.55
CA ALA A 65 -22.42 52.18 27.64
C ALA A 65 -23.59 51.33 27.13
N ASP A 66 -23.97 51.55 25.87
CA ASP A 66 -25.04 50.82 25.17
C ASP A 66 -24.58 49.51 24.50
N HIS A 67 -23.28 49.23 24.55
CA HIS A 67 -22.67 48.14 23.78
C HIS A 67 -22.99 46.76 24.33
N SER A 68 -23.31 45.81 23.45
CA SER A 68 -23.47 44.41 23.83
C SER A 68 -22.63 43.46 22.95
N PHE A 69 -22.55 42.18 23.34
CA PHE A 69 -21.69 41.22 22.65
C PHE A 69 -22.50 40.01 22.14
N GLY A 70 -22.18 39.54 20.93
CA GLY A 70 -22.92 38.45 20.30
C GLY A 70 -22.18 37.13 20.16
N THR A 71 -22.95 36.06 19.94
CA THR A 71 -22.45 34.66 19.80
C THR A 71 -23.41 33.93 18.82
N GLU A 72 -22.88 33.09 17.93
CA GLU A 72 -23.69 32.48 16.85
C GLU A 72 -23.37 31.02 16.55
N VAL A 73 -24.36 30.32 15.99
CA VAL A 73 -24.14 28.98 15.46
C VAL A 73 -24.41 29.00 13.94
N ALA A 74 -23.46 28.49 13.16
CA ALA A 74 -23.51 28.60 11.71
C ALA A 74 -23.24 27.29 10.97
N ALA A 75 -23.99 27.08 9.89
CA ALA A 75 -23.79 25.94 9.00
C ALA A 75 -23.69 26.49 7.57
N GLU A 76 -23.24 25.66 6.63
CA GLU A 76 -23.06 26.12 5.25
C GLU A 76 -24.39 26.43 4.55
N SER A 77 -25.39 25.59 4.78
CA SER A 77 -26.73 25.85 4.31
C SER A 77 -27.70 25.39 5.39
N ALA A 78 -29.00 25.68 5.19
CA ALA A 78 -30.06 25.24 6.09
C ALA A 78 -30.19 23.71 6.10
N PRO A 79 -30.97 23.15 7.06
CA PRO A 79 -31.13 21.70 7.06
C PRO A 79 -32.25 21.25 6.13
N GLY A 80 -32.22 19.99 5.71
CA GLY A 80 -33.12 19.51 4.66
C GLY A 80 -34.48 19.01 5.10
N ARG A 81 -35.01 18.07 4.32
CA ARG A 81 -36.25 17.38 4.65
C ARG A 81 -35.93 16.31 5.69
N ARG A 82 -34.72 15.75 5.58
CA ARG A 82 -34.21 14.75 6.53
C ARG A 82 -33.68 15.44 7.79
N GLY A 83 -33.43 16.75 7.66
CA GLY A 83 -32.91 17.56 8.76
C GLY A 83 -31.45 17.30 9.04
N GLU A 84 -30.63 17.29 7.98
CA GLU A 84 -29.19 17.02 8.11
C GLU A 84 -28.33 18.23 7.74
N VAL A 85 -27.32 18.49 8.55
CA VAL A 85 -26.29 19.46 8.22
C VAL A 85 -24.95 18.72 8.23
N GLN A 86 -23.89 19.39 7.75
CA GLN A 86 -22.55 18.79 7.82
C GLN A 86 -21.78 19.25 9.05
N ASP A 87 -20.78 20.11 8.83
CA ASP A 87 -20.06 20.72 9.93
C ASP A 87 -20.90 21.87 10.52
N LEU A 88 -20.79 22.06 11.84
CA LEU A 88 -21.35 23.23 12.56
C LEU A 88 -20.27 24.10 13.19
N TYR A 89 -20.52 25.39 13.27
CA TYR A 89 -19.60 26.31 13.93
C TYR A 89 -20.30 27.09 15.03
N LEU A 90 -19.74 27.02 16.25
CA LEU A 90 -20.08 27.94 17.34
C LEU A 90 -19.06 29.08 17.35
N VAL A 91 -19.52 30.32 17.16
CA VAL A 91 -18.66 31.48 16.90
C VAL A 91 -18.81 32.58 17.97
N GLY A 92 -17.74 32.85 18.73
CA GLY A 92 -17.79 33.87 19.79
C GLY A 92 -17.18 35.22 19.44
N ARG A 93 -17.76 36.29 19.99
CA ARG A 93 -17.29 37.65 19.68
C ARG A 93 -17.05 38.52 20.91
N GLY A 94 -16.40 37.97 21.92
CA GLY A 94 -15.89 38.75 23.04
C GLY A 94 -16.83 38.92 24.23
N ASP A 95 -17.88 38.10 24.29
CA ASP A 95 -18.81 38.10 25.42
C ASP A 95 -18.13 37.56 26.70
N PRO A 96 -18.03 38.43 27.74
CA PRO A 96 -17.42 38.02 29.01
C PRO A 96 -18.40 37.40 30.00
N THR A 97 -19.64 37.13 29.57
CA THR A 97 -20.71 36.65 30.46
C THR A 97 -21.57 35.50 29.88
N LEU A 98 -20.99 34.66 29.03
CA LEU A 98 -21.70 33.53 28.40
C LEU A 98 -21.77 32.33 29.34
N SER A 99 -22.96 32.00 29.81
CA SER A 99 -23.16 30.88 30.75
C SER A 99 -23.44 29.52 30.04
N ALA A 100 -23.47 28.45 30.83
CA ALA A 100 -23.84 27.13 30.32
C ALA A 100 -25.32 27.08 29.94
N GLU A 101 -26.13 27.89 30.61
CA GLU A 101 -27.54 28.01 30.31
C GLU A 101 -27.72 28.64 28.93
N ASP A 102 -26.95 29.70 28.67
CA ASP A 102 -26.94 30.40 27.38
C ASP A 102 -26.61 29.49 26.19
N LEU A 103 -25.70 28.53 26.41
CA LEU A 103 -25.38 27.49 25.43
C LEU A 103 -26.54 26.52 25.23
N ASP A 104 -27.22 26.16 26.34
CA ASP A 104 -28.36 25.24 26.28
C ASP A 104 -29.53 25.79 25.43
N ALA A 105 -29.77 27.09 25.54
CA ALA A 105 -30.84 27.78 24.83
C ALA A 105 -30.53 28.00 23.35
N MET A 106 -29.25 27.97 22.98
CA MET A 106 -28.85 28.06 21.59
C MET A 106 -28.96 26.69 20.94
N ALA A 107 -28.76 25.66 21.75
CA ALA A 107 -28.91 24.27 21.32
C ALA A 107 -30.39 23.86 21.15
N ALA A 108 -31.30 24.66 21.69
CA ALA A 108 -32.73 24.44 21.52
C ALA A 108 -33.19 25.10 20.23
N GLU A 109 -32.68 26.31 19.98
CA GLU A 109 -32.85 27.03 18.71
C GLU A 109 -32.35 26.25 17.49
N VAL A 110 -31.20 25.58 17.64
CA VAL A 110 -30.65 24.74 16.58
C VAL A 110 -31.61 23.58 16.23
N ALA A 111 -32.17 22.94 17.25
CA ALA A 111 -33.15 21.86 17.06
C ALA A 111 -34.50 22.38 16.55
N ALA A 112 -34.89 23.57 17.04
CA ALA A 112 -36.10 24.26 16.58
C ALA A 112 -36.04 24.66 15.10
N SER A 113 -34.84 24.89 14.57
CA SER A 113 -34.68 25.31 13.18
C SER A 113 -34.71 24.14 12.20
N GLY A 114 -34.80 22.92 12.72
CA GLY A 114 -34.98 21.75 11.88
C GLY A 114 -33.83 20.77 11.81
N VAL A 115 -32.80 20.98 12.62
CA VAL A 115 -31.65 20.06 12.68
C VAL A 115 -31.97 18.90 13.63
N ARG A 116 -31.60 17.68 13.24
CA ARG A 116 -31.66 16.52 14.13
C ARG A 116 -30.43 15.60 14.00
N THR A 117 -29.60 15.86 12.99
CA THR A 117 -28.29 15.22 12.87
C THR A 117 -27.23 16.22 12.38
N VAL A 118 -26.22 16.47 13.22
CA VAL A 118 -24.97 17.10 12.76
C VAL A 118 -24.13 15.95 12.17
N ARG A 119 -23.98 15.96 10.86
CA ARG A 119 -23.36 14.87 10.12
C ARG A 119 -21.83 14.91 10.20
N GLY A 120 -21.26 16.12 10.27
CA GLY A 120 -19.81 16.29 10.31
C GLY A 120 -19.27 16.55 11.70
N ASP A 121 -18.26 17.42 11.77
CA ASP A 121 -17.60 17.80 13.02
C ASP A 121 -18.17 19.12 13.56
N LEU A 122 -18.07 19.35 14.87
CA LEU A 122 -18.42 20.64 15.49
C LEU A 122 -17.17 21.47 15.83
N TYR A 123 -17.11 22.71 15.37
CA TYR A 123 -15.94 23.56 15.58
C TYR A 123 -16.26 24.78 16.43
N ALA A 124 -15.27 25.15 17.24
CA ALA A 124 -15.33 26.33 18.08
C ALA A 124 -14.46 27.41 17.45
N ASP A 125 -15.04 28.59 17.25
CA ASP A 125 -14.39 29.66 16.51
C ASP A 125 -14.19 30.89 17.40
N ASP A 126 -12.94 31.11 17.81
CA ASP A 126 -12.57 32.27 18.63
C ASP A 126 -11.63 33.22 17.88
N THR A 127 -11.79 33.28 16.56
CA THR A 127 -10.85 34.00 15.69
C THR A 127 -11.12 35.53 15.61
N TRP A 128 -12.08 36.02 16.40
CA TRP A 128 -12.38 37.46 16.53
C TRP A 128 -11.27 38.17 17.33
N PHE A 129 -10.56 37.41 18.18
CA PHE A 129 -9.33 37.86 18.82
C PHE A 129 -8.19 36.94 18.35
N ASP A 130 -6.95 37.40 18.52
CA ASP A 130 -5.75 36.57 18.35
C ASP A 130 -5.68 35.40 19.36
N SER A 131 -4.77 34.45 19.14
CA SER A 131 -4.65 33.32 20.04
C SER A 131 -3.48 33.41 21.02
N GLU A 132 -3.14 34.64 21.43
CA GLU A 132 -2.19 34.90 22.51
C GLU A 132 -2.96 34.87 23.83
N ARG A 133 -2.75 33.81 24.60
CA ARG A 133 -3.61 33.50 25.76
C ARG A 133 -3.30 34.24 27.04
N LEU A 134 -2.01 34.54 27.26
CA LEU A 134 -1.50 35.19 28.48
C LEU A 134 -0.57 36.32 28.06
N VAL A 135 -0.33 37.28 28.97
CA VAL A 135 0.61 38.38 28.71
C VAL A 135 2.07 37.94 28.93
N ASP A 136 2.99 38.57 28.20
CA ASP A 136 4.42 38.17 28.23
C ASP A 136 4.97 37.88 29.64
N ASP A 137 4.93 38.89 30.50
CA ASP A 137 5.58 38.84 31.81
C ASP A 137 4.74 38.34 32.99
N TRP A 138 3.56 37.78 32.73
CA TRP A 138 2.80 37.07 33.78
C TRP A 138 3.59 35.82 34.19
N TRP A 139 3.40 35.37 35.43
CA TRP A 139 4.21 34.29 36.01
C TRP A 139 3.59 32.90 35.80
N PRO A 140 4.36 31.95 35.22
CA PRO A 140 3.85 30.59 34.93
C PRO A 140 3.24 29.85 36.13
N GLU A 141 3.75 30.11 37.33
CA GLU A 141 3.29 29.42 38.55
C GLU A 141 1.90 29.86 39.07
N ASP A 142 1.37 30.95 38.53
CA ASP A 142 0.03 31.48 38.83
C ASP A 142 -1.09 30.96 37.92
N GLU A 143 -0.73 30.27 36.85
CA GLU A 143 -1.65 29.84 35.79
C GLU A 143 -2.84 28.92 36.15
N PRO A 144 -2.76 28.14 37.27
CA PRO A 144 -3.94 27.38 37.76
C PRO A 144 -5.13 28.18 38.32
N TYR A 145 -4.93 29.45 38.66
CA TYR A 145 -5.94 30.25 39.39
C TYR A 145 -6.80 31.17 38.48
N ALA A 146 -8.06 31.34 38.86
CA ALA A 146 -9.06 32.07 38.04
C ALA A 146 -8.65 33.46 37.52
N TYR A 147 -7.83 34.19 38.28
CA TYR A 147 -7.37 35.51 37.85
C TYR A 147 -6.31 35.45 36.72
N SER A 148 -5.73 34.25 36.51
CA SER A 148 -4.76 34.02 35.43
C SER A 148 -5.32 33.12 34.31
N ALA A 149 -6.64 33.13 34.17
CA ALA A 149 -7.32 32.40 33.11
C ALA A 149 -6.88 32.90 31.73
N GLN A 150 -6.79 31.96 30.78
CA GLN A 150 -6.40 32.26 29.40
C GLN A 150 -7.45 33.08 28.68
N ILE A 151 -7.00 33.96 27.78
CA ILE A 151 -7.87 34.91 27.08
C ILE A 151 -8.32 34.39 25.71
N SER A 152 -9.64 34.40 25.50
CA SER A 152 -10.25 33.94 24.24
C SER A 152 -11.53 34.70 23.92
N ALA A 153 -11.96 34.60 22.66
CA ALA A 153 -13.20 35.24 22.22
C ALA A 153 -14.39 34.35 22.50
N LEU A 154 -14.16 33.04 22.53
CA LEU A 154 -15.18 32.07 22.92
C LEU A 154 -14.81 31.48 24.28
N THR A 155 -15.47 31.96 25.33
CA THR A 155 -15.17 31.54 26.69
C THR A 155 -16.46 31.36 27.48
N VAL A 156 -16.53 30.34 28.33
CA VAL A 156 -17.72 30.11 29.17
C VAL A 156 -17.53 30.66 30.59
N ALA A 157 -18.47 31.50 31.04
CA ALA A 157 -18.39 32.15 32.36
C ALA A 157 -19.16 31.41 33.48
N HIS A 158 -18.44 31.09 34.57
CA HIS A 158 -19.03 30.39 35.71
C HIS A 158 -19.70 31.33 36.72
N GLY A 159 -20.89 30.92 37.18
CA GLY A 159 -21.58 31.58 38.28
C GLY A 159 -22.04 33.00 38.01
N GLU A 160 -22.64 33.61 39.03
CA GLU A 160 -23.21 34.97 38.97
C GLU A 160 -22.15 36.09 38.98
N ARG A 161 -20.90 35.72 39.23
CA ARG A 161 -19.76 36.65 39.21
C ARG A 161 -18.99 36.58 37.89
N PHE A 162 -19.30 35.57 37.10
CA PHE A 162 -18.86 35.48 35.70
C PHE A 162 -17.35 35.29 35.53
N ASP A 163 -16.79 34.34 36.26
CA ASP A 163 -15.36 34.02 36.16
C ASP A 163 -15.10 33.15 34.92
N THR A 164 -14.36 33.70 33.95
CA THR A 164 -14.16 33.07 32.64
C THR A 164 -13.02 32.03 32.59
N GLY A 165 -13.15 31.05 31.70
CA GLY A 165 -12.08 30.10 31.39
C GLY A 165 -11.68 29.17 32.51
N VAL A 166 -12.62 28.88 33.42
CA VAL A 166 -12.36 28.04 34.59
C VAL A 166 -13.40 26.94 34.76
N THR A 167 -13.10 26.03 35.69
CA THR A 167 -14.02 24.98 36.06
C THR A 167 -13.99 24.85 37.60
N GLU A 168 -15.14 24.55 38.21
CA GLU A 168 -15.21 24.34 39.65
C GLU A 168 -14.97 22.88 40.02
N VAL A 169 -13.91 22.68 40.81
CA VAL A 169 -13.50 21.36 41.30
C VAL A 169 -14.03 21.17 42.72
N SER A 170 -14.59 19.97 42.98
CA SER A 170 -15.16 19.63 44.29
C SER A 170 -14.57 18.34 44.84
N VAL A 171 -14.12 18.39 46.09
CA VAL A 171 -13.57 17.21 46.76
C VAL A 171 -14.38 16.85 48.02
N THR A 172 -14.89 15.63 48.03
CA THR A 172 -15.77 15.07 49.07
C THR A 172 -15.05 13.89 49.73
N PRO A 173 -15.07 13.80 51.09
CA PRO A 173 -14.44 12.67 51.75
C PRO A 173 -15.31 11.41 51.76
N ALA A 174 -14.68 10.25 51.85
CA ALA A 174 -15.38 8.98 51.99
C ALA A 174 -15.13 8.39 53.39
N ALA A 175 -14.91 7.08 53.47
CA ALA A 175 -14.49 6.43 54.72
C ALA A 175 -12.97 6.48 54.86
N GLU A 176 -12.48 6.62 56.10
CA GLU A 176 -11.06 6.66 56.38
C GLU A 176 -10.38 5.50 55.66
N GLY A 177 -9.41 5.81 54.80
CA GLY A 177 -8.64 4.81 54.05
C GLY A 177 -8.99 4.70 52.58
N GLU A 178 -10.19 5.15 52.22
CA GLU A 178 -10.67 5.15 50.85
C GLU A 178 -10.30 6.45 50.15
N PRO A 179 -10.01 6.40 48.83
CA PRO A 179 -9.72 7.63 48.09
C PRO A 179 -10.90 8.61 48.08
N ALA A 180 -10.58 9.91 48.05
CA ALA A 180 -11.59 10.96 48.05
C ALA A 180 -12.24 11.08 46.68
N ASP A 181 -13.47 11.60 46.67
CA ASP A 181 -14.23 11.81 45.45
C ASP A 181 -13.94 13.19 44.86
N VAL A 182 -13.37 13.22 43.66
CA VAL A 182 -13.11 14.47 42.93
C VAL A 182 -14.09 14.62 41.76
N ASP A 183 -14.73 15.80 41.68
CA ASP A 183 -15.59 16.22 40.58
C ASP A 183 -14.86 17.31 39.82
N LEU A 184 -14.82 17.21 38.49
CA LEU A 184 -14.12 18.21 37.67
C LEU A 184 -15.01 19.38 37.21
N GLY A 185 -16.30 19.31 37.51
CA GLY A 185 -17.24 20.36 37.13
C GLY A 185 -17.56 20.31 35.65
N ALA A 186 -17.63 21.50 35.03
CA ALA A 186 -17.86 21.63 33.59
C ALA A 186 -16.82 20.88 32.73
N ALA A 187 -15.57 20.84 33.20
CA ALA A 187 -14.46 20.24 32.48
C ALA A 187 -14.41 18.71 32.54
N GLU A 188 -15.46 18.09 33.08
CA GLU A 188 -15.61 16.63 33.06
C GLU A 188 -15.63 16.11 31.63
N GLY A 189 -14.69 15.22 31.31
CA GLY A 189 -14.58 14.68 29.95
C GLY A 189 -13.77 15.54 29.00
N TYR A 190 -13.30 16.69 29.48
CA TYR A 190 -12.40 17.56 28.74
C TYR A 190 -10.99 17.54 29.35
N ALA A 191 -10.84 18.16 30.53
CA ALA A 191 -9.61 18.09 31.32
C ALA A 191 -9.34 16.65 31.76
N GLU A 192 -8.08 16.36 32.09
CA GLU A 192 -7.71 15.03 32.62
C GLU A 192 -7.67 15.02 34.16
N LEU A 193 -7.94 13.86 34.75
CA LEU A 193 -7.90 13.72 36.20
C LEU A 193 -6.73 12.88 36.73
N ASP A 194 -6.00 13.43 37.69
CA ASP A 194 -4.95 12.70 38.40
C ASP A 194 -5.20 12.67 39.91
N ASN A 195 -6.05 11.73 40.34
CA ASN A 195 -6.49 11.66 41.74
C ASN A 195 -5.61 10.77 42.61
N ARG A 196 -4.86 11.42 43.50
CA ARG A 196 -3.93 10.71 44.38
C ARG A 196 -4.31 10.92 45.83
N ALA A 197 -5.39 11.67 46.04
CA ALA A 197 -5.90 12.03 47.36
C ALA A 197 -6.61 10.87 48.07
N VAL A 198 -6.44 10.82 49.39
CA VAL A 198 -6.98 9.77 50.26
C VAL A 198 -7.90 10.41 51.31
N THR A 199 -8.74 9.59 51.96
CA THR A 199 -9.52 10.04 53.13
C THR A 199 -8.78 9.68 54.41
N GLY A 200 -8.62 10.65 55.30
CA GLY A 200 -7.97 10.43 56.59
C GLY A 200 -8.96 10.26 57.72
N ALA A 201 -8.44 9.91 58.90
CA ALA A 201 -9.26 9.75 60.10
C ALA A 201 -10.02 11.03 60.47
N ALA A 202 -11.14 10.87 61.17
CA ALA A 202 -11.90 12.01 61.69
C ALA A 202 -11.05 12.85 62.66
N GLY A 203 -10.98 14.15 62.43
CA GLY A 203 -10.14 15.04 63.24
C GLY A 203 -8.66 15.09 62.86
N SER A 204 -8.27 14.37 61.81
CA SER A 204 -6.90 14.48 61.29
C SER A 204 -6.73 15.79 60.52
N ALA A 205 -5.51 16.04 60.02
CA ALA A 205 -5.18 17.32 59.38
C ALA A 205 -5.50 17.35 57.88
N ASN A 206 -6.18 18.41 57.44
CA ASN A 206 -6.44 18.70 56.03
C ASN A 206 -5.14 19.10 55.32
N THR A 207 -4.69 18.27 54.38
CA THR A 207 -3.45 18.54 53.63
C THR A 207 -3.65 18.52 52.11
N LEU A 208 -4.86 18.88 51.68
CA LEU A 208 -5.27 18.76 50.28
C LEU A 208 -4.75 19.91 49.40
N VAL A 209 -4.08 19.54 48.31
CA VAL A 209 -3.60 20.47 47.28
C VAL A 209 -4.26 20.15 45.94
N ILE A 210 -4.70 21.18 45.22
CA ILE A 210 -5.27 21.05 43.87
C ILE A 210 -4.43 21.85 42.85
N ASP A 211 -3.90 21.16 41.85
CA ASP A 211 -2.98 21.78 40.89
C ASP A 211 -3.44 21.60 39.44
N ARG A 212 -3.01 22.50 38.56
CA ARG A 212 -2.87 22.22 37.12
C ARG A 212 -1.42 22.46 36.73
N PRO A 213 -0.62 21.37 36.60
CA PRO A 213 0.80 21.46 36.27
C PRO A 213 1.03 22.18 34.93
N VAL A 214 2.06 23.02 34.87
CA VAL A 214 2.25 23.96 33.75
C VAL A 214 2.45 23.28 32.40
N GLY A 215 1.62 23.63 31.42
CA GLY A 215 1.71 23.02 30.11
C GLY A 215 0.98 21.67 29.99
N THR A 216 0.07 21.41 30.92
CA THR A 216 -0.84 20.25 30.84
C THR A 216 -2.32 20.67 30.90
N ASN A 217 -3.21 19.72 30.62
CA ASN A 217 -4.63 19.97 30.82
C ASN A 217 -5.18 18.93 31.80
N THR A 218 -4.52 18.89 32.95
CA THR A 218 -4.76 17.91 34.01
C THR A 218 -4.97 18.59 35.36
N ILE A 219 -6.03 18.21 36.06
CA ILE A 219 -6.18 18.58 37.48
C ILE A 219 -5.52 17.51 38.33
N ALA A 220 -4.46 17.88 39.04
CA ALA A 220 -3.73 16.96 39.89
C ALA A 220 -4.01 17.23 41.37
N VAL A 221 -4.60 16.26 42.06
CA VAL A 221 -4.99 16.39 43.46
C VAL A 221 -4.16 15.44 44.33
N THR A 222 -3.58 15.97 45.42
CA THR A 222 -2.80 15.18 46.39
C THR A 222 -3.20 15.50 47.85
N GLY A 223 -2.78 14.66 48.79
CA GLY A 223 -3.04 14.88 50.23
C GLY A 223 -4.15 14.06 50.88
N SER A 224 -4.49 14.39 52.14
CA SER A 224 -5.60 13.78 52.89
C SER A 224 -6.76 14.75 53.16
N LEU A 225 -7.99 14.24 53.05
CA LEU A 225 -9.18 14.95 53.54
C LEU A 225 -9.82 14.19 54.71
N PRO A 226 -9.85 14.79 55.91
CA PRO A 226 -10.43 14.13 57.08
C PRO A 226 -11.91 13.71 56.88
N ALA A 227 -12.27 12.53 57.38
CA ALA A 227 -13.61 11.96 57.21
C ALA A 227 -14.75 12.87 57.69
N ASP A 228 -14.45 13.76 58.61
CA ASP A 228 -15.50 14.61 59.19
C ASP A 228 -15.51 16.04 58.67
N ALA A 229 -14.77 16.28 57.58
CA ALA A 229 -14.62 17.63 57.04
C ALA A 229 -15.73 18.03 56.07
N ALA A 230 -16.10 19.30 56.10
CA ALA A 230 -16.97 19.87 55.09
C ALA A 230 -16.24 19.77 53.74
N PRO A 231 -16.93 19.27 52.70
CA PRO A 231 -16.37 19.15 51.34
C PRO A 231 -15.78 20.46 50.81
N VAL A 232 -14.78 20.34 49.94
CA VAL A 232 -13.98 21.47 49.47
C VAL A 232 -14.27 21.81 47.99
N THR A 233 -14.42 23.10 47.67
CA THR A 233 -14.49 23.57 46.28
C THR A 233 -13.36 24.55 45.93
N ALA A 234 -12.97 24.56 44.65
CA ALA A 234 -11.89 25.40 44.15
C ALA A 234 -12.08 25.65 42.66
N LEU A 235 -12.03 26.93 42.25
CA LEU A 235 -11.98 27.28 40.83
C LEU A 235 -10.60 27.03 40.25
N ARG A 236 -10.53 26.32 39.13
CA ARG A 236 -9.28 26.07 38.43
C ARG A 236 -9.44 26.35 36.94
N THR A 237 -8.43 26.94 36.33
CA THR A 237 -8.46 27.27 34.90
C THR A 237 -8.23 26.03 34.06
N VAL A 238 -8.58 26.11 32.78
CA VAL A 238 -8.30 25.06 31.79
C VAL A 238 -7.47 25.58 30.59
N ASP A 239 -6.90 24.65 29.82
CA ASP A 239 -6.20 24.95 28.57
C ASP A 239 -7.24 25.09 27.46
N GLU A 240 -7.09 26.12 26.64
CA GLU A 240 -8.03 26.45 25.55
C GLU A 240 -9.49 26.56 26.03
N PRO A 241 -9.88 27.75 26.53
CA PRO A 241 -11.26 28.00 26.97
C PRO A 241 -12.32 27.69 25.90
N ALA A 242 -11.96 27.87 24.63
CA ALA A 242 -12.87 27.71 23.50
C ALA A 242 -13.18 26.25 23.19
N ALA A 243 -12.21 25.37 23.41
CA ALA A 243 -12.40 23.94 23.20
C ALA A 243 -13.32 23.34 24.26
N LEU A 244 -13.31 23.93 25.46
CA LEU A 244 -14.24 23.55 26.53
C LEU A 244 -15.65 24.03 26.17
N ALA A 245 -15.77 25.30 25.78
CA ALA A 245 -17.03 25.86 25.28
C ALA A 245 -17.62 25.00 24.15
N GLY A 246 -16.74 24.45 23.32
CA GLY A 246 -17.12 23.48 22.28
C GLY A 246 -17.68 22.22 22.90
N HIS A 247 -16.88 21.58 23.77
CA HIS A 247 -17.29 20.36 24.49
C HIS A 247 -18.63 20.54 25.24
N LEU A 248 -18.80 21.69 25.88
CA LEU A 248 -20.02 22.01 26.63
C LEU A 248 -21.22 22.24 25.70
N PHE A 249 -20.95 22.61 24.44
CA PHE A 249 -22.01 22.88 23.47
C PHE A 249 -22.56 21.67 22.74
N GLU A 250 -21.75 20.63 22.54
CA GLU A 250 -22.29 19.40 21.97
C GLU A 250 -23.10 18.60 23.00
N GLU A 251 -22.71 18.67 24.27
CA GLU A 251 -23.50 18.12 25.36
C GLU A 251 -24.90 18.73 25.36
N ALA A 252 -24.95 20.06 25.20
CA ALA A 252 -26.22 20.79 25.09
C ALA A 252 -27.01 20.37 23.85
N LEU A 253 -26.32 20.22 22.70
CA LEU A 253 -26.98 19.77 21.47
C LEU A 253 -27.57 18.38 21.64
N GLU A 254 -26.80 17.50 22.26
CA GLU A 254 -27.21 16.10 22.53
C GLU A 254 -28.41 16.01 23.50
N SER A 255 -28.43 16.88 24.49
CA SER A 255 -29.50 16.95 25.47
C SER A 255 -30.80 17.42 24.82
N ASN A 256 -30.68 18.01 23.64
CA ASN A 256 -31.79 18.65 22.92
C ASN A 256 -32.25 17.94 21.64
N GLY A 257 -31.88 16.67 21.49
CA GLY A 257 -32.33 15.85 20.36
C GLY A 257 -31.53 15.97 19.08
N VAL A 258 -30.48 16.79 19.10
CA VAL A 258 -29.56 16.92 17.95
C VAL A 258 -28.36 16.01 18.20
N THR A 259 -28.01 15.19 17.21
CA THR A 259 -26.93 14.19 17.34
C THR A 259 -25.68 14.64 16.61
N VAL A 260 -24.56 14.69 17.32
CA VAL A 260 -23.27 15.01 16.70
C VAL A 260 -22.50 13.70 16.46
N LYS A 261 -22.15 13.44 15.20
CA LYS A 261 -21.51 12.16 14.82
C LYS A 261 -19.99 12.26 14.67
N GLY A 262 -19.49 13.49 14.54
CA GLY A 262 -18.06 13.73 14.34
C GLY A 262 -17.33 14.12 15.61
N ASP A 263 -16.18 14.76 15.43
CA ASP A 263 -15.33 15.20 16.53
C ASP A 263 -15.56 16.67 16.88
N VAL A 264 -14.88 17.13 17.93
CA VAL A 264 -14.97 18.51 18.42
C VAL A 264 -13.56 19.12 18.46
N GLY A 265 -13.39 20.33 17.94
CA GLY A 265 -12.10 21.03 17.98
C GLY A 265 -12.16 22.51 17.66
N LEU A 266 -10.98 23.14 17.55
CA LEU A 266 -10.85 24.55 17.15
C LEU A 266 -10.82 24.68 15.63
N GLY A 267 -11.24 25.84 15.14
CA GLY A 267 -11.32 26.14 13.71
C GLY A 267 -12.28 27.27 13.43
N GLY A 268 -12.05 28.00 12.34
CA GLY A 268 -12.92 29.12 11.94
C GLY A 268 -13.68 28.85 10.66
N VAL A 269 -14.78 29.59 10.47
CA VAL A 269 -15.62 29.46 9.27
C VAL A 269 -14.77 29.57 7.98
N PRO A 270 -14.80 28.53 7.12
CA PRO A 270 -13.89 28.32 5.98
C PRO A 270 -13.64 29.48 5.01
N ALA A 271 -14.49 30.51 5.01
CA ALA A 271 -14.30 31.67 4.12
C ALA A 271 -14.68 31.43 2.64
N ASP A 272 -14.55 30.19 2.18
CA ASP A 272 -15.10 29.82 0.88
C ASP A 272 -16.61 29.58 0.96
N TRP A 273 -17.15 29.70 2.18
CA TRP A 273 -18.58 29.76 2.43
C TRP A 273 -19.11 31.13 1.99
N GLN A 274 -20.08 31.13 1.07
CA GLN A 274 -20.58 32.38 0.47
C GLN A 274 -21.79 32.97 1.20
N ASP A 275 -22.62 32.08 1.77
CA ASP A 275 -23.81 32.51 2.50
C ASP A 275 -24.08 31.52 3.63
N ALA A 276 -23.38 31.69 4.75
CA ALA A 276 -23.61 30.84 5.92
C ALA A 276 -25.00 31.05 6.49
N GLU A 277 -25.63 29.94 6.89
CA GLU A 277 -26.92 29.99 7.56
C GLU A 277 -26.70 30.07 9.08
N VAL A 278 -27.22 31.12 9.69
CA VAL A 278 -27.18 31.28 11.14
C VAL A 278 -28.41 30.57 11.75
N LEU A 279 -28.14 29.50 12.50
CA LEU A 279 -29.21 28.64 13.08
C LEU A 279 -29.59 29.02 14.52
N ALA A 280 -28.70 29.73 15.21
CA ALA A 280 -28.93 30.21 16.56
C ALA A 280 -28.03 31.40 16.89
N ASP A 281 -28.47 32.25 17.81
CA ASP A 281 -27.66 33.37 18.32
C ASP A 281 -28.08 33.84 19.73
N HIS A 282 -27.18 34.55 20.39
CA HIS A 282 -27.41 35.12 21.73
C HIS A 282 -26.79 36.52 21.81
N THR A 283 -27.38 37.38 22.64
CA THR A 283 -26.89 38.75 22.86
C THR A 283 -26.75 39.02 24.36
N SER A 284 -25.59 39.56 24.74
CA SER A 284 -25.30 39.89 26.13
C SER A 284 -26.15 41.07 26.61
N ALA A 285 -26.06 41.33 27.92
CA ALA A 285 -26.49 42.60 28.49
C ALA A 285 -25.52 43.70 28.06
N GLU A 286 -25.91 44.95 28.28
CA GLU A 286 -25.11 46.11 27.88
C GLU A 286 -23.93 46.35 28.82
N LEU A 287 -22.86 46.96 28.30
CA LEU A 287 -21.61 47.19 29.05
C LEU A 287 -21.81 47.86 30.43
N SER A 288 -22.76 48.79 30.53
CA SER A 288 -23.08 49.46 31.81
C SER A 288 -23.42 48.46 32.92
N GLU A 289 -24.28 47.48 32.59
CA GLU A 289 -24.63 46.39 33.52
C GLU A 289 -23.51 45.35 33.68
N ILE A 290 -22.65 45.21 32.68
CA ILE A 290 -21.50 44.28 32.77
C ILE A 290 -20.38 44.84 33.65
N LEU A 291 -20.29 46.18 33.73
CA LEU A 291 -19.29 46.87 34.55
C LEU A 291 -19.39 46.56 36.03
N VAL A 292 -20.58 46.16 36.46
CA VAL A 292 -20.84 45.87 37.89
C VAL A 292 -20.09 44.62 38.40
N PRO A 293 -20.39 43.42 37.87
CA PRO A 293 -19.58 42.26 38.32
C PRO A 293 -18.08 42.42 38.03
N PHE A 294 -17.76 43.06 36.92
CA PHE A 294 -16.40 43.40 36.53
C PHE A 294 -15.67 44.24 37.59
N MET A 295 -16.20 45.43 37.91
CA MET A 295 -15.52 46.34 38.85
C MET A 295 -15.71 46.01 40.36
N LYS A 296 -16.90 45.56 40.76
CA LYS A 296 -17.15 45.17 42.18
C LYS A 296 -16.26 44.04 42.71
N PHE A 297 -15.96 43.05 41.87
CA PHE A 297 -15.20 41.87 42.31
C PHE A 297 -13.79 41.81 41.72
N SER A 298 -13.49 42.74 40.83
CA SER A 298 -12.16 42.87 40.22
C SER A 298 -11.79 41.71 39.29
N ASN A 299 -12.58 41.56 38.23
CA ASN A 299 -12.37 40.51 37.23
C ASN A 299 -11.27 40.79 36.20
N ASN A 300 -10.20 39.98 36.23
CA ASN A 300 -9.05 40.11 35.31
C ASN A 300 -9.39 39.73 33.87
N GLY A 301 -10.08 38.58 33.70
CA GLY A 301 -10.58 38.14 32.40
C GLY A 301 -11.39 39.18 31.66
N HIS A 302 -12.38 39.78 32.33
CA HIS A 302 -13.20 40.86 31.75
C HIS A 302 -12.34 41.99 31.20
N ALA A 303 -11.36 42.44 31.99
CA ALA A 303 -10.50 43.55 31.60
C ALA A 303 -9.64 43.24 30.38
N GLU A 304 -9.11 42.02 30.31
CA GLU A 304 -8.28 41.64 29.15
C GLU A 304 -9.13 41.45 27.88
N MET A 305 -10.33 40.92 28.05
CA MET A 305 -11.29 40.75 26.95
C MET A 305 -11.84 42.09 26.43
N LEU A 306 -11.97 43.07 27.32
CA LEU A 306 -12.44 44.41 26.90
C LEU A 306 -11.36 45.19 26.17
N VAL A 307 -10.09 44.97 26.51
CA VAL A 307 -8.96 45.58 25.79
C VAL A 307 -8.96 45.15 24.32
N LYS A 308 -9.00 43.83 24.09
CA LYS A 308 -9.02 43.28 22.74
C LYS A 308 -10.25 43.69 21.92
N SER A 309 -11.35 44.01 22.63
CA SER A 309 -12.58 44.55 22.01
C SER A 309 -12.43 46.02 21.59
N ILE A 310 -11.51 46.74 22.26
CA ILE A 310 -11.13 48.11 21.88
C ILE A 310 -10.24 48.09 20.64
N GLY A 311 -9.39 47.06 20.53
CA GLY A 311 -8.57 46.88 19.34
C GLY A 311 -9.42 46.63 18.10
N GLN A 312 -10.50 45.87 18.24
CA GLN A 312 -11.43 45.65 17.14
C GLN A 312 -12.15 46.92 16.71
N GLU A 313 -12.74 47.64 17.66
CA GLU A 313 -13.45 48.88 17.33
C GLU A 313 -12.56 49.95 16.66
N THR A 314 -11.33 50.09 17.12
CA THR A 314 -10.45 51.16 16.63
C THR A 314 -9.62 50.76 15.39
N ALA A 315 -9.30 49.47 15.28
CA ALA A 315 -8.31 49.00 14.31
C ALA A 315 -8.67 47.71 13.56
N GLY A 316 -9.71 47.02 13.99
CA GLY A 316 -10.05 45.71 13.40
C GLY A 316 -9.15 44.57 13.82
N ALA A 317 -8.37 44.78 14.88
CA ALA A 317 -7.42 43.79 15.40
C ALA A 317 -7.72 43.45 16.86
N GLY A 318 -7.95 42.17 17.15
CA GLY A 318 -8.21 41.70 18.52
C GLY A 318 -6.94 41.27 19.22
N THR A 319 -6.19 42.27 19.69
CA THR A 319 -4.78 42.13 20.08
C THR A 319 -4.51 43.09 21.25
N TRP A 320 -3.54 42.73 22.10
CA TRP A 320 -3.09 43.62 23.19
C TRP A 320 -2.35 44.84 22.65
N ASP A 321 -1.56 44.65 21.59
CA ASP A 321 -0.79 45.75 20.97
C ASP A 321 -1.69 46.92 20.59
N ALA A 322 -2.77 46.58 19.89
CA ALA A 322 -3.72 47.54 19.32
C ALA A 322 -4.70 48.12 20.32
N GLY A 323 -5.14 47.29 21.26
CA GLY A 323 -6.09 47.72 22.29
C GLY A 323 -5.49 48.67 23.29
N LEU A 324 -4.23 48.41 23.66
CA LEU A 324 -3.48 49.26 24.58
C LEU A 324 -3.21 50.68 24.05
N VAL A 325 -3.06 50.81 22.74
CA VAL A 325 -2.98 52.12 22.07
C VAL A 325 -4.35 52.78 22.11
N GLY A 326 -5.39 51.99 21.86
CA GLY A 326 -6.78 52.46 21.94
C GLY A 326 -7.17 53.02 23.30
N VAL A 327 -6.72 52.37 24.37
CA VAL A 327 -6.87 52.85 25.76
C VAL A 327 -6.16 54.19 25.96
N GLU A 328 -4.91 54.26 25.49
CA GLU A 328 -4.09 55.46 25.59
C GLU A 328 -4.70 56.67 24.86
N GLU A 329 -5.16 56.46 23.63
CA GLU A 329 -5.82 57.51 22.83
C GLU A 329 -7.14 58.00 23.44
N ALA A 330 -7.99 57.06 23.85
CA ALA A 330 -9.27 57.39 24.47
C ALA A 330 -9.12 58.16 25.79
N LEU A 331 -8.09 57.82 26.57
CA LEU A 331 -7.76 58.55 27.80
C LEU A 331 -7.35 59.99 27.51
N SER A 332 -6.61 60.20 26.42
CA SER A 332 -6.17 61.54 25.98
C SER A 332 -7.33 62.40 25.48
N GLY A 333 -8.17 61.82 24.63
CA GLY A 333 -9.39 62.48 24.13
C GLY A 333 -10.36 62.92 25.22
N LEU A 334 -10.20 62.34 26.41
CA LEU A 334 -10.98 62.72 27.59
C LEU A 334 -10.31 63.85 28.39
N GLY A 335 -9.00 64.01 28.23
CA GLY A 335 -8.24 65.14 28.81
C GLY A 335 -7.12 64.76 29.78
N VAL A 336 -6.85 63.46 29.89
CA VAL A 336 -5.88 62.93 30.84
C VAL A 336 -4.45 63.04 30.29
N ASP A 337 -3.55 63.59 31.10
CA ASP A 337 -2.11 63.65 30.79
C ASP A 337 -1.47 62.26 31.03
N THR A 338 -1.13 61.59 29.94
CA THR A 338 -0.69 60.19 30.01
C THR A 338 0.84 60.03 29.93
N ALA A 339 1.56 61.12 30.25
CA ALA A 339 3.02 61.15 30.25
C ALA A 339 3.63 60.09 31.15
N GLY A 340 3.05 59.91 32.33
CA GLY A 340 3.57 58.98 33.34
C GLY A 340 2.96 57.58 33.32
N LEU A 341 2.15 57.28 32.31
CA LEU A 341 1.53 55.96 32.18
C LEU A 341 2.37 55.00 31.34
N VAL A 342 2.53 53.78 31.83
CA VAL A 342 3.05 52.66 31.02
C VAL A 342 2.00 51.55 31.01
N LEU A 343 1.44 51.26 29.84
CA LEU A 343 0.32 50.32 29.68
C LEU A 343 0.75 48.96 29.13
N ASN A 344 0.76 47.93 29.98
CA ASN A 344 1.11 46.56 29.53
C ASN A 344 -0.06 45.54 29.55
N ASP A 345 -1.14 45.87 30.23
CA ASP A 345 -2.38 45.09 30.17
C ASP A 345 -3.53 45.89 30.75
N GLY A 346 -4.73 45.32 30.71
CA GLY A 346 -5.95 45.97 31.20
C GLY A 346 -6.33 45.70 32.65
N SER A 347 -5.99 44.51 33.14
CA SER A 347 -6.37 44.03 34.49
C SER A 347 -5.47 44.53 35.62
N GLY A 348 -4.20 44.75 35.31
CA GLY A 348 -3.23 45.19 36.31
C GLY A 348 -2.42 44.07 36.93
N LEU A 349 -2.55 42.85 36.40
CA LEU A 349 -1.78 41.68 36.85
C LEU A 349 -0.28 41.78 36.46
N SER A 350 -0.01 42.43 35.32
CA SER A 350 1.38 42.66 34.86
C SER A 350 2.16 43.58 35.80
N ARG A 351 3.41 43.19 36.09
CA ARG A 351 4.37 44.04 36.81
C ARG A 351 5.11 44.97 35.84
N GLY A 352 4.68 44.97 34.57
CA GLY A 352 5.16 45.91 33.58
C GLY A 352 4.37 47.22 33.51
N ASN A 353 3.28 47.29 34.26
CA ASN A 353 2.42 48.48 34.34
C ASN A 353 2.98 49.53 35.31
N LEU A 354 2.85 50.81 34.96
CA LEU A 354 3.22 51.90 35.88
C LEU A 354 2.22 53.03 35.81
N VAL A 355 1.75 53.50 36.97
CA VAL A 355 0.90 54.70 37.07
C VAL A 355 1.53 55.72 38.03
N THR A 356 0.90 56.88 38.17
CA THR A 356 1.24 57.86 39.19
C THR A 356 -0.07 58.31 39.86
N ALA A 357 0.03 58.71 41.13
CA ALA A 357 -1.11 59.17 41.93
C ALA A 357 -1.76 60.45 41.40
N ASP A 358 -0.97 61.32 40.76
CA ASP A 358 -1.49 62.51 40.10
C ASP A 358 -2.28 62.14 38.85
N THR A 359 -1.90 61.03 38.20
CA THR A 359 -2.57 60.56 36.97
C THR A 359 -3.93 59.94 37.28
N VAL A 360 -4.00 59.13 38.34
CA VAL A 360 -5.25 58.50 38.77
C VAL A 360 -6.31 59.54 39.14
N VAL A 361 -5.88 60.57 39.88
CA VAL A 361 -6.77 61.67 40.28
C VAL A 361 -7.23 62.51 39.07
N ASP A 362 -6.31 62.80 38.15
CA ASP A 362 -6.67 63.41 36.86
C ASP A 362 -7.79 62.61 36.18
N LEU A 363 -7.64 61.28 36.07
CA LEU A 363 -8.69 60.40 35.53
C LEU A 363 -10.04 60.49 36.28
N LEU A 364 -9.97 60.46 37.61
CA LEU A 364 -11.17 60.51 38.46
C LEU A 364 -11.94 61.82 38.28
N GLY A 365 -11.21 62.92 38.03
CA GLY A 365 -11.82 64.21 37.74
C GLY A 365 -12.50 64.28 36.37
N GLN A 366 -11.81 63.76 35.37
CA GLN A 366 -12.34 63.72 33.99
C GLN A 366 -13.55 62.79 33.86
N ALA A 367 -13.48 61.64 34.53
CA ALA A 367 -14.58 60.68 34.50
C ALA A 367 -15.81 61.20 35.26
N GLY A 368 -15.57 62.11 36.21
CA GLY A 368 -16.64 62.79 36.97
C GLY A 368 -17.61 63.61 36.14
N SER A 369 -17.13 64.21 35.05
CA SER A 369 -17.98 65.08 34.21
C SER A 369 -18.28 64.52 32.81
N ALA A 370 -17.90 63.26 32.58
CA ALA A 370 -18.20 62.61 31.30
C ALA A 370 -19.68 62.21 31.26
N PRO A 371 -20.29 62.20 30.06
CA PRO A 371 -21.71 61.79 29.97
C PRO A 371 -22.07 60.46 30.69
N TRP A 372 -21.12 59.53 30.79
CA TRP A 372 -21.36 58.21 31.38
C TRP A 372 -20.99 58.09 32.86
N ALA A 373 -20.92 59.23 33.55
CA ALA A 373 -20.35 59.33 34.89
C ALA A 373 -21.04 58.52 35.99
N GLN A 374 -22.35 58.33 35.84
CA GLN A 374 -23.17 57.62 36.83
C GLN A 374 -23.06 56.11 36.73
N THR A 375 -22.94 55.61 35.50
CA THR A 375 -22.74 54.18 35.25
C THR A 375 -21.32 53.74 35.66
N TRP A 376 -20.38 54.69 35.61
CA TRP A 376 -18.98 54.52 36.02
C TRP A 376 -18.86 54.39 37.54
N SER A 377 -19.41 55.37 38.27
CA SER A 377 -19.30 55.37 39.73
C SER A 377 -20.18 54.33 40.42
N ALA A 378 -21.22 53.84 39.74
CA ALA A 378 -22.06 52.78 40.27
C ALA A 378 -21.32 51.43 40.35
N SER A 379 -20.38 51.21 39.44
CA SER A 379 -19.62 49.95 39.37
C SER A 379 -18.57 49.80 40.47
N LEU A 380 -18.13 50.91 41.04
CA LEU A 380 -17.11 50.92 42.09
C LEU A 380 -17.66 50.42 43.42
N PRO A 381 -16.88 49.58 44.13
CA PRO A 381 -17.22 49.11 45.48
C PRO A 381 -17.54 50.24 46.46
N VAL A 382 -18.56 50.07 47.30
CA VAL A 382 -18.91 50.99 48.40
C VAL A 382 -18.50 50.41 49.75
N ALA A 383 -17.94 51.26 50.61
CA ALA A 383 -17.38 50.83 51.89
C ALA A 383 -18.42 50.27 52.87
N GLY A 384 -18.12 49.13 53.47
CA GLY A 384 -18.90 48.54 54.57
C GLY A 384 -20.29 48.00 54.28
N GLU A 385 -20.60 47.78 53.01
CA GLU A 385 -21.89 47.28 52.59
C GLU A 385 -21.91 45.75 52.46
N SER A 386 -22.87 45.11 53.13
CA SER A 386 -22.95 43.65 53.28
C SER A 386 -23.11 42.88 51.97
N ASP A 387 -24.12 43.27 51.19
CA ASP A 387 -24.40 42.83 49.81
C ASP A 387 -23.15 42.77 48.92
N PRO A 388 -22.70 41.54 48.55
CA PRO A 388 -21.58 41.33 47.62
C PRO A 388 -21.61 42.25 46.37
N PHE A 389 -22.81 42.42 45.80
CA PHE A 389 -22.99 43.22 44.58
C PHE A 389 -23.10 44.74 44.81
N VAL A 390 -23.02 45.16 46.07
CA VAL A 390 -22.97 46.60 46.42
C VAL A 390 -21.63 46.94 47.10
N GLY A 391 -21.11 46.03 47.92
CA GLY A 391 -19.85 46.23 48.62
C GLY A 391 -18.62 45.70 47.89
N GLY A 392 -18.79 44.62 47.13
CA GLY A 392 -17.66 43.99 46.43
C GLY A 392 -16.45 43.78 47.33
N THR A 393 -15.27 44.19 46.85
CA THR A 393 -14.03 43.99 47.61
C THR A 393 -13.86 44.88 48.86
N LEU A 394 -14.81 45.78 49.09
CA LEU A 394 -14.84 46.58 50.32
C LEU A 394 -15.98 46.18 51.26
N ALA A 395 -16.50 44.97 51.10
CA ALA A 395 -17.66 44.54 51.89
C ALA A 395 -17.34 44.45 53.38
N ASN A 396 -16.15 43.94 53.70
CA ASN A 396 -15.74 43.80 55.10
C ASN A 396 -14.66 44.80 55.56
N ARG A 397 -14.70 46.00 54.99
CA ARG A 397 -13.80 47.08 55.39
C ARG A 397 -14.59 48.35 55.73
N MET A 398 -14.14 49.07 56.75
CA MET A 398 -14.72 50.38 57.17
C MET A 398 -16.18 50.37 57.71
N ARG A 399 -16.69 49.20 58.11
CA ARG A 399 -17.98 49.07 58.79
C ARG A 399 -17.96 49.78 60.14
N GLY A 400 -19.07 50.43 60.50
CA GLY A 400 -19.16 51.19 61.75
C GLY A 400 -18.32 52.46 61.79
N THR A 401 -17.75 52.85 60.64
CA THR A 401 -16.95 54.07 60.55
C THR A 401 -17.68 55.11 59.71
N ALA A 402 -17.20 56.35 59.74
CA ALA A 402 -17.82 57.47 59.01
C ALA A 402 -17.82 57.30 57.50
N ALA A 403 -17.11 56.28 57.03
CA ALA A 403 -16.96 56.00 55.61
C ALA A 403 -17.92 54.91 55.08
N GLU A 404 -18.68 54.27 55.98
CA GLU A 404 -19.58 53.18 55.62
C GLU A 404 -20.74 53.70 54.79
N GLY A 405 -20.87 53.15 53.57
CA GLY A 405 -21.93 53.55 52.63
C GLY A 405 -21.68 54.84 51.88
N VAL A 406 -20.46 55.39 51.99
CA VAL A 406 -20.12 56.70 51.43
C VAL A 406 -18.98 56.61 50.40
N VAL A 407 -17.82 56.13 50.87
CA VAL A 407 -16.61 56.03 50.05
C VAL A 407 -16.79 55.01 48.92
N GLU A 408 -16.61 55.48 47.69
CA GLU A 408 -16.65 54.64 46.47
C GLU A 408 -15.24 54.52 45.90
N ALA A 409 -14.63 53.33 45.99
CA ALA A 409 -13.25 53.20 45.57
C ALA A 409 -12.87 51.84 45.04
N LYS A 410 -11.93 51.83 44.09
CA LYS A 410 -11.33 50.60 43.57
C LYS A 410 -10.11 50.20 44.41
N THR A 411 -9.97 48.89 44.63
CA THR A 411 -8.84 48.30 45.33
C THR A 411 -7.82 47.69 44.35
N GLY A 412 -6.77 47.07 44.88
CA GLY A 412 -5.82 46.36 44.05
C GLY A 412 -4.63 45.96 44.88
N THR A 413 -4.53 44.66 45.17
CA THR A 413 -3.43 44.11 45.99
C THR A 413 -2.72 42.91 45.36
N MET A 414 -1.39 42.95 45.44
CA MET A 414 -0.49 41.92 44.95
C MET A 414 0.66 41.80 45.98
N SER A 415 1.52 40.79 45.86
CA SER A 415 2.78 40.79 46.64
C SER A 415 3.57 42.07 46.38
N GLY A 416 3.87 42.83 47.45
CA GLY A 416 4.68 44.05 47.36
C GLY A 416 4.01 45.34 46.88
N VAL A 417 2.73 45.23 46.50
CA VAL A 417 1.94 46.32 45.88
C VAL A 417 0.48 46.31 46.37
N SER A 418 -0.03 47.48 46.78
CA SER A 418 -1.43 47.67 47.18
C SER A 418 -1.89 49.12 46.97
N ALA A 419 -3.21 49.30 46.71
CA ALA A 419 -3.77 50.58 46.27
C ALA A 419 -5.26 50.75 46.58
N LEU A 420 -5.66 51.97 46.90
CA LEU A 420 -7.07 52.34 47.08
C LEU A 420 -7.30 53.75 46.54
N SER A 421 -8.23 53.88 45.59
CA SER A 421 -8.46 55.13 44.85
C SER A 421 -9.93 55.27 44.49
N GLY A 422 -10.48 56.47 44.72
CA GLY A 422 -11.89 56.71 44.42
C GLY A 422 -12.45 58.03 44.92
N TYR A 423 -13.75 58.02 45.24
CA TYR A 423 -14.49 59.23 45.65
C TYR A 423 -14.96 59.24 47.12
N VAL A 424 -14.87 60.41 47.74
CA VAL A 424 -15.53 60.65 49.03
C VAL A 424 -16.59 61.76 48.84
N PRO A 425 -17.82 61.37 48.45
CA PRO A 425 -18.85 62.38 48.24
C PRO A 425 -19.46 62.84 49.56
N GLY A 426 -19.53 64.16 49.73
CA GLY A 426 -20.10 64.75 50.94
C GLY A 426 -20.52 66.20 50.76
N PRO A 427 -21.31 66.75 51.73
CA PRO A 427 -21.78 68.15 51.71
C PRO A 427 -20.68 69.20 51.87
N GLU A 428 -19.55 68.83 52.48
CA GLU A 428 -18.39 69.73 52.60
C GLU A 428 -17.47 69.67 51.37
N GLY A 429 -18.01 69.22 50.24
CA GLY A 429 -17.26 69.13 48.97
C GLY A 429 -16.99 67.68 48.61
N GLU A 430 -17.10 67.36 47.31
CA GLU A 430 -16.82 65.99 46.83
C GLU A 430 -15.34 65.85 46.55
N LEU A 431 -14.70 64.93 47.25
CA LEU A 431 -13.26 64.73 47.18
C LEU A 431 -12.87 63.59 46.22
N ALA A 432 -11.66 63.67 45.68
CA ALA A 432 -11.07 62.59 44.90
C ALA A 432 -9.70 62.26 45.47
N PHE A 433 -9.38 60.97 45.60
CA PHE A 433 -8.12 60.53 46.22
C PHE A 433 -7.47 59.31 45.53
N SER A 434 -6.14 59.20 45.65
CA SER A 434 -5.39 58.00 45.25
C SER A 434 -4.27 57.68 46.25
N ILE A 435 -4.30 56.45 46.79
CA ILE A 435 -3.22 55.94 47.65
C ILE A 435 -2.58 54.73 46.96
N VAL A 436 -1.27 54.81 46.70
CA VAL A 436 -0.52 53.73 46.03
C VAL A 436 0.77 53.33 46.77
N ASN A 437 0.81 52.09 47.27
CA ASN A 437 1.91 51.60 48.09
C ASN A 437 2.76 50.56 47.37
N ASN A 438 4.07 50.80 47.35
CA ASN A 438 5.03 49.90 46.71
C ASN A 438 6.21 49.68 47.65
N GLY A 439 6.67 48.45 47.76
CA GLY A 439 7.93 48.15 48.45
C GLY A 439 7.84 47.65 49.87
N HIS A 440 6.62 47.58 50.40
CA HIS A 440 6.38 47.06 51.76
C HIS A 440 6.64 45.56 51.79
N SER A 441 7.02 45.05 52.95
CA SER A 441 7.56 43.69 53.05
C SER A 441 6.82 42.80 54.05
N GLY A 442 5.54 43.11 54.29
CA GLY A 442 4.70 42.20 55.05
C GLY A 442 3.32 42.12 54.41
N PRO A 443 2.26 42.04 55.24
CA PRO A 443 0.89 42.26 54.80
C PRO A 443 0.64 43.63 54.16
N ALA A 444 -0.25 43.65 53.15
CA ALA A 444 -0.65 44.89 52.50
C ALA A 444 -1.19 45.87 53.54
N PRO A 445 -0.85 47.16 53.42
CA PRO A 445 -1.19 48.14 54.45
C PRO A 445 -2.64 48.64 54.38
N LEU A 446 -3.58 47.70 54.52
CA LEU A 446 -5.00 47.97 54.32
C LEU A 446 -5.62 48.89 55.37
N ALA A 447 -5.10 48.82 56.60
CA ALA A 447 -5.62 49.65 57.70
C ALA A 447 -5.13 51.09 57.64
N VAL A 448 -3.95 51.30 57.04
CA VAL A 448 -3.44 52.63 56.70
C VAL A 448 -4.30 53.27 55.59
N GLN A 449 -4.68 52.45 54.60
CA GLN A 449 -5.61 52.86 53.54
C GLN A 449 -6.97 53.21 54.12
N ASP A 450 -7.55 52.28 54.90
CA ASP A 450 -8.82 52.52 55.60
C ASP A 450 -8.79 53.81 56.45
N ALA A 451 -7.74 53.95 57.27
CA ALA A 451 -7.58 55.11 58.16
C ALA A 451 -7.69 56.46 57.47
N ILE A 452 -7.04 56.60 56.30
CA ILE A 452 -7.12 57.84 55.52
C ILE A 452 -8.53 58.10 54.95
N ALA A 453 -9.10 57.11 54.28
CA ALA A 453 -10.44 57.24 53.70
C ALA A 453 -11.50 57.62 54.73
N VAL A 454 -11.38 57.04 55.94
CA VAL A 454 -12.27 57.36 57.08
C VAL A 454 -12.12 58.82 57.56
N ARG A 455 -10.87 59.28 57.67
CA ARG A 455 -10.56 60.65 58.09
C ARG A 455 -10.99 61.70 57.07
N LEU A 456 -10.92 61.34 55.79
CA LEU A 456 -11.37 62.22 54.72
C LEU A 456 -12.90 62.29 54.70
N ALA A 457 -13.55 61.21 55.11
CA ALA A 457 -15.01 61.16 55.21
C ALA A 457 -15.56 62.03 56.34
N GLU A 458 -14.80 62.16 57.43
CA GLU A 458 -15.17 63.05 58.56
C GLU A 458 -14.94 64.51 58.16
N TYR A 459 -13.92 64.73 57.36
CA TYR A 459 -13.60 66.04 56.78
C TYR A 459 -14.68 66.50 55.80
N ALA A 460 -15.24 65.55 55.05
CA ALA A 460 -16.33 65.85 54.10
C ALA A 460 -17.71 66.02 54.76
N GLY A 461 -17.77 65.88 56.07
CA GLY A 461 -19.00 66.09 56.84
C GLY A 461 -19.85 64.85 57.08
N HIS A 462 -19.20 63.73 57.41
CA HIS A 462 -19.91 62.48 57.76
C HIS A 462 -19.56 62.02 59.19
N GLN A 463 -20.42 61.16 59.73
CA GLN A 463 -20.28 60.59 61.08
C GLN A 463 -20.47 59.08 61.05
N ALA A 464 -19.82 58.38 61.97
CA ALA A 464 -19.97 56.93 62.12
C ALA A 464 -21.40 56.61 62.54
N PRO A 465 -22.08 55.71 61.78
CA PRO A 465 -23.42 55.27 62.19
C PRO A 465 -23.40 54.48 63.52
N GLU A 466 -24.50 54.60 64.27
CA GLU A 466 -24.69 53.89 65.55
C GLU A 466 -26.13 53.36 65.63
N GLY A 467 -26.96 53.72 64.79
N ARG B 1 -2.64 -5.48 -26.01
CA ARG B 1 -1.39 -5.18 -25.25
C ARG B 1 -1.39 -3.73 -24.74
N LEU B 2 -1.11 -3.58 -23.45
CA LEU B 2 -1.08 -2.29 -22.76
C LEU B 2 -0.06 -1.32 -23.37
N THR B 3 1.21 -1.72 -23.35
CA THR B 3 2.30 -0.89 -23.88
C THR B 3 2.08 -0.45 -25.33
N GLU B 4 1.37 -1.27 -26.09
CA GLU B 4 0.95 -0.94 -27.46
C GLU B 4 -0.15 0.11 -27.52
N LEU B 5 -1.18 -0.05 -26.68
CA LEU B 5 -2.28 0.93 -26.61
C LEU B 5 -1.74 2.29 -26.18
N ARG B 6 -0.79 2.26 -25.25
CA ARG B 6 -0.20 3.47 -24.70
C ARG B 6 0.63 4.22 -25.75
N GLU B 7 1.39 3.50 -26.57
CA GLU B 7 2.13 4.11 -27.68
C GLU B 7 1.19 4.81 -28.67
N ASP B 8 0.02 4.20 -28.91
CA ASP B 8 -0.95 4.70 -29.88
C ASP B 8 -1.66 5.98 -29.44
N ILE B 9 -2.11 6.03 -28.18
CA ILE B 9 -2.74 7.25 -27.62
C ILE B 9 -1.73 8.39 -27.49
N ASP B 10 -0.46 8.06 -27.20
CA ASP B 10 0.62 9.05 -27.12
C ASP B 10 0.81 9.75 -28.44
N ALA B 11 0.80 8.98 -29.53
CA ALA B 11 0.97 9.48 -30.89
C ALA B 11 -0.24 10.28 -31.41
N ILE B 12 -1.43 9.95 -30.90
CA ILE B 12 -2.64 10.67 -31.28
C ILE B 12 -2.65 12.09 -30.66
N LEU B 13 -2.10 12.20 -29.46
CA LEU B 13 -2.01 13.47 -28.73
C LEU B 13 -0.91 14.42 -29.25
N GLU B 14 0.03 13.88 -30.02
CA GLU B 14 1.04 14.70 -30.71
C GLU B 14 0.51 15.37 -31.99
N ASP B 15 -0.75 15.82 -31.93
CA ASP B 15 -1.45 16.47 -33.03
C ASP B 15 -1.09 17.97 -33.02
N PRO B 16 -1.03 18.62 -34.21
CA PRO B 16 -0.83 20.07 -34.31
C PRO B 16 -1.91 20.92 -33.61
N ALA B 17 -3.12 20.37 -33.48
CA ALA B 17 -4.26 21.06 -32.88
C ALA B 17 -4.12 21.25 -31.36
N LEU B 18 -3.15 20.56 -30.78
CA LEU B 18 -2.90 20.56 -29.32
C LEU B 18 -1.51 21.10 -28.97
N GLU B 19 -0.88 21.81 -29.91
CA GLU B 19 0.46 22.36 -29.67
C GLU B 19 0.40 23.42 -28.57
N GLY B 20 1.12 23.15 -27.48
CA GLY B 20 1.17 24.05 -26.34
C GLY B 20 0.01 24.00 -25.35
N ALA B 21 -0.79 22.94 -25.44
CA ALA B 21 -2.01 22.78 -24.62
C ALA B 21 -1.79 21.77 -23.50
N VAL B 22 -2.73 21.73 -22.54
CA VAL B 22 -2.75 20.69 -21.48
C VAL B 22 -3.94 19.76 -21.69
N SER B 23 -3.67 18.46 -21.81
CA SER B 23 -4.73 17.47 -21.92
C SER B 23 -4.71 16.46 -20.76
N GLY B 24 -5.83 16.33 -20.06
CA GLY B 24 -6.03 15.26 -19.09
C GLY B 24 -6.70 14.05 -19.73
N VAL B 25 -5.99 12.92 -19.78
CA VAL B 25 -6.52 11.71 -20.42
C VAL B 25 -6.38 10.49 -19.50
N VAL B 26 -7.51 9.89 -19.13
CA VAL B 26 -7.54 8.70 -18.25
C VAL B 26 -8.53 7.64 -18.78
N VAL B 27 -8.08 6.38 -18.86
CA VAL B 27 -8.89 5.22 -19.30
C VAL B 27 -8.87 4.13 -18.21
N VAL B 28 -10.02 3.52 -17.94
CA VAL B 28 -10.09 2.40 -16.97
C VAL B 28 -11.07 1.32 -17.45
N ASP B 29 -10.69 0.05 -17.23
CA ASP B 29 -11.59 -1.10 -17.37
C ASP B 29 -12.46 -1.20 -16.12
N THR B 30 -13.78 -1.24 -16.28
CA THR B 30 -14.70 -1.27 -15.14
C THR B 30 -14.91 -2.69 -14.58
N ALA B 31 -14.76 -3.69 -15.44
CA ALA B 31 -14.95 -5.09 -15.06
C ALA B 31 -13.87 -5.56 -14.08
N THR B 32 -12.61 -5.30 -14.42
CA THR B 32 -11.49 -5.57 -13.53
C THR B 32 -11.29 -4.44 -12.52
N GLY B 33 -10.75 -3.31 -12.98
CA GLY B 33 -10.42 -2.15 -12.13
C GLY B 33 -9.13 -1.55 -12.64
N GLU B 34 -8.57 -2.21 -13.66
CA GLU B 34 -7.25 -1.93 -14.22
C GLU B 34 -7.20 -0.57 -14.94
N GLU B 35 -6.24 0.26 -14.55
CA GLU B 35 -6.03 1.57 -15.15
C GLU B 35 -5.23 1.44 -16.45
N LEU B 36 -5.91 1.44 -17.58
CA LEU B 36 -5.27 1.19 -18.89
C LEU B 36 -4.35 2.31 -19.38
N TYR B 37 -4.72 3.55 -19.08
CA TYR B 37 -3.98 4.75 -19.51
C TYR B 37 -4.23 5.88 -18.50
N SER B 38 -3.20 6.70 -18.24
CA SER B 38 -3.34 7.89 -17.37
C SER B 38 -2.28 8.99 -17.60
N ARG B 39 -2.59 9.95 -18.48
CA ARG B 39 -1.76 11.15 -18.63
C ARG B 39 -2.42 12.37 -17.98
N ASP B 40 -1.67 13.07 -17.13
CA ASP B 40 -2.13 14.27 -16.39
C ASP B 40 -3.48 14.11 -15.70
N GLY B 41 -3.64 13.02 -14.95
CA GLY B 41 -4.93 12.63 -14.39
C GLY B 41 -5.43 13.42 -13.21
N GLY B 42 -4.53 14.15 -12.56
CA GLY B 42 -4.88 14.93 -11.37
C GLY B 42 -4.82 16.43 -11.60
N GLU B 43 -4.72 16.82 -12.87
CA GLU B 43 -4.66 18.22 -13.27
C GLU B 43 -6.07 18.83 -13.24
N GLN B 44 -6.19 20.01 -12.63
CA GLN B 44 -7.48 20.71 -12.56
C GLN B 44 -7.72 21.51 -13.83
N LEU B 45 -8.86 21.25 -14.47
CA LEU B 45 -9.15 21.75 -15.80
C LEU B 45 -10.62 22.12 -15.90
N LEU B 46 -10.95 23.04 -16.81
CA LEU B 46 -12.33 23.44 -17.06
C LEU B 46 -13.09 22.32 -17.81
N PRO B 47 -14.28 21.94 -17.30
CA PRO B 47 -15.04 20.85 -17.92
C PRO B 47 -15.88 21.20 -19.16
N ALA B 48 -16.28 22.46 -19.30
CA ALA B 48 -17.43 22.83 -20.15
C ALA B 48 -18.66 21.95 -19.80
N SER B 49 -19.47 21.56 -20.80
CA SER B 49 -20.71 20.81 -20.53
C SER B 49 -20.51 19.38 -19.99
N ASN B 50 -19.26 18.97 -19.77
CA ASN B 50 -18.98 17.73 -19.05
C ASN B 50 -19.34 17.83 -17.56
N MET B 51 -19.53 19.06 -17.07
CA MET B 51 -20.09 19.29 -15.73
C MET B 51 -21.46 18.66 -15.56
N LYS B 52 -22.22 18.56 -16.66
CA LYS B 52 -23.57 17.99 -16.66
C LYS B 52 -23.63 16.53 -16.21
N LEU B 53 -22.51 15.83 -16.27
CA LEU B 53 -22.42 14.47 -15.76
C LEU B 53 -22.57 14.47 -14.22
N PHE B 54 -21.94 15.44 -13.56
CA PHE B 54 -22.01 15.58 -12.10
C PHE B 54 -23.41 16.03 -11.66
N THR B 55 -24.02 16.92 -12.44
CA THR B 55 -25.36 17.44 -12.16
C THR B 55 -26.44 16.34 -12.29
N ALA B 56 -26.51 15.71 -13.46
CA ALA B 56 -27.47 14.62 -13.70
C ALA B 56 -27.45 13.57 -12.59
N ALA B 57 -26.24 13.21 -12.14
CA ALA B 57 -26.03 12.19 -11.13
C ALA B 57 -26.53 12.64 -9.74
N ALA B 58 -26.29 13.90 -9.41
CA ALA B 58 -26.77 14.48 -8.15
C ALA B 58 -28.30 14.58 -8.14
N ALA B 59 -28.88 14.97 -9.27
CA ALA B 59 -30.34 15.17 -9.38
C ALA B 59 -31.14 13.88 -9.23
N LEU B 60 -30.58 12.76 -9.69
CA LEU B 60 -31.23 11.44 -9.54
C LEU B 60 -31.05 10.89 -8.12
N GLU B 61 -29.91 11.19 -7.52
CA GLU B 61 -29.61 10.82 -6.15
C GLU B 61 -30.50 11.60 -5.16
N VAL B 62 -30.67 12.90 -5.40
CA VAL B 62 -31.49 13.77 -4.55
C VAL B 62 -33.01 13.64 -4.78
N LEU B 63 -33.43 13.76 -6.05
CA LEU B 63 -34.86 13.82 -6.40
C LEU B 63 -35.47 12.46 -6.81
N GLY B 64 -34.66 11.59 -7.38
CA GLY B 64 -35.13 10.28 -7.84
C GLY B 64 -35.53 10.28 -9.30
N ALA B 65 -35.40 9.12 -9.95
CA ALA B 65 -35.72 8.96 -11.38
C ALA B 65 -37.21 9.15 -11.70
N ASP B 66 -38.05 9.14 -10.66
CA ASP B 66 -39.50 9.26 -10.84
C ASP B 66 -40.10 10.60 -10.34
N HIS B 67 -39.22 11.57 -10.06
CA HIS B 67 -39.65 12.93 -9.67
C HIS B 67 -40.31 13.64 -10.86
N SER B 68 -41.40 14.36 -10.57
CA SER B 68 -42.09 15.15 -11.59
C SER B 68 -42.35 16.56 -11.06
N PHE B 69 -42.69 17.49 -11.95
CA PHE B 69 -42.70 18.92 -11.58
C PHE B 69 -44.08 19.57 -11.71
N GLY B 70 -44.38 20.51 -10.82
CA GLY B 70 -45.71 21.12 -10.73
C GLY B 70 -45.84 22.58 -11.13
N THR B 71 -46.95 22.88 -11.82
CA THR B 71 -47.43 24.25 -12.10
C THR B 71 -48.92 24.32 -11.77
N GLU B 72 -49.35 25.39 -11.09
CA GLU B 72 -50.78 25.57 -10.76
C GLU B 72 -51.30 27.01 -10.87
N VAL B 73 -52.63 27.17 -10.86
CA VAL B 73 -53.30 28.47 -10.89
C VAL B 73 -54.17 28.60 -9.63
N ALA B 74 -53.99 29.70 -8.89
CA ALA B 74 -54.62 29.84 -7.58
C ALA B 74 -55.30 31.19 -7.34
N ALA B 75 -56.46 31.14 -6.67
CA ALA B 75 -57.17 32.34 -6.18
C ALA B 75 -57.52 32.19 -4.69
N GLU B 76 -57.90 33.29 -4.05
CA GLU B 76 -58.23 33.29 -2.60
C GLU B 76 -59.48 32.46 -2.25
N SER B 77 -60.51 32.58 -3.09
CA SER B 77 -61.75 31.82 -2.94
C SER B 77 -62.12 31.19 -4.29
N ALA B 78 -63.19 30.41 -4.29
CA ALA B 78 -63.86 30.02 -5.52
C ALA B 78 -64.54 31.26 -6.15
N PRO B 79 -64.86 31.20 -7.46
CA PRO B 79 -65.56 32.30 -8.12
C PRO B 79 -66.85 32.71 -7.42
N GLY B 80 -67.13 34.02 -7.41
CA GLY B 80 -68.33 34.56 -6.77
C GLY B 80 -69.61 34.31 -7.54
N ARG B 81 -70.59 35.18 -7.33
CA ARG B 81 -71.92 35.03 -7.93
C ARG B 81 -71.95 35.40 -9.41
N ARG B 82 -71.12 36.36 -9.80
CA ARG B 82 -71.04 36.80 -11.18
C ARG B 82 -69.86 36.17 -11.92
N GLY B 83 -69.37 35.05 -11.38
CA GLY B 83 -68.23 34.32 -11.95
C GLY B 83 -66.92 35.09 -11.81
N GLU B 84 -66.78 35.79 -10.69
CA GLU B 84 -65.65 36.69 -10.47
C GLU B 84 -64.66 36.24 -9.38
N VAL B 85 -63.38 36.30 -9.70
CA VAL B 85 -62.30 36.27 -8.70
C VAL B 85 -61.67 37.64 -8.73
N GLN B 86 -60.87 37.94 -7.71
CA GLN B 86 -60.19 39.22 -7.64
C GLN B 86 -58.83 39.12 -8.35
N ASP B 87 -57.79 38.77 -7.61
CA ASP B 87 -56.45 38.55 -8.17
C ASP B 87 -56.27 37.07 -8.51
N LEU B 88 -55.39 36.78 -9.46
CA LEU B 88 -55.15 35.42 -9.92
C LEU B 88 -53.64 35.20 -10.01
N TYR B 89 -53.19 34.02 -9.61
CA TYR B 89 -51.76 33.72 -9.58
C TYR B 89 -51.41 32.50 -10.40
N LEU B 90 -50.43 32.66 -11.30
CA LEU B 90 -49.82 31.53 -12.00
C LEU B 90 -48.54 31.15 -11.26
N VAL B 91 -48.43 29.90 -10.82
CA VAL B 91 -47.38 29.48 -9.89
C VAL B 91 -46.44 28.40 -10.46
N GLY B 92 -45.18 28.77 -10.64
CA GLY B 92 -44.16 27.84 -11.09
C GLY B 92 -43.40 27.19 -9.95
N ARG B 93 -43.18 25.88 -10.07
CA ARG B 93 -42.28 25.16 -9.18
C ARG B 93 -41.25 24.34 -9.94
N GLY B 94 -40.65 24.95 -10.96
CA GLY B 94 -39.42 24.43 -11.60
C GLY B 94 -39.51 23.40 -12.73
N ASP B 95 -40.65 23.35 -13.41
CA ASP B 95 -40.85 22.50 -14.59
C ASP B 95 -40.01 22.99 -15.78
N PRO B 96 -38.99 22.20 -16.19
CA PRO B 96 -38.11 22.63 -17.28
C PRO B 96 -38.73 22.41 -18.67
N THR B 97 -39.97 21.93 -18.70
CA THR B 97 -40.64 21.54 -19.93
C THR B 97 -42.10 22.04 -20.03
N LEU B 98 -42.38 23.23 -19.51
CA LEU B 98 -43.72 23.84 -19.56
C LEU B 98 -43.90 24.56 -20.89
N SER B 99 -44.94 24.21 -21.65
CA SER B 99 -45.17 24.76 -23.00
C SER B 99 -46.35 25.70 -23.09
N ALA B 100 -46.54 26.34 -24.24
CA ALA B 100 -47.69 27.22 -24.46
C ALA B 100 -49.02 26.47 -24.58
N GLU B 101 -48.97 25.22 -25.02
CA GLU B 101 -50.14 24.33 -25.03
C GLU B 101 -50.57 23.96 -23.60
N ASP B 102 -49.57 23.70 -22.74
CA ASP B 102 -49.79 23.44 -21.33
C ASP B 102 -50.49 24.58 -20.61
N LEU B 103 -50.16 25.81 -21.01
CA LEU B 103 -50.78 27.02 -20.49
C LEU B 103 -52.20 27.19 -21.01
N ASP B 104 -52.44 26.69 -22.22
CA ASP B 104 -53.74 26.77 -22.87
C ASP B 104 -54.76 25.84 -22.21
N ALA B 105 -54.32 24.66 -21.81
CA ALA B 105 -55.19 23.68 -21.15
C ALA B 105 -55.52 24.00 -19.68
N MET B 106 -54.64 24.77 -19.01
CA MET B 106 -54.88 25.28 -17.63
C MET B 106 -55.82 26.49 -17.64
N ALA B 107 -55.83 27.23 -18.75
CA ALA B 107 -56.75 28.35 -18.95
C ALA B 107 -58.16 27.84 -19.18
N ALA B 108 -58.28 26.74 -19.93
CA ALA B 108 -59.56 26.06 -20.15
C ALA B 108 -60.12 25.49 -18.85
N GLU B 109 -59.23 24.98 -17.99
CA GLU B 109 -59.59 24.54 -16.64
C GLU B 109 -60.14 25.65 -15.70
N VAL B 110 -59.62 26.87 -15.85
CA VAL B 110 -60.09 28.03 -15.07
C VAL B 110 -61.51 28.42 -15.48
N ALA B 111 -61.77 28.34 -16.79
CA ALA B 111 -63.08 28.64 -17.38
C ALA B 111 -64.13 27.58 -17.03
N ALA B 112 -63.69 26.33 -16.91
CA ALA B 112 -64.54 25.21 -16.49
C ALA B 112 -64.83 25.24 -14.98
N SER B 113 -64.04 26.01 -14.23
CA SER B 113 -64.22 26.15 -12.78
C SER B 113 -65.29 27.17 -12.41
N GLY B 114 -65.69 28.00 -13.38
CA GLY B 114 -66.74 28.98 -13.17
C GLY B 114 -66.28 30.42 -13.28
N VAL B 115 -65.01 30.62 -13.62
CA VAL B 115 -64.44 31.98 -13.77
C VAL B 115 -64.68 32.53 -15.17
N ARG B 116 -65.21 33.74 -15.25
CA ARG B 116 -65.28 34.47 -16.51
C ARG B 116 -64.75 35.89 -16.41
N THR B 117 -64.40 36.33 -15.20
CA THR B 117 -63.80 37.65 -15.00
C THR B 117 -62.76 37.65 -13.87
N VAL B 118 -61.55 38.05 -14.22
CA VAL B 118 -60.53 38.40 -13.23
C VAL B 118 -60.68 39.90 -13.04
N ARG B 119 -61.20 40.32 -11.89
CA ARG B 119 -61.48 41.75 -11.65
C ARG B 119 -60.28 42.55 -11.14
N GLY B 120 -59.27 41.84 -10.63
CA GLY B 120 -58.00 42.46 -10.24
C GLY B 120 -56.86 42.12 -11.19
N ASP B 121 -55.66 41.96 -10.63
CA ASP B 121 -54.43 41.78 -11.42
C ASP B 121 -54.04 40.29 -11.56
N LEU B 122 -53.38 39.95 -12.67
CA LEU B 122 -52.77 38.61 -12.86
C LEU B 122 -51.27 38.64 -12.54
N TYR B 123 -50.84 37.80 -11.60
CA TYR B 123 -49.46 37.80 -11.11
C TYR B 123 -48.72 36.51 -11.46
N ALA B 124 -47.46 36.65 -11.88
CA ALA B 124 -46.57 35.50 -12.09
C ALA B 124 -45.69 35.21 -10.87
N ASP B 125 -45.95 34.08 -10.22
CA ASP B 125 -45.25 33.66 -9.02
C ASP B 125 -44.15 32.65 -9.38
N ASP B 126 -42.90 33.09 -9.27
CA ASP B 126 -41.74 32.22 -9.42
C ASP B 126 -40.88 32.16 -8.14
N THR B 127 -41.48 32.51 -7.00
CA THR B 127 -40.78 32.60 -5.70
C THR B 127 -40.22 31.29 -5.12
N TRP B 128 -40.53 30.15 -5.76
CA TRP B 128 -40.00 28.84 -5.40
C TRP B 128 -38.48 28.80 -5.59
N PHE B 129 -37.99 29.61 -6.53
CA PHE B 129 -36.55 29.90 -6.67
C PHE B 129 -36.33 31.39 -6.35
N ASP B 130 -35.09 31.77 -6.05
CA ASP B 130 -34.74 33.19 -5.84
C ASP B 130 -34.69 33.92 -7.18
N SER B 131 -34.64 35.26 -7.12
CA SER B 131 -34.76 36.08 -8.32
C SER B 131 -33.39 36.43 -8.92
N GLU B 132 -32.42 35.56 -8.69
CA GLU B 132 -31.08 35.74 -9.25
C GLU B 132 -31.04 35.00 -10.58
N ARG B 133 -30.93 35.79 -11.67
CA ARG B 133 -31.18 35.29 -13.03
C ARG B 133 -29.96 34.65 -13.71
N LEU B 134 -28.77 35.09 -13.30
CA LEU B 134 -27.52 34.71 -13.96
C LEU B 134 -26.41 34.54 -12.94
N VAL B 135 -25.48 33.61 -13.23
CA VAL B 135 -24.28 33.42 -12.43
C VAL B 135 -23.34 34.62 -12.66
N ASP B 136 -22.61 35.01 -11.62
CA ASP B 136 -21.80 36.24 -11.62
C ASP B 136 -20.74 36.30 -12.70
N ASP B 137 -19.97 35.22 -12.84
CA ASP B 137 -18.83 35.23 -13.77
C ASP B 137 -19.19 34.89 -15.23
N TRP B 138 -20.49 34.77 -15.54
CA TRP B 138 -20.92 34.64 -16.93
C TRP B 138 -20.68 35.96 -17.68
N TRP B 139 -20.44 35.88 -18.99
CA TRP B 139 -20.14 37.06 -19.81
C TRP B 139 -21.43 37.76 -20.28
N PRO B 140 -21.61 39.05 -19.94
CA PRO B 140 -22.73 39.86 -20.43
C PRO B 140 -22.96 39.80 -21.95
N GLU B 141 -21.89 39.57 -22.71
CA GLU B 141 -21.97 39.48 -24.16
C GLU B 141 -22.69 38.22 -24.68
N ASP B 142 -22.71 37.15 -23.86
CA ASP B 142 -23.39 35.90 -24.23
C ASP B 142 -24.92 35.97 -24.13
N GLU B 143 -25.42 36.98 -23.42
CA GLU B 143 -26.79 37.01 -22.90
C GLU B 143 -27.97 36.94 -23.91
N PRO B 144 -27.82 37.44 -25.17
CA PRO B 144 -29.00 37.32 -26.05
C PRO B 144 -29.27 35.91 -26.59
N TYR B 145 -28.29 35.01 -26.48
CA TYR B 145 -28.41 33.67 -27.05
C TYR B 145 -29.05 32.68 -26.08
N ALA B 146 -29.63 31.63 -26.64
CA ALA B 146 -30.44 30.67 -25.90
C ALA B 146 -29.68 29.89 -24.80
N TYR B 147 -28.37 29.74 -24.97
CA TYR B 147 -27.58 28.97 -24.00
C TYR B 147 -27.31 29.76 -22.72
N SER B 148 -27.62 31.05 -22.73
CA SER B 148 -27.40 31.96 -21.61
C SER B 148 -28.72 32.61 -21.14
N ALA B 149 -29.80 31.84 -21.21
CA ALA B 149 -31.12 32.27 -20.76
C ALA B 149 -31.16 32.48 -19.24
N GLN B 150 -31.96 33.46 -18.81
CA GLN B 150 -32.15 33.76 -17.39
C GLN B 150 -32.90 32.62 -16.72
N ILE B 151 -32.55 32.35 -15.46
CA ILE B 151 -33.06 31.20 -14.69
C ILE B 151 -34.27 31.56 -13.81
N SER B 152 -35.29 30.71 -13.82
CA SER B 152 -36.56 30.98 -13.13
C SER B 152 -37.35 29.70 -12.76
N ALA B 153 -38.20 29.79 -11.75
CA ALA B 153 -39.11 28.68 -11.38
C ALA B 153 -40.30 28.55 -12.36
N LEU B 154 -40.79 29.71 -12.84
CA LEU B 154 -41.83 29.79 -13.87
C LEU B 154 -41.25 30.17 -15.25
N THR B 155 -41.09 29.19 -16.13
CA THR B 155 -40.53 29.45 -17.46
C THR B 155 -41.16 28.63 -18.61
N VAL B 156 -41.39 29.29 -19.74
CA VAL B 156 -41.97 28.63 -20.93
C VAL B 156 -40.88 27.98 -21.80
N ALA B 157 -41.07 26.71 -22.14
CA ALA B 157 -40.14 25.99 -23.01
C ALA B 157 -40.58 25.98 -24.47
N HIS B 158 -39.64 26.24 -25.38
CA HIS B 158 -39.93 26.28 -26.83
C HIS B 158 -39.54 24.98 -27.54
N GLY B 159 -40.46 24.43 -28.33
CA GLY B 159 -40.18 23.24 -29.17
C GLY B 159 -40.12 21.93 -28.44
N GLU B 160 -39.80 20.86 -29.17
CA GLU B 160 -39.61 19.52 -28.58
C GLU B 160 -38.25 19.32 -27.90
N ARG B 161 -37.36 20.30 -28.02
CA ARG B 161 -36.07 20.30 -27.31
C ARG B 161 -36.16 21.05 -25.99
N PHE B 162 -37.26 21.79 -25.83
CA PHE B 162 -37.57 22.53 -24.61
C PHE B 162 -36.49 23.54 -24.25
N ASP B 163 -36.25 24.49 -25.15
CA ASP B 163 -35.34 25.59 -24.87
C ASP B 163 -36.11 26.65 -24.08
N THR B 164 -35.68 26.89 -22.83
CA THR B 164 -36.41 27.73 -21.86
C THR B 164 -36.06 29.22 -21.93
N GLY B 165 -37.03 30.08 -21.63
CA GLY B 165 -36.79 31.52 -21.48
C GLY B 165 -36.38 32.26 -22.75
N VAL B 166 -36.87 31.76 -23.88
CA VAL B 166 -36.55 32.32 -25.20
C VAL B 166 -37.81 32.65 -26.01
N THR B 167 -37.66 33.57 -26.97
CA THR B 167 -38.70 33.81 -27.97
C THR B 167 -38.12 33.55 -29.35
N GLU B 168 -38.98 33.11 -30.28
CA GLU B 168 -38.55 32.87 -31.66
C GLU B 168 -38.76 34.09 -32.57
N VAL B 169 -37.64 34.63 -33.07
CA VAL B 169 -37.63 35.79 -33.98
C VAL B 169 -37.47 35.33 -35.43
N SER B 170 -38.25 35.93 -36.33
CA SER B 170 -38.09 35.64 -37.77
C SER B 170 -38.08 36.91 -38.61
N VAL B 171 -37.10 37.00 -39.50
CA VAL B 171 -36.96 38.14 -40.43
C VAL B 171 -37.05 37.66 -41.89
N THR B 172 -37.94 38.32 -42.64
CA THR B 172 -38.16 38.00 -44.06
C THR B 172 -37.96 39.27 -44.92
N PRO B 173 -37.39 39.11 -46.13
CA PRO B 173 -37.18 40.27 -47.03
C PRO B 173 -38.46 40.90 -47.61
N ALA B 174 -38.42 42.22 -47.81
CA ALA B 174 -39.51 42.96 -48.38
C ALA B 174 -39.06 43.70 -49.66
N ALA B 175 -39.40 44.99 -49.77
CA ALA B 175 -38.97 45.81 -50.90
C ALA B 175 -37.52 46.22 -50.69
N GLU B 176 -36.73 46.11 -51.75
CA GLU B 176 -35.29 46.31 -51.72
C GLU B 176 -34.97 47.76 -51.37
N GLY B 177 -34.10 47.93 -50.37
CA GLY B 177 -33.74 49.26 -49.86
C GLY B 177 -34.61 49.75 -48.72
N GLU B 178 -35.74 49.07 -48.53
CA GLU B 178 -36.71 49.41 -47.48
C GLU B 178 -36.52 48.49 -46.26
N PRO B 179 -37.03 48.90 -45.08
CA PRO B 179 -36.96 48.06 -43.87
C PRO B 179 -37.53 46.65 -44.03
N ALA B 180 -36.81 45.67 -43.50
CA ALA B 180 -37.22 44.27 -43.53
C ALA B 180 -38.37 44.02 -42.56
N ASP B 181 -39.12 42.94 -42.79
CA ASP B 181 -40.25 42.52 -41.94
C ASP B 181 -39.78 41.67 -40.77
N VAL B 182 -40.13 42.09 -39.55
CA VAL B 182 -39.74 41.36 -38.35
C VAL B 182 -40.97 40.93 -37.56
N ASP B 183 -40.96 39.65 -37.15
CA ASP B 183 -41.92 39.12 -36.17
C ASP B 183 -41.21 38.54 -34.92
N LEU B 184 -41.71 38.88 -33.73
CA LEU B 184 -41.06 38.50 -32.47
C LEU B 184 -41.47 37.16 -31.87
N GLY B 185 -42.48 36.50 -32.44
CA GLY B 185 -42.99 35.23 -31.93
C GLY B 185 -43.86 35.42 -30.69
N ALA B 186 -43.59 34.65 -29.64
CA ALA B 186 -44.35 34.74 -28.40
C ALA B 186 -44.26 36.12 -27.73
N ALA B 187 -43.11 36.77 -27.89
CA ALA B 187 -42.82 38.04 -27.21
C ALA B 187 -43.50 39.24 -27.87
N GLU B 188 -44.33 38.98 -28.88
CA GLU B 188 -45.13 40.03 -29.51
C GLU B 188 -45.99 40.73 -28.46
N GLY B 189 -45.87 42.04 -28.39
CA GLY B 189 -46.58 42.82 -27.37
C GLY B 189 -45.93 42.78 -26.00
N TYR B 190 -44.80 42.07 -25.88
CA TYR B 190 -44.06 41.98 -24.60
C TYR B 190 -42.67 42.62 -24.66
N ALA B 191 -41.89 42.27 -25.68
CA ALA B 191 -40.59 42.90 -25.90
C ALA B 191 -40.76 44.07 -26.86
N GLU B 192 -39.85 45.04 -26.78
CA GLU B 192 -39.85 46.13 -27.74
C GLU B 192 -39.01 45.76 -28.93
N LEU B 193 -39.41 46.22 -30.11
CA LEU B 193 -38.64 46.05 -31.34
C LEU B 193 -37.98 47.36 -31.73
N ASP B 194 -36.70 47.29 -32.09
CA ASP B 194 -35.95 48.41 -32.63
C ASP B 194 -35.38 47.98 -33.99
N ASN B 195 -36.21 48.08 -35.02
CA ASN B 195 -35.90 47.55 -36.36
C ASN B 195 -35.15 48.55 -37.26
N ARG B 196 -33.87 48.29 -37.46
CA ARG B 196 -32.99 49.14 -38.28
C ARG B 196 -32.29 48.36 -39.41
N ALA B 197 -32.91 47.26 -39.85
CA ALA B 197 -32.41 46.44 -40.94
C ALA B 197 -33.01 46.86 -42.30
N VAL B 198 -32.33 46.44 -43.38
CA VAL B 198 -32.78 46.64 -44.77
C VAL B 198 -33.01 45.34 -45.51
N THR B 199 -33.83 45.39 -46.56
CA THR B 199 -33.86 44.35 -47.58
C THR B 199 -32.74 44.65 -48.57
N GLY B 200 -31.91 43.66 -48.83
CA GLY B 200 -30.76 43.83 -49.71
C GLY B 200 -31.09 43.43 -51.13
N ALA B 201 -30.21 43.80 -52.07
CA ALA B 201 -30.35 43.41 -53.47
C ALA B 201 -30.18 41.91 -53.62
N ALA B 202 -30.77 41.35 -54.67
CA ALA B 202 -30.53 39.96 -55.02
C ALA B 202 -29.04 39.74 -55.27
N GLY B 203 -28.52 38.62 -54.77
CA GLY B 203 -27.11 38.26 -54.94
C GLY B 203 -26.09 39.02 -54.08
N SER B 204 -26.56 39.75 -53.06
CA SER B 204 -25.66 40.44 -52.13
C SER B 204 -25.48 39.61 -50.84
N ALA B 205 -24.54 40.04 -50.00
CA ALA B 205 -24.19 39.37 -48.75
C ALA B 205 -25.20 39.54 -47.61
N ASN B 206 -25.38 38.47 -46.84
CA ASN B 206 -26.28 38.44 -45.69
C ASN B 206 -25.59 38.96 -44.42
N THR B 207 -25.72 40.26 -44.14
CA THR B 207 -25.05 40.87 -42.97
C THR B 207 -25.98 41.08 -41.74
N LEU B 208 -27.17 40.46 -41.77
CA LEU B 208 -28.20 40.66 -40.74
C LEU B 208 -27.74 40.24 -39.34
N VAL B 209 -28.11 41.04 -38.34
CA VAL B 209 -27.72 40.80 -36.96
C VAL B 209 -28.94 40.96 -36.04
N ILE B 210 -29.19 39.96 -35.18
CA ILE B 210 -30.29 40.01 -34.20
C ILE B 210 -29.78 39.99 -32.76
N ASP B 211 -30.13 41.03 -32.01
CA ASP B 211 -29.48 41.36 -30.76
C ASP B 211 -30.50 41.76 -29.69
N ARG B 212 -30.12 41.58 -28.43
CA ARG B 212 -30.80 42.21 -27.30
C ARG B 212 -29.75 43.01 -26.53
N PRO B 213 -29.76 44.35 -26.66
CA PRO B 213 -28.77 45.17 -25.93
C PRO B 213 -28.79 44.85 -24.43
N VAL B 214 -27.61 44.82 -23.81
CA VAL B 214 -27.50 44.45 -22.39
C VAL B 214 -28.33 45.37 -21.50
N GLY B 215 -28.99 44.77 -20.52
CA GLY B 215 -29.80 45.50 -19.55
C GLY B 215 -31.21 45.82 -20.00
N THR B 216 -31.52 45.61 -21.29
CA THR B 216 -32.86 45.93 -21.83
C THR B 216 -33.75 44.71 -22.11
N ASN B 217 -35.03 45.00 -22.42
CA ASN B 217 -35.97 44.04 -22.97
C ASN B 217 -36.38 44.48 -24.39
N THR B 218 -35.37 44.83 -25.19
CA THR B 218 -35.54 45.26 -26.57
C THR B 218 -34.86 44.27 -27.52
N ILE B 219 -35.53 43.91 -28.61
CA ILE B 219 -34.89 43.18 -29.71
C ILE B 219 -34.45 44.18 -30.78
N ALA B 220 -33.14 44.25 -31.03
CA ALA B 220 -32.58 45.19 -32.01
C ALA B 220 -32.07 44.45 -33.25
N VAL B 221 -32.59 44.82 -34.41
CA VAL B 221 -32.31 44.14 -35.68
C VAL B 221 -31.55 45.07 -36.62
N THR B 222 -30.29 44.73 -36.93
CA THR B 222 -29.45 45.54 -37.81
C THR B 222 -28.88 44.74 -39.00
N GLY B 223 -28.30 45.44 -39.97
CA GLY B 223 -27.67 44.80 -41.13
C GLY B 223 -28.57 44.66 -42.35
N SER B 224 -28.14 43.82 -43.30
CA SER B 224 -28.84 43.67 -44.59
C SER B 224 -29.23 42.21 -44.88
N LEU B 225 -30.46 42.02 -45.35
CA LEU B 225 -30.96 40.70 -45.76
C LEU B 225 -31.40 40.71 -47.24
N PRO B 226 -30.74 39.90 -48.10
CA PRO B 226 -30.88 39.99 -49.56
C PRO B 226 -32.16 39.35 -50.13
N ALA B 227 -32.73 39.99 -51.14
CA ALA B 227 -34.07 39.67 -51.67
C ALA B 227 -34.28 38.21 -52.02
N ASP B 228 -33.20 37.51 -52.35
CA ASP B 228 -33.23 36.10 -52.76
C ASP B 228 -32.92 35.11 -51.63
N ALA B 229 -32.73 35.61 -50.42
CA ALA B 229 -32.45 34.74 -49.27
C ALA B 229 -33.74 34.11 -48.75
N ALA B 230 -33.59 32.92 -48.17
CA ALA B 230 -34.62 32.28 -47.37
C ALA B 230 -34.77 33.11 -46.08
N PRO B 231 -35.97 33.14 -45.49
CA PRO B 231 -36.18 33.83 -44.19
C PRO B 231 -35.18 33.40 -43.10
N VAL B 232 -34.92 34.29 -42.14
CA VAL B 232 -34.09 33.97 -40.97
C VAL B 232 -34.95 33.61 -39.75
N THR B 233 -34.53 32.58 -39.01
CA THR B 233 -35.29 32.12 -37.85
C THR B 233 -34.31 31.81 -36.71
N ALA B 234 -34.37 32.63 -35.65
CA ALA B 234 -33.44 32.56 -34.52
C ALA B 234 -34.13 32.67 -33.17
N LEU B 235 -33.74 31.80 -32.23
CA LEU B 235 -34.15 31.90 -30.82
C LEU B 235 -33.30 32.92 -30.06
N ARG B 236 -33.97 33.90 -29.45
CA ARG B 236 -33.32 34.93 -28.63
C ARG B 236 -33.96 34.98 -27.23
N THR B 237 -33.21 35.48 -26.25
CA THR B 237 -33.70 35.49 -24.88
C THR B 237 -34.49 36.75 -24.53
N VAL B 238 -35.30 36.67 -23.47
CA VAL B 238 -36.04 37.83 -22.95
C VAL B 238 -35.63 38.14 -21.51
N ASP B 239 -35.92 39.35 -21.07
CA ASP B 239 -35.85 39.68 -19.66
C ASP B 239 -37.07 39.09 -18.97
N GLU B 240 -36.87 38.58 -17.76
CA GLU B 240 -37.95 38.02 -16.93
C GLU B 240 -38.80 36.94 -17.63
N PRO B 241 -38.25 35.72 -17.71
CA PRO B 241 -38.95 34.58 -18.31
C PRO B 241 -40.37 34.32 -17.76
N ALA B 242 -40.54 34.47 -16.45
CA ALA B 242 -41.85 34.33 -15.78
C ALA B 242 -42.89 35.39 -16.17
N ALA B 243 -42.42 36.60 -16.50
CA ALA B 243 -43.32 37.67 -16.97
C ALA B 243 -43.81 37.45 -18.42
N LEU B 244 -43.01 36.73 -19.22
CA LEU B 244 -43.45 36.26 -20.55
C LEU B 244 -44.53 35.20 -20.38
N ALA B 245 -44.30 34.27 -19.45
CA ALA B 245 -45.30 33.26 -19.07
C ALA B 245 -46.65 33.88 -18.66
N GLY B 246 -46.58 35.00 -17.94
CA GLY B 246 -47.78 35.75 -17.55
C GLY B 246 -48.45 36.42 -18.75
N HIS B 247 -47.63 36.96 -19.65
CA HIS B 247 -48.09 37.60 -20.88
C HIS B 247 -48.81 36.59 -21.79
N LEU B 248 -48.22 35.40 -21.91
CA LEU B 248 -48.79 34.30 -22.66
C LEU B 248 -50.04 33.69 -22.00
N PHE B 249 -50.08 33.66 -20.67
CA PHE B 249 -51.22 33.10 -19.93
C PHE B 249 -52.46 34.02 -19.95
N GLU B 250 -52.25 35.34 -19.94
CA GLU B 250 -53.34 36.31 -20.14
C GLU B 250 -54.00 36.13 -21.50
N GLU B 251 -53.17 36.00 -22.54
CA GLU B 251 -53.63 35.73 -23.90
C GLU B 251 -54.48 34.46 -23.99
N ALA B 252 -54.05 33.41 -23.29
CA ALA B 252 -54.77 32.13 -23.29
C ALA B 252 -56.09 32.18 -22.52
N LEU B 253 -56.11 32.93 -21.41
CA LEU B 253 -57.35 33.16 -20.66
C LEU B 253 -58.43 33.83 -21.53
N GLU B 254 -58.04 34.84 -22.30
CA GLU B 254 -58.95 35.60 -23.16
C GLU B 254 -59.59 34.76 -24.29
N SER B 255 -58.82 33.83 -24.84
CA SER B 255 -59.28 32.96 -25.93
C SER B 255 -60.13 31.80 -25.43
N ASN B 256 -60.15 31.59 -24.12
CA ASN B 256 -61.03 30.61 -23.48
C ASN B 256 -62.21 31.28 -22.75
N GLY B 257 -62.44 32.56 -23.06
CA GLY B 257 -63.59 33.31 -22.55
C GLY B 257 -63.49 33.89 -21.15
N VAL B 258 -62.26 34.08 -20.66
CA VAL B 258 -62.00 34.70 -19.35
C VAL B 258 -61.35 36.06 -19.57
N THR B 259 -61.96 37.10 -19.02
CA THR B 259 -61.45 38.45 -19.11
C THR B 259 -60.59 38.82 -17.90
N VAL B 260 -59.36 39.21 -18.15
CA VAL B 260 -58.50 39.84 -17.14
C VAL B 260 -58.71 41.35 -17.25
N LYS B 261 -59.01 42.01 -16.12
CA LYS B 261 -59.35 43.44 -16.12
C LYS B 261 -58.17 44.33 -15.72
N GLY B 262 -57.36 43.85 -14.77
CA GLY B 262 -56.20 44.60 -14.27
C GLY B 262 -54.94 44.43 -15.11
N ASP B 263 -53.79 44.48 -14.45
CA ASP B 263 -52.46 44.46 -15.09
C ASP B 263 -51.75 43.13 -14.85
N VAL B 264 -50.82 42.77 -15.74
CA VAL B 264 -49.96 41.58 -15.56
C VAL B 264 -48.56 41.95 -15.00
N GLY B 265 -48.16 41.34 -13.90
CA GLY B 265 -46.84 41.59 -13.33
C GLY B 265 -46.30 40.42 -12.54
N LEU B 266 -45.21 40.65 -11.80
CA LEU B 266 -44.62 39.65 -10.90
C LEU B 266 -45.07 39.84 -9.45
N GLY B 267 -45.40 38.73 -8.78
CA GLY B 267 -45.85 38.76 -7.38
C GLY B 267 -46.06 37.39 -6.79
N GLY B 268 -45.94 37.28 -5.47
CA GLY B 268 -46.12 36.00 -4.78
C GLY B 268 -47.43 35.89 -4.02
N VAL B 269 -47.98 34.67 -3.96
CA VAL B 269 -49.21 34.38 -3.23
C VAL B 269 -49.08 34.80 -1.76
N PRO B 270 -49.92 35.76 -1.32
CA PRO B 270 -49.88 36.55 -0.06
C PRO B 270 -49.49 35.86 1.26
N ALA B 271 -49.80 34.58 1.43
CA ALA B 271 -49.46 33.83 2.67
C ALA B 271 -50.42 34.06 3.85
N ASP B 272 -51.01 35.25 3.94
CA ASP B 272 -52.13 35.51 4.85
C ASP B 272 -53.44 34.95 4.25
N TRP B 273 -53.33 34.45 3.02
CA TRP B 273 -54.33 33.56 2.43
C TRP B 273 -54.18 32.20 3.11
N GLN B 274 -55.24 31.71 3.73
CA GLN B 274 -55.18 30.43 4.47
C GLN B 274 -55.84 29.24 3.75
N ASP B 275 -57.04 29.43 3.21
CA ASP B 275 -57.71 28.36 2.46
C ASP B 275 -57.86 28.72 0.97
N ALA B 276 -56.72 28.77 0.28
CA ALA B 276 -56.64 29.17 -1.13
C ALA B 276 -57.29 28.17 -2.08
N GLU B 277 -57.86 28.68 -3.16
CA GLU B 277 -58.56 27.88 -4.16
C GLU B 277 -57.65 27.52 -5.34
N VAL B 278 -57.37 26.22 -5.52
CA VAL B 278 -56.63 25.75 -6.69
C VAL B 278 -57.60 25.54 -7.85
N LEU B 279 -57.42 26.30 -8.92
CA LEU B 279 -58.36 26.31 -10.03
C LEU B 279 -57.91 25.44 -11.20
N ALA B 280 -56.59 25.29 -11.34
CA ALA B 280 -56.00 24.48 -12.41
C ALA B 280 -54.62 24.05 -12.00
N ASP B 281 -54.23 22.85 -12.41
CA ASP B 281 -52.83 22.40 -12.27
C ASP B 281 -52.31 21.59 -13.48
N HIS B 282 -50.98 21.44 -13.54
CA HIS B 282 -50.32 20.66 -14.57
C HIS B 282 -49.17 19.83 -13.99
N THR B 283 -48.95 18.63 -14.52
CA THR B 283 -47.87 17.73 -14.08
C THR B 283 -47.01 17.29 -15.28
N SER B 284 -45.70 17.43 -15.12
CA SER B 284 -44.75 17.10 -16.18
C SER B 284 -44.45 15.60 -16.26
N ALA B 285 -43.66 15.22 -17.27
CA ALA B 285 -43.10 13.87 -17.34
C ALA B 285 -42.11 13.66 -16.19
N GLU B 286 -41.68 12.41 -16.00
CA GLU B 286 -40.78 12.11 -14.89
C GLU B 286 -39.33 12.43 -15.27
N LEU B 287 -38.47 12.64 -14.27
CA LEU B 287 -37.08 13.04 -14.48
C LEU B 287 -36.27 12.13 -15.42
N SER B 288 -36.65 10.86 -15.51
CA SER B 288 -35.94 9.89 -16.34
C SER B 288 -36.11 10.19 -17.82
N GLU B 289 -37.30 10.70 -18.17
CA GLU B 289 -37.65 11.08 -19.54
C GLU B 289 -37.09 12.45 -19.90
N ILE B 290 -37.15 13.38 -18.96
CA ILE B 290 -36.59 14.73 -19.13
C ILE B 290 -35.08 14.73 -19.33
N LEU B 291 -34.40 13.70 -18.80
CA LEU B 291 -32.96 13.55 -18.97
C LEU B 291 -32.55 13.45 -20.44
N VAL B 292 -33.44 12.91 -21.28
CA VAL B 292 -33.11 12.68 -22.69
C VAL B 292 -32.88 14.00 -23.45
N PRO B 293 -33.91 14.88 -23.56
CA PRO B 293 -33.63 16.15 -24.24
C PRO B 293 -32.52 16.97 -23.58
N PHE B 294 -32.24 16.69 -22.31
CA PHE B 294 -31.26 17.40 -21.50
C PHE B 294 -29.80 16.99 -21.80
N MET B 295 -29.50 15.69 -21.75
CA MET B 295 -28.12 15.22 -21.97
C MET B 295 -27.76 15.02 -23.45
N LYS B 296 -28.75 14.72 -24.29
CA LYS B 296 -28.51 14.53 -25.73
C LYS B 296 -28.12 15.83 -26.45
N PHE B 297 -28.72 16.94 -26.00
CA PHE B 297 -28.58 18.24 -26.68
C PHE B 297 -27.83 19.28 -25.85
N SER B 298 -27.62 18.97 -24.58
CA SER B 298 -26.87 19.81 -23.63
C SER B 298 -27.62 21.13 -23.36
N ASN B 299 -28.68 21.04 -22.55
CA ASN B 299 -29.51 22.20 -22.23
C ASN B 299 -29.03 22.91 -20.97
N ASN B 300 -28.49 24.12 -21.15
CA ASN B 300 -27.88 24.86 -20.05
C ASN B 300 -28.88 25.28 -18.95
N GLY B 301 -30.03 25.79 -19.34
CA GLY B 301 -31.09 26.17 -18.40
C GLY B 301 -31.70 25.02 -17.61
N HIS B 302 -31.86 23.87 -18.26
CA HIS B 302 -32.28 22.62 -17.59
C HIS B 302 -31.41 22.35 -16.36
N ALA B 303 -30.10 22.42 -16.56
CA ALA B 303 -29.09 22.15 -15.55
C ALA B 303 -29.12 23.09 -14.35
N GLU B 304 -29.25 24.39 -14.60
CA GLU B 304 -29.33 25.36 -13.52
C GLU B 304 -30.62 25.20 -12.72
N MET B 305 -31.72 24.89 -13.42
CA MET B 305 -33.02 24.65 -12.80
C MET B 305 -32.95 23.45 -11.87
N LEU B 306 -32.35 22.37 -12.33
CA LEU B 306 -32.10 21.18 -11.50
C LEU B 306 -31.23 21.46 -10.27
N VAL B 307 -30.21 22.33 -10.40
CA VAL B 307 -29.37 22.72 -9.26
C VAL B 307 -30.18 23.42 -8.16
N LYS B 308 -31.01 24.39 -8.55
CA LYS B 308 -31.88 25.06 -7.60
C LYS B 308 -33.04 24.17 -7.09
N SER B 309 -33.40 23.12 -7.84
CA SER B 309 -34.38 22.13 -7.38
C SER B 309 -33.79 21.30 -6.23
N ILE B 310 -32.54 20.89 -6.41
CA ILE B 310 -31.79 20.17 -5.37
C ILE B 310 -31.68 21.00 -4.07
N GLY B 311 -31.50 22.31 -4.21
CA GLY B 311 -31.44 23.23 -3.07
C GLY B 311 -32.72 23.28 -2.26
N GLN B 312 -33.85 23.05 -2.91
CA GLN B 312 -35.14 23.06 -2.23
C GLN B 312 -35.38 21.78 -1.43
N GLU B 313 -34.97 20.65 -2.00
CA GLU B 313 -35.15 19.36 -1.33
C GLU B 313 -34.18 19.20 -0.15
N THR B 314 -32.92 19.53 -0.39
CA THR B 314 -31.88 19.37 0.63
C THR B 314 -31.79 20.52 1.65
N ALA B 315 -32.54 21.61 1.43
CA ALA B 315 -32.40 22.81 2.28
C ALA B 315 -33.59 23.78 2.30
N GLY B 316 -34.57 23.59 1.40
CA GLY B 316 -35.71 24.51 1.30
C GLY B 316 -35.33 25.92 0.87
N ALA B 317 -34.23 26.02 0.12
CA ALA B 317 -33.77 27.29 -0.46
C ALA B 317 -33.50 27.11 -1.96
N GLY B 318 -34.27 27.80 -2.79
CA GLY B 318 -34.12 27.70 -4.25
C GLY B 318 -33.03 28.63 -4.80
N THR B 319 -31.80 28.39 -4.37
CA THR B 319 -30.65 29.25 -4.69
C THR B 319 -29.49 28.41 -5.26
N TRP B 320 -28.53 29.05 -5.92
CA TRP B 320 -27.29 28.37 -6.35
C TRP B 320 -26.45 27.91 -5.15
N ASP B 321 -26.31 28.78 -4.15
CA ASP B 321 -25.52 28.50 -2.93
C ASP B 321 -25.97 27.25 -2.18
N ALA B 322 -27.28 27.07 -2.04
CA ALA B 322 -27.81 25.86 -1.41
C ALA B 322 -27.71 24.63 -2.33
N GLY B 323 -28.04 24.82 -3.61
CA GLY B 323 -28.01 23.74 -4.60
C GLY B 323 -26.64 23.13 -4.86
N LEU B 324 -25.62 23.97 -4.96
CA LEU B 324 -24.24 23.53 -5.21
C LEU B 324 -23.59 22.75 -4.05
N VAL B 325 -23.97 23.11 -2.82
CA VAL B 325 -23.63 22.37 -1.60
C VAL B 325 -24.24 20.96 -1.63
N GLY B 326 -25.51 20.88 -2.04
CA GLY B 326 -26.24 19.62 -2.11
C GLY B 326 -25.76 18.67 -3.20
N VAL B 327 -25.31 19.21 -4.33
CA VAL B 327 -24.70 18.43 -5.40
C VAL B 327 -23.41 17.77 -4.89
N GLU B 328 -22.59 18.55 -4.22
CA GLU B 328 -21.31 18.07 -3.69
C GLU B 328 -21.50 17.03 -2.58
N GLU B 329 -22.44 17.28 -1.68
CA GLU B 329 -22.78 16.31 -0.62
C GLU B 329 -23.37 15.02 -1.18
N ALA B 330 -24.18 15.13 -2.24
CA ALA B 330 -24.80 13.96 -2.87
C ALA B 330 -23.79 13.10 -3.63
N LEU B 331 -22.80 13.72 -4.26
CA LEU B 331 -21.76 13.00 -4.99
C LEU B 331 -20.89 12.13 -4.08
N SER B 332 -20.56 12.67 -2.90
CA SER B 332 -19.75 11.96 -1.92
C SER B 332 -20.54 10.83 -1.22
N GLY B 333 -21.86 10.97 -1.16
CA GLY B 333 -22.74 9.90 -0.69
C GLY B 333 -22.69 8.69 -1.62
N LEU B 334 -22.71 8.97 -2.93
CA LEU B 334 -22.60 7.97 -3.99
C LEU B 334 -21.23 7.25 -4.08
N GLY B 335 -20.20 7.84 -3.48
CA GLY B 335 -18.87 7.20 -3.39
C GLY B 335 -17.71 7.95 -4.03
N VAL B 336 -17.99 9.12 -4.60
CA VAL B 336 -17.01 9.88 -5.38
C VAL B 336 -16.16 10.78 -4.50
N ASP B 337 -14.84 10.70 -4.67
CA ASP B 337 -13.90 11.61 -4.01
C ASP B 337 -13.97 12.98 -4.69
N THR B 338 -14.45 13.97 -3.94
CA THR B 338 -14.77 15.31 -4.45
C THR B 338 -13.69 16.34 -4.12
N ALA B 339 -12.51 15.83 -3.72
CA ALA B 339 -11.33 16.63 -3.38
C ALA B 339 -10.89 17.64 -4.46
N GLY B 340 -10.79 17.17 -5.70
CA GLY B 340 -10.31 18.00 -6.82
C GLY B 340 -11.36 18.77 -7.60
N LEU B 341 -12.63 18.62 -7.21
CA LEU B 341 -13.79 19.29 -7.83
C LEU B 341 -14.06 20.71 -7.31
N VAL B 342 -14.38 21.63 -8.22
CA VAL B 342 -14.88 22.99 -7.85
C VAL B 342 -16.16 23.32 -8.62
N LEU B 343 -17.25 23.54 -7.88
CA LEU B 343 -18.58 23.63 -8.47
C LEU B 343 -19.07 25.07 -8.41
N ASN B 344 -19.16 25.71 -9.58
CA ASN B 344 -19.60 27.10 -9.67
C ASN B 344 -20.95 27.24 -10.38
N ASP B 345 -21.31 26.23 -11.16
CA ASP B 345 -22.66 26.15 -11.74
C ASP B 345 -22.99 24.72 -12.17
N GLY B 346 -24.12 24.54 -12.85
CA GLY B 346 -24.59 23.21 -13.21
C GLY B 346 -24.38 22.82 -14.66
N SER B 347 -24.26 23.82 -15.54
CA SER B 347 -24.22 23.60 -16.99
C SER B 347 -22.83 23.42 -17.56
N GLY B 348 -21.86 24.09 -16.94
CA GLY B 348 -20.50 24.19 -17.48
C GLY B 348 -20.29 25.49 -18.23
N LEU B 349 -21.23 26.43 -18.13
CA LEU B 349 -21.08 27.72 -18.82
C LEU B 349 -19.97 28.53 -18.17
N SER B 350 -19.94 28.52 -16.84
CA SER B 350 -19.04 29.36 -16.02
C SER B 350 -17.57 28.94 -16.09
N ARG B 351 -16.71 29.94 -16.17
CA ARG B 351 -15.27 29.70 -16.23
C ARG B 351 -14.61 29.56 -14.85
N GLY B 352 -15.43 29.36 -13.83
CA GLY B 352 -14.96 29.11 -12.46
C GLY B 352 -15.13 27.66 -12.05
N ASN B 353 -15.49 26.80 -13.01
CA ASN B 353 -15.66 25.38 -12.76
C ASN B 353 -14.38 24.60 -13.02
N LEU B 354 -14.02 23.72 -12.09
CA LEU B 354 -12.87 22.82 -12.26
C LEU B 354 -13.25 21.38 -11.93
N VAL B 355 -12.84 20.45 -12.80
CA VAL B 355 -12.83 19.00 -12.53
C VAL B 355 -11.38 18.48 -12.74
N THR B 356 -11.18 17.18 -12.52
CA THR B 356 -9.96 16.48 -12.98
C THR B 356 -10.40 15.21 -13.72
N ALA B 357 -9.50 14.63 -14.51
CA ALA B 357 -9.81 13.45 -15.32
C ALA B 357 -10.06 12.21 -14.47
N ASP B 358 -9.34 12.10 -13.35
CA ASP B 358 -9.55 11.05 -12.36
C ASP B 358 -10.93 11.14 -11.73
N THR B 359 -11.34 12.36 -11.38
CA THR B 359 -12.66 12.59 -10.80
C THR B 359 -13.81 12.17 -11.73
N VAL B 360 -13.69 12.51 -13.00
CA VAL B 360 -14.74 12.21 -13.97
C VAL B 360 -14.93 10.68 -14.13
N VAL B 361 -13.82 9.95 -14.22
CA VAL B 361 -13.83 8.49 -14.36
C VAL B 361 -14.33 7.79 -13.07
N ASP B 362 -13.93 8.33 -11.91
CA ASP B 362 -14.51 7.96 -10.61
C ASP B 362 -16.05 8.07 -10.66
N LEU B 363 -16.56 9.22 -11.11
CA LEU B 363 -18.00 9.44 -11.28
C LEU B 363 -18.68 8.45 -12.23
N LEU B 364 -18.02 8.13 -13.34
CA LEU B 364 -18.56 7.20 -14.33
C LEU B 364 -18.63 5.76 -13.80
N GLY B 365 -17.73 5.44 -12.87
CA GLY B 365 -17.69 4.13 -12.24
C GLY B 365 -18.80 3.96 -11.21
N GLN B 366 -18.93 4.93 -10.32
CA GLN B 366 -19.95 4.89 -9.28
C GLN B 366 -21.36 4.90 -9.87
N ALA B 367 -21.55 5.66 -10.95
CA ALA B 367 -22.82 5.74 -11.66
C ALA B 367 -23.12 4.45 -12.43
N GLY B 368 -22.07 3.68 -12.70
CA GLY B 368 -22.20 2.37 -13.32
C GLY B 368 -23.04 1.38 -12.53
N SER B 369 -22.92 1.44 -11.21
CA SER B 369 -23.57 0.47 -10.31
C SER B 369 -24.78 1.01 -9.49
N ALA B 370 -25.16 2.26 -9.73
CA ALA B 370 -26.34 2.86 -9.10
C ALA B 370 -27.64 2.23 -9.65
N PRO B 371 -28.73 2.20 -8.84
CA PRO B 371 -29.99 1.61 -9.32
C PRO B 371 -30.47 2.22 -10.65
N TRP B 372 -30.16 3.50 -10.86
CA TRP B 372 -30.60 4.25 -12.04
C TRP B 372 -29.60 4.22 -13.21
N ALA B 373 -28.84 3.13 -13.31
CA ALA B 373 -27.80 3.00 -14.34
C ALA B 373 -28.35 2.97 -15.76
N GLN B 374 -29.51 2.34 -15.96
CA GLN B 374 -30.11 2.17 -17.29
C GLN B 374 -30.57 3.51 -17.89
N THR B 375 -31.18 4.36 -17.08
CA THR B 375 -31.60 5.68 -17.54
C THR B 375 -30.44 6.67 -17.71
N TRP B 376 -29.45 6.59 -16.82
CA TRP B 376 -28.25 7.41 -16.91
C TRP B 376 -27.53 7.16 -18.25
N SER B 377 -27.33 5.88 -18.57
CA SER B 377 -26.66 5.48 -19.80
C SER B 377 -27.50 5.75 -21.04
N ALA B 378 -28.82 5.64 -20.92
CA ALA B 378 -29.77 5.93 -22.01
C ALA B 378 -29.78 7.39 -22.47
N SER B 379 -29.44 8.31 -21.56
CA SER B 379 -29.50 9.76 -21.84
C SER B 379 -28.30 10.32 -22.61
N LEU B 380 -27.19 9.59 -22.60
CA LEU B 380 -25.96 10.04 -23.23
C LEU B 380 -25.98 9.83 -24.74
N PRO B 381 -25.49 10.83 -25.52
CA PRO B 381 -25.30 10.70 -26.96
C PRO B 381 -24.56 9.40 -27.35
N VAL B 382 -25.04 8.75 -28.41
CA VAL B 382 -24.37 7.59 -28.99
C VAL B 382 -23.71 8.01 -30.29
N ALA B 383 -22.42 7.68 -30.45
CA ALA B 383 -21.62 8.11 -31.61
C ALA B 383 -22.19 7.68 -32.97
N GLY B 384 -22.33 8.65 -33.87
CA GLY B 384 -22.66 8.40 -35.28
C GLY B 384 -24.05 7.92 -35.65
N GLU B 385 -25.04 8.18 -34.80
CA GLU B 385 -26.43 7.82 -35.07
C GLU B 385 -27.19 9.07 -35.51
N SER B 386 -27.78 9.05 -36.71
CA SER B 386 -28.34 10.28 -37.31
C SER B 386 -29.71 10.75 -36.79
N ASP B 387 -30.36 9.93 -35.95
CA ASP B 387 -31.56 10.36 -35.21
C ASP B 387 -31.15 11.36 -34.10
N PRO B 388 -31.63 12.62 -34.18
CA PRO B 388 -31.22 13.62 -33.18
C PRO B 388 -31.44 13.19 -31.72
N PHE B 389 -32.50 12.41 -31.47
CA PHE B 389 -32.85 11.92 -30.12
C PHE B 389 -32.12 10.63 -29.71
N VAL B 390 -31.26 10.12 -30.60
CA VAL B 390 -30.39 8.97 -30.30
C VAL B 390 -28.92 9.44 -30.27
N GLY B 391 -28.48 10.06 -31.37
CA GLY B 391 -27.09 10.46 -31.52
C GLY B 391 -26.73 11.80 -30.94
N GLY B 392 -27.74 12.65 -30.75
CA GLY B 392 -27.51 13.99 -30.18
C GLY B 392 -26.31 14.72 -30.78
N THR B 393 -25.41 15.18 -29.91
CA THR B 393 -24.26 15.98 -30.30
C THR B 393 -23.13 15.19 -30.96
N LEU B 394 -23.26 13.86 -30.97
CA LEU B 394 -22.28 13.00 -31.64
C LEU B 394 -22.83 12.43 -32.95
N ALA B 395 -23.99 12.94 -33.40
CA ALA B 395 -24.68 12.40 -34.58
C ALA B 395 -23.88 12.45 -35.87
N ASN B 396 -23.01 13.45 -36.02
CA ASN B 396 -22.11 13.56 -37.18
C ASN B 396 -20.64 13.32 -36.85
N ARG B 397 -20.39 12.64 -35.73
CA ARG B 397 -19.04 12.26 -35.35
C ARG B 397 -18.87 10.73 -35.29
N MET B 398 -17.72 10.25 -35.77
CA MET B 398 -17.34 8.81 -35.73
C MET B 398 -18.16 7.88 -36.63
N ARG B 399 -18.76 8.46 -37.67
CA ARG B 399 -19.52 7.69 -38.66
C ARG B 399 -18.59 6.85 -39.53
N GLY B 400 -18.89 5.56 -39.69
CA GLY B 400 -18.08 4.67 -40.49
C GLY B 400 -16.83 4.15 -39.78
N THR B 401 -16.83 4.24 -38.46
CA THR B 401 -15.75 3.72 -37.61
C THR B 401 -16.30 2.66 -36.64
N ALA B 402 -15.39 1.96 -35.94
CA ALA B 402 -15.71 1.03 -34.84
C ALA B 402 -16.53 1.64 -33.71
N ALA B 403 -16.40 2.95 -33.51
CA ALA B 403 -17.12 3.65 -32.45
C ALA B 403 -18.58 3.94 -32.78
N GLU B 404 -18.99 3.67 -34.03
CA GLU B 404 -20.36 3.96 -34.50
C GLU B 404 -21.40 3.05 -33.86
N GLY B 405 -22.28 3.65 -33.07
CA GLY B 405 -23.35 2.91 -32.40
C GLY B 405 -22.91 2.25 -31.13
N VAL B 406 -21.65 2.48 -30.74
CA VAL B 406 -21.02 1.82 -29.60
C VAL B 406 -20.73 2.81 -28.46
N VAL B 407 -19.84 3.79 -28.71
CA VAL B 407 -19.43 4.77 -27.69
C VAL B 407 -20.62 5.62 -27.23
N GLU B 408 -20.84 5.68 -25.91
CA GLU B 408 -21.79 6.62 -25.30
C GLU B 408 -21.00 7.68 -24.52
N ALA B 409 -21.22 8.95 -24.83
CA ALA B 409 -20.35 10.00 -24.30
C ALA B 409 -20.99 11.38 -24.27
N LYS B 410 -20.48 12.23 -23.38
CA LYS B 410 -20.96 13.59 -23.23
C LYS B 410 -19.92 14.60 -23.74
N THR B 411 -20.39 15.51 -24.59
CA THR B 411 -19.56 16.53 -25.24
C THR B 411 -19.41 17.81 -24.38
N GLY B 412 -18.61 18.76 -24.84
CA GLY B 412 -18.53 20.08 -24.21
C GLY B 412 -17.44 20.99 -24.78
N THR B 413 -17.85 22.06 -25.45
CA THR B 413 -16.92 22.96 -26.16
C THR B 413 -17.22 24.46 -25.97
N MET B 414 -16.17 25.22 -25.65
CA MET B 414 -16.16 26.68 -25.77
C MET B 414 -14.72 27.16 -26.02
N SER B 415 -14.44 28.46 -25.92
CA SER B 415 -13.10 29.01 -26.23
C SER B 415 -11.97 28.39 -25.43
N GLY B 416 -11.08 27.66 -26.10
CA GLY B 416 -9.93 27.05 -25.44
C GLY B 416 -10.27 25.98 -24.42
N VAL B 417 -11.47 25.41 -24.52
CA VAL B 417 -11.97 24.33 -23.66
C VAL B 417 -12.78 23.31 -24.50
N SER B 418 -12.48 22.02 -24.34
CA SER B 418 -13.23 20.98 -25.04
C SER B 418 -13.09 19.61 -24.35
N ALA B 419 -14.15 18.81 -24.36
CA ALA B 419 -14.12 17.52 -23.63
C ALA B 419 -14.98 16.37 -24.20
N LEU B 420 -14.50 15.15 -23.96
CA LEU B 420 -15.26 13.93 -24.24
C LEU B 420 -15.07 12.86 -23.15
N SER B 421 -16.15 12.57 -22.42
CA SER B 421 -16.13 11.60 -21.33
C SER B 421 -17.35 10.66 -21.45
N GLY B 422 -17.13 9.36 -21.23
CA GLY B 422 -18.21 8.37 -21.38
C GLY B 422 -17.84 6.90 -21.37
N TYR B 423 -18.65 6.09 -22.04
CA TYR B 423 -18.54 4.62 -22.01
C TYR B 423 -18.17 3.95 -23.33
N VAL B 424 -17.36 2.89 -23.24
CA VAL B 424 -17.07 2.03 -24.39
C VAL B 424 -17.48 0.58 -24.06
N PRO B 425 -18.78 0.26 -24.23
CA PRO B 425 -19.25 -1.10 -23.95
C PRO B 425 -18.78 -2.12 -25.00
N GLY B 426 -18.28 -3.27 -24.54
CA GLY B 426 -17.93 -4.37 -25.44
C GLY B 426 -18.38 -5.72 -24.90
N PRO B 427 -18.19 -6.80 -25.68
CA PRO B 427 -18.46 -8.15 -25.18
C PRO B 427 -17.48 -8.61 -24.09
N GLU B 428 -16.56 -7.70 -23.72
CA GLU B 428 -15.58 -7.92 -22.65
C GLU B 428 -16.10 -7.35 -21.33
N GLY B 429 -16.63 -6.12 -21.41
CA GLY B 429 -17.09 -5.37 -20.24
C GLY B 429 -16.83 -3.89 -20.43
N GLU B 430 -17.61 -3.09 -19.69
CA GLU B 430 -17.54 -1.64 -19.68
C GLU B 430 -16.11 -1.06 -19.60
N LEU B 431 -15.79 -0.17 -20.55
CA LEU B 431 -14.63 0.71 -20.46
C LEU B 431 -15.09 2.14 -20.20
N ALA B 432 -14.35 2.88 -19.38
CA ALA B 432 -14.70 4.27 -19.07
C ALA B 432 -13.51 5.19 -19.33
N PHE B 433 -13.79 6.34 -19.97
CA PHE B 433 -12.74 7.26 -20.43
C PHE B 433 -13.11 8.72 -20.17
N SER B 434 -12.09 9.57 -20.01
CA SER B 434 -12.27 11.04 -19.95
C SER B 434 -11.13 11.76 -20.66
N ILE B 435 -11.49 12.64 -21.60
CA ILE B 435 -10.54 13.52 -22.26
C ILE B 435 -10.95 14.96 -21.93
N VAL B 436 -10.02 15.74 -21.36
CA VAL B 436 -10.26 17.15 -21.10
C VAL B 436 -9.09 17.94 -21.70
N ASN B 437 -9.41 18.96 -22.50
CA ASN B 437 -8.43 19.77 -23.25
C ASN B 437 -8.55 21.25 -22.91
N ASN B 438 -7.42 21.89 -22.58
CA ASN B 438 -7.37 23.30 -22.19
C ASN B 438 -6.16 23.99 -22.84
N GLY B 439 -6.32 25.23 -23.27
CA GLY B 439 -5.17 26.07 -23.63
C GLY B 439 -4.63 25.92 -25.05
N HIS B 440 -5.34 25.20 -25.90
CA HIS B 440 -5.06 25.21 -27.34
C HIS B 440 -5.45 26.56 -27.95
N SER B 441 -4.89 26.85 -29.13
CA SER B 441 -5.05 28.16 -29.78
C SER B 441 -6.09 28.18 -30.91
N GLY B 442 -6.27 27.06 -31.61
CA GLY B 442 -7.17 27.03 -32.76
C GLY B 442 -8.58 26.55 -32.44
N PRO B 443 -9.27 25.97 -33.45
CA PRO B 443 -10.59 25.37 -33.19
C PRO B 443 -10.44 24.12 -32.32
N ALA B 444 -11.53 23.72 -31.66
CA ALA B 444 -11.59 22.51 -30.85
C ALA B 444 -11.00 21.28 -31.56
N PRO B 445 -10.21 20.46 -30.82
CA PRO B 445 -9.58 19.26 -31.40
C PRO B 445 -10.52 18.06 -31.36
N LEU B 446 -11.65 18.17 -32.05
CA LEU B 446 -12.69 17.14 -32.01
C LEU B 446 -12.23 15.83 -32.66
N ALA B 447 -11.26 15.92 -33.57
CA ALA B 447 -10.77 14.75 -34.30
C ALA B 447 -9.76 13.95 -33.49
N VAL B 448 -9.05 14.62 -32.58
CA VAL B 448 -8.19 13.94 -31.60
C VAL B 448 -9.07 13.08 -30.68
N GLN B 449 -10.08 13.72 -30.09
CA GLN B 449 -11.09 13.06 -29.25
C GLN B 449 -11.68 11.83 -29.94
N ASP B 450 -12.19 12.01 -31.16
CA ASP B 450 -12.70 10.91 -31.98
C ASP B 450 -11.68 9.79 -32.18
N ALA B 451 -10.44 10.15 -32.52
CA ALA B 451 -9.40 9.17 -32.83
C ALA B 451 -8.97 8.33 -31.62
N ILE B 452 -9.04 8.93 -30.42
CA ILE B 452 -8.81 8.19 -29.17
C ILE B 452 -9.99 7.26 -28.88
N ALA B 453 -11.21 7.82 -28.95
CA ALA B 453 -12.44 7.07 -28.77
C ALA B 453 -12.58 5.89 -29.75
N VAL B 454 -12.03 6.03 -30.95
CA VAL B 454 -12.05 4.95 -31.93
C VAL B 454 -11.03 3.86 -31.57
N ARG B 455 -9.82 4.27 -31.16
CA ARG B 455 -8.75 3.35 -30.77
C ARG B 455 -9.09 2.54 -29.51
N LEU B 456 -9.99 3.09 -28.69
CA LEU B 456 -10.47 2.42 -27.47
C LEU B 456 -11.64 1.46 -27.75
N ALA B 457 -12.29 1.64 -28.90
CA ALA B 457 -13.39 0.76 -29.31
C ALA B 457 -12.86 -0.46 -30.06
N GLU B 458 -11.68 -0.30 -30.68
CA GLU B 458 -10.95 -1.39 -31.31
C GLU B 458 -10.40 -2.35 -30.25
N TYR B 459 -9.98 -1.78 -29.12
CA TYR B 459 -9.46 -2.53 -27.98
C TYR B 459 -10.56 -3.38 -27.34
N ALA B 460 -11.79 -2.87 -27.41
CA ALA B 460 -12.96 -3.50 -26.81
C ALA B 460 -13.63 -4.57 -27.68
N GLY B 461 -13.09 -4.80 -28.88
CA GLY B 461 -13.51 -5.92 -29.71
C GLY B 461 -14.32 -5.60 -30.96
N HIS B 462 -14.48 -4.31 -31.26
CA HIS B 462 -15.31 -3.89 -32.39
C HIS B 462 -14.50 -3.53 -33.64
N GLN B 463 -15.10 -3.75 -34.81
CA GLN B 463 -14.58 -3.22 -36.08
C GLN B 463 -15.67 -2.36 -36.73
N ALA B 464 -15.31 -1.66 -37.81
CA ALA B 464 -16.23 -0.74 -38.49
C ALA B 464 -17.42 -1.45 -39.12
N PRO B 465 -18.65 -0.91 -38.92
CA PRO B 465 -19.87 -1.48 -39.50
C PRO B 465 -19.95 -1.37 -41.04
N GLU B 466 -20.82 -1.98 -41.67
N ARG C 1 55.87 -55.70 -6.05
CA ARG C 1 55.61 -55.59 -4.57
C ARG C 1 55.79 -54.15 -4.05
N LEU C 2 56.25 -54.03 -2.80
CA LEU C 2 56.45 -52.72 -2.15
C LEU C 2 57.64 -51.89 -2.65
N THR C 3 58.87 -52.40 -2.57
CA THR C 3 60.07 -51.60 -2.90
C THR C 3 60.16 -51.12 -4.35
N GLU C 4 59.19 -51.52 -5.18
CA GLU C 4 59.06 -51.01 -6.55
C GLU C 4 58.18 -49.77 -6.57
N LEU C 5 57.18 -49.72 -5.68
CA LEU C 5 56.35 -48.54 -5.45
C LEU C 5 57.17 -47.39 -4.87
N ARG C 6 58.02 -47.71 -3.90
CA ARG C 6 58.93 -46.76 -3.25
C ARG C 6 59.96 -46.11 -4.21
N GLU C 7 60.38 -46.88 -5.22
CA GLU C 7 61.30 -46.41 -6.25
C GLU C 7 60.65 -45.41 -7.20
N ASP C 8 59.39 -45.67 -7.55
CA ASP C 8 58.62 -44.87 -8.50
C ASP C 8 58.20 -43.50 -7.93
N ILE C 9 57.83 -43.45 -6.64
CA ILE C 9 57.54 -42.19 -5.96
C ILE C 9 58.82 -41.38 -5.77
N ASP C 10 59.91 -42.07 -5.41
CA ASP C 10 61.26 -41.47 -5.36
C ASP C 10 61.63 -40.76 -6.66
N ALA C 11 61.38 -41.44 -7.77
CA ALA C 11 61.64 -40.92 -9.11
C ALA C 11 60.71 -39.77 -9.52
N ILE C 12 59.41 -39.94 -9.28
CA ILE C 12 58.44 -38.87 -9.55
C ILE C 12 58.83 -37.58 -8.83
N LEU C 13 59.23 -37.69 -7.55
CA LEU C 13 59.66 -36.53 -6.76
C LEU C 13 60.93 -35.81 -7.29
N GLU C 14 61.68 -36.47 -8.16
CA GLU C 14 62.84 -35.87 -8.83
C GLU C 14 62.41 -35.07 -10.07
N ASP C 15 61.32 -34.32 -9.92
CA ASP C 15 60.79 -33.51 -11.00
C ASP C 15 61.30 -32.07 -10.85
N PRO C 16 61.76 -31.45 -11.96
CA PRO C 16 62.24 -30.07 -12.02
C PRO C 16 61.35 -28.99 -11.38
N ALA C 17 60.04 -29.24 -11.28
CA ALA C 17 59.10 -28.30 -10.65
C ALA C 17 59.31 -28.21 -9.15
N LEU C 18 60.01 -29.20 -8.59
CA LEU C 18 60.32 -29.26 -7.16
C LEU C 18 61.81 -29.01 -6.90
N GLU C 19 62.41 -28.15 -7.72
CA GLU C 19 63.79 -27.74 -7.59
C GLU C 19 63.95 -26.91 -6.32
N GLY C 20 64.75 -27.43 -5.37
CA GLY C 20 65.02 -26.74 -4.11
C GLY C 20 63.86 -26.54 -3.16
N ALA C 21 62.99 -27.54 -3.08
CA ALA C 21 61.78 -27.50 -2.26
C ALA C 21 61.77 -28.58 -1.17
N VAL C 22 60.79 -28.50 -0.26
CA VAL C 22 60.54 -29.52 0.76
C VAL C 22 59.21 -30.20 0.45
N SER C 23 59.21 -31.54 0.41
CA SER C 23 57.93 -32.25 0.23
C SER C 23 57.67 -33.32 1.30
N GLY C 24 56.54 -33.17 1.98
CA GLY C 24 56.01 -34.17 2.91
C GLY C 24 55.06 -35.16 2.23
N VAL C 25 55.48 -36.42 2.17
CA VAL C 25 54.75 -37.46 1.45
C VAL C 25 54.65 -38.73 2.30
N VAL C 26 53.45 -39.00 2.83
CA VAL C 26 53.20 -40.23 3.59
C VAL C 26 52.02 -40.99 2.97
N VAL C 27 52.23 -42.30 2.76
CA VAL C 27 51.21 -43.23 2.26
C VAL C 27 51.05 -44.39 3.26
N VAL C 28 49.82 -44.62 3.71
CA VAL C 28 49.50 -45.70 4.66
C VAL C 28 48.32 -46.55 4.17
N ASP C 29 48.42 -47.87 4.36
CA ASP C 29 47.30 -48.80 4.14
C ASP C 29 46.41 -48.77 5.39
N THR C 30 45.13 -48.46 5.22
CA THR C 30 44.24 -48.21 6.38
C THR C 30 43.58 -49.47 6.96
N ALA C 31 43.59 -50.55 6.18
CA ALA C 31 43.12 -51.86 6.61
C ALA C 31 44.04 -52.52 7.63
N THR C 32 45.35 -52.29 7.47
CA THR C 32 46.38 -52.96 8.25
C THR C 32 47.24 -51.99 9.09
N GLY C 33 47.18 -50.70 8.74
CA GLY C 33 48.01 -49.69 9.38
C GLY C 33 49.44 -49.62 8.83
N GLU C 34 49.68 -50.32 7.71
CA GLU C 34 51.03 -50.41 7.13
C GLU C 34 51.44 -49.15 6.37
N GLU C 35 52.61 -48.64 6.73
CA GLU C 35 53.22 -47.47 6.11
C GLU C 35 53.88 -47.90 4.81
N LEU C 36 53.28 -47.51 3.68
CA LEU C 36 53.76 -47.90 2.36
C LEU C 36 54.87 -46.96 1.86
N TYR C 37 54.87 -45.73 2.34
CA TYR C 37 55.87 -44.72 1.97
C TYR C 37 55.88 -43.59 3.00
N SER C 38 57.07 -43.09 3.31
CA SER C 38 57.22 -41.93 4.21
C SER C 38 58.47 -41.12 3.84
N ARG C 39 58.30 -39.80 3.63
CA ARG C 39 59.42 -38.88 3.44
C ARG C 39 59.08 -37.52 4.05
N ASP C 40 59.94 -37.05 4.97
CA ASP C 40 59.80 -35.74 5.63
C ASP C 40 58.40 -35.54 6.22
N GLY C 41 57.83 -36.62 6.76
CA GLY C 41 56.50 -36.60 7.37
C GLY C 41 56.42 -35.93 8.73
N GLY C 42 57.57 -35.70 9.37
CA GLY C 42 57.61 -35.08 10.69
C GLY C 42 57.77 -33.57 10.62
N GLU C 43 58.01 -33.08 9.40
CA GLU C 43 58.34 -31.68 9.16
C GLU C 43 57.10 -30.80 9.13
N GLN C 44 57.21 -29.62 9.71
CA GLN C 44 56.07 -28.70 9.79
C GLN C 44 55.99 -27.84 8.53
N LEU C 45 54.87 -27.96 7.82
CA LEU C 45 54.67 -27.30 6.53
C LEU C 45 53.33 -26.52 6.49
N LEU C 46 53.25 -25.51 5.61
CA LEU C 46 52.00 -24.79 5.34
C LEU C 46 51.04 -25.65 4.49
N PRO C 47 49.78 -25.82 4.94
CA PRO C 47 48.82 -26.71 4.27
C PRO C 47 47.92 -26.07 3.20
N ALA C 48 47.82 -24.73 3.16
CA ALA C 48 46.81 -24.04 2.34
C ALA C 48 45.41 -24.59 2.63
N SER C 49 44.56 -24.79 1.62
CA SER C 49 43.17 -25.29 1.87
C SER C 49 43.03 -26.72 2.41
N ASN C 50 44.15 -27.45 2.53
CA ASN C 50 44.16 -28.75 3.22
C ASN C 50 43.87 -28.64 4.73
N MET C 51 43.89 -27.40 5.23
CA MET C 51 43.54 -27.08 6.61
C MET C 51 42.06 -27.30 6.85
N LYS C 52 41.26 -27.10 5.80
CA LYS C 52 39.80 -27.32 5.81
C LYS C 52 39.43 -28.78 6.15
N LEU C 53 40.37 -29.70 5.97
CA LEU C 53 40.17 -31.08 6.40
C LEU C 53 40.01 -31.13 7.92
N PHE C 54 40.92 -30.50 8.65
CA PHE C 54 40.85 -30.45 10.12
C PHE C 54 39.57 -29.79 10.64
N THR C 55 39.11 -28.77 9.93
CA THR C 55 37.94 -27.97 10.30
C THR C 55 36.63 -28.73 10.09
N ALA C 56 36.52 -29.40 8.95
CA ALA C 56 35.32 -30.16 8.62
C ALA C 56 35.03 -31.28 9.63
N ALA C 57 36.08 -31.92 10.13
CA ALA C 57 35.96 -33.00 11.11
C ALA C 57 35.57 -32.48 12.50
N ALA C 58 36.19 -31.39 12.95
CA ALA C 58 35.77 -30.71 14.18
C ALA C 58 34.29 -30.30 14.14
N ALA C 59 33.88 -29.62 13.09
CA ALA C 59 32.49 -29.21 12.90
C ALA C 59 31.50 -30.40 13.04
N LEU C 60 31.82 -31.54 12.43
CA LEU C 60 30.95 -32.72 12.48
C LEU C 60 30.80 -33.29 13.89
N GLU C 61 31.93 -33.33 14.61
CA GLU C 61 31.96 -33.80 16.00
C GLU C 61 31.23 -32.84 16.93
N VAL C 62 31.59 -31.57 16.89
CA VAL C 62 31.01 -30.56 17.79
C VAL C 62 29.55 -30.31 17.46
N LEU C 63 29.25 -30.05 16.19
CA LEU C 63 27.91 -29.61 15.78
C LEU C 63 26.99 -30.75 15.37
N GLY C 64 27.55 -31.76 14.74
CA GLY C 64 26.76 -32.89 14.24
C GLY C 64 26.38 -32.73 12.77
N ALA C 65 26.20 -33.86 12.10
CA ALA C 65 25.79 -33.91 10.69
C ALA C 65 24.38 -33.34 10.43
N ASP C 66 23.59 -33.19 11.48
CA ASP C 66 22.20 -32.75 11.33
C ASP C 66 21.92 -31.37 11.95
N HIS C 67 22.98 -30.61 12.17
CA HIS C 67 22.90 -29.23 12.68
C HIS C 67 22.43 -28.27 11.59
N SER C 68 21.64 -27.28 11.97
CA SER C 68 21.17 -26.25 11.04
C SER C 68 21.28 -24.86 11.66
N PHE C 69 21.11 -23.81 10.85
CA PHE C 69 21.39 -22.43 11.25
C PHE C 69 20.18 -21.51 11.05
N GLY C 70 19.87 -20.68 12.04
CA GLY C 70 18.66 -19.85 12.00
C GLY C 70 18.89 -18.36 11.77
N THR C 71 17.89 -17.71 11.17
CA THR C 71 17.88 -16.26 10.91
C THR C 71 16.47 -15.80 11.26
N GLU C 72 16.33 -14.58 11.78
CA GLU C 72 15.06 -14.08 12.36
C GLU C 72 14.82 -12.60 12.15
N VAL C 73 13.55 -12.21 12.15
CA VAL C 73 13.12 -10.80 12.24
C VAL C 73 12.29 -10.60 13.51
N ALA C 74 12.52 -9.51 14.24
CA ALA C 74 11.86 -9.31 15.53
C ALA C 74 11.50 -7.85 15.85
N ALA C 75 10.31 -7.66 16.42
CA ALA C 75 9.87 -6.36 16.92
C ALA C 75 9.59 -6.45 18.44
N GLU C 76 9.39 -5.30 19.09
CA GLU C 76 9.13 -5.28 20.55
C GLU C 76 7.80 -5.93 20.88
N SER C 77 6.85 -5.77 19.97
CA SER C 77 5.56 -6.46 20.04
C SER C 77 4.93 -6.49 18.66
N ALA C 78 3.90 -7.32 18.50
CA ALA C 78 3.15 -7.47 17.25
C ALA C 78 2.67 -6.11 16.75
N PRO C 79 2.52 -5.96 15.42
CA PRO C 79 2.11 -4.65 14.89
C PRO C 79 0.78 -4.20 15.49
N GLY C 80 0.62 -2.90 15.66
CA GLY C 80 -0.61 -2.31 16.18
C GLY C 80 -1.79 -2.57 15.26
N ARG C 81 -2.81 -1.71 15.34
CA ARG C 81 -4.01 -1.96 14.55
C ARG C 81 -4.17 -0.98 13.37
N ARG C 82 -3.25 -0.01 13.31
CA ARG C 82 -2.99 0.75 12.08
C ARG C 82 -1.78 0.13 11.32
N GLY C 83 -1.51 -1.15 11.61
CA GLY C 83 -0.44 -1.92 10.97
C GLY C 83 0.97 -1.39 11.14
N GLU C 84 1.22 -0.68 12.23
CA GLU C 84 2.51 -0.03 12.45
C GLU C 84 3.40 -0.74 13.48
N VAL C 85 4.70 -0.45 13.40
CA VAL C 85 5.75 -1.05 14.20
C VAL C 85 6.80 0.04 14.46
N GLN C 86 7.57 -0.09 15.54
CA GLN C 86 8.61 0.91 15.83
C GLN C 86 9.95 0.56 15.15
N ASP C 87 10.84 -0.13 15.86
CA ASP C 87 12.12 -0.56 15.30
C ASP C 87 12.09 -2.04 14.97
N LEU C 88 12.83 -2.44 13.93
CA LEU C 88 12.82 -3.83 13.44
C LEU C 88 14.24 -4.40 13.29
N TYR C 89 14.40 -5.67 13.67
CA TYR C 89 15.72 -6.29 13.75
C TYR C 89 15.85 -7.59 12.95
N LEU C 90 16.83 -7.61 12.03
CA LEU C 90 17.20 -8.80 11.27
C LEU C 90 18.42 -9.46 11.93
N VAL C 91 18.23 -10.68 12.42
CA VAL C 91 19.16 -11.33 13.34
C VAL C 91 19.78 -12.59 12.71
N GLY C 92 21.10 -12.57 12.50
CA GLY C 92 21.80 -13.73 11.96
C GLY C 92 22.48 -14.57 13.01
N ARG C 93 22.47 -15.88 12.81
CA ARG C 93 23.15 -16.83 13.71
C ARG C 93 24.06 -17.83 13.00
N GLY C 94 24.84 -17.35 12.03
CA GLY C 94 25.91 -18.15 11.42
C GLY C 94 25.57 -19.02 10.23
N ASP C 95 24.47 -18.72 9.54
CA ASP C 95 24.07 -19.41 8.31
C ASP C 95 24.99 -19.06 7.13
N PRO C 96 25.79 -20.05 6.66
CA PRO C 96 26.71 -19.83 5.54
C PRO C 96 26.03 -19.78 4.19
N THR C 97 24.73 -20.09 4.16
CA THR C 97 24.00 -20.27 2.90
C THR C 97 22.75 -19.38 2.77
N LEU C 98 22.81 -18.18 3.34
CA LEU C 98 21.63 -17.27 3.36
C LEU C 98 21.50 -16.46 2.05
N SER C 99 20.41 -16.70 1.31
CA SER C 99 20.24 -16.10 -0.02
C SER C 99 19.37 -14.84 -0.04
N ALA C 100 19.34 -14.15 -1.18
CA ALA C 100 18.44 -13.02 -1.39
C ALA C 100 17.01 -13.51 -1.56
N GLU C 101 16.87 -14.72 -2.10
CA GLU C 101 15.59 -15.41 -2.25
C GLU C 101 14.98 -15.68 -0.86
N ASP C 102 15.85 -15.90 0.14
CA ASP C 102 15.45 -16.12 1.54
C ASP C 102 15.01 -14.83 2.25
N LEU C 103 15.66 -13.72 1.91
CA LEU C 103 15.33 -12.42 2.51
C LEU C 103 13.98 -11.92 2.01
N ASP C 104 13.64 -12.27 0.78
CA ASP C 104 12.36 -11.92 0.17
C ASP C 104 11.22 -12.69 0.84
N ALA C 105 11.46 -13.98 1.08
CA ALA C 105 10.48 -14.85 1.73
C ALA C 105 10.14 -14.39 3.15
N MET C 106 11.15 -13.89 3.87
CA MET C 106 10.99 -13.35 5.22
C MET C 106 10.27 -12.01 5.21
N ALA C 107 10.56 -11.18 4.21
CA ALA C 107 9.84 -9.93 4.01
C ALA C 107 8.35 -10.15 3.71
N ALA C 108 8.03 -11.26 3.02
CA ALA C 108 6.64 -11.63 2.71
C ALA C 108 5.90 -12.08 3.96
N GLU C 109 6.61 -12.78 4.86
CA GLU C 109 6.11 -13.14 6.18
C GLU C 109 5.87 -11.95 7.11
N VAL C 110 6.80 -10.99 7.12
CA VAL C 110 6.66 -9.76 7.93
C VAL C 110 5.36 -9.02 7.60
N ALA C 111 5.05 -8.92 6.31
CA ALA C 111 3.77 -8.37 5.82
C ALA C 111 2.59 -9.30 6.12
N ALA C 112 2.74 -10.60 5.80
CA ALA C 112 1.69 -11.59 6.07
C ALA C 112 1.15 -11.52 7.51
N SER C 113 1.97 -11.03 8.43
CA SER C 113 1.60 -10.98 9.85
C SER C 113 0.94 -9.64 10.22
N GLY C 114 0.82 -8.73 9.24
CA GLY C 114 0.09 -7.47 9.43
C GLY C 114 0.83 -6.15 9.34
N VAL C 115 2.15 -6.19 9.10
CA VAL C 115 2.98 -4.98 9.07
C VAL C 115 2.81 -4.17 7.77
N ARG C 116 2.44 -2.89 7.93
CA ARG C 116 2.31 -1.95 6.82
C ARG C 116 3.40 -0.86 6.88
N THR C 117 3.82 -0.50 8.08
CA THR C 117 4.83 0.54 8.26
C THR C 117 5.82 0.26 9.39
N VAL C 118 7.10 0.49 9.11
CA VAL C 118 8.14 0.55 10.12
C VAL C 118 8.41 2.03 10.38
N ARG C 119 7.92 2.51 11.51
CA ARG C 119 7.98 3.94 11.86
C ARG C 119 9.40 4.36 12.29
N GLY C 120 10.09 3.46 12.99
CA GLY C 120 11.47 3.69 13.43
C GLY C 120 12.51 3.19 12.43
N ASP C 121 13.59 2.63 12.95
CA ASP C 121 14.75 2.25 12.13
C ASP C 121 14.85 0.74 11.88
N LEU C 122 15.58 0.35 10.83
CA LEU C 122 15.88 -1.05 10.59
C LEU C 122 17.33 -1.39 10.97
N TYR C 123 17.49 -2.29 11.93
CA TYR C 123 18.81 -2.71 12.39
C TYR C 123 19.19 -4.12 11.93
N ALA C 124 20.45 -4.31 11.57
CA ALA C 124 21.00 -5.61 11.22
C ALA C 124 21.85 -6.14 12.36
N ASP C 125 21.41 -7.26 12.93
CA ASP C 125 21.99 -7.82 14.16
C ASP C 125 22.88 -9.02 13.82
N ASP C 126 24.19 -8.83 13.97
CA ASP C 126 25.15 -9.92 13.80
C ASP C 126 26.00 -10.14 15.05
N THR C 127 25.44 -9.81 16.21
CA THR C 127 26.17 -9.90 17.49
C THR C 127 26.39 -11.33 18.00
N TRP C 128 25.87 -12.33 17.29
CA TRP C 128 26.06 -13.76 17.62
C TRP C 128 27.54 -14.19 17.45
N PHE C 129 28.23 -13.54 16.51
CA PHE C 129 29.67 -13.68 16.34
C PHE C 129 30.34 -12.35 16.73
N ASP C 130 31.67 -12.38 16.85
CA ASP C 130 32.56 -11.20 16.85
C ASP C 130 32.27 -10.16 15.78
N SER C 131 32.73 -8.94 16.04
CA SER C 131 32.84 -7.96 14.98
C SER C 131 34.29 -7.88 14.47
N GLU C 132 35.00 -9.01 14.53
CA GLU C 132 36.37 -9.10 14.02
C GLU C 132 36.38 -9.84 12.68
N ARG C 133 36.71 -9.09 11.63
CA ARG C 133 36.36 -9.43 10.25
C ARG C 133 37.42 -10.21 9.49
N LEU C 134 38.68 -9.99 9.87
CA LEU C 134 39.82 -10.53 9.16
C LEU C 134 40.83 -11.04 10.18
N VAL C 135 41.52 -12.12 9.82
CA VAL C 135 42.60 -12.68 10.64
C VAL C 135 43.85 -11.76 10.57
N ASP C 136 44.51 -11.58 11.71
CA ASP C 136 45.76 -10.79 11.83
C ASP C 136 46.66 -10.76 10.58
N ASP C 137 47.19 -11.92 10.21
CA ASP C 137 48.27 -12.01 9.21
C ASP C 137 47.80 -12.17 7.75
N TRP C 138 46.49 -12.08 7.53
CA TRP C 138 45.91 -12.04 6.18
C TRP C 138 46.38 -10.75 5.48
N TRP C 139 46.53 -10.78 4.16
CA TRP C 139 47.12 -9.66 3.41
C TRP C 139 46.09 -8.64 2.91
N PRO C 140 46.35 -7.35 3.16
CA PRO C 140 45.48 -6.25 2.72
C PRO C 140 45.21 -6.23 1.21
N GLU C 141 46.22 -6.63 0.42
CA GLU C 141 46.12 -6.62 -1.03
C GLU C 141 45.16 -7.69 -1.58
N ASP C 142 44.87 -8.71 -0.77
CA ASP C 142 43.89 -9.78 -1.08
C ASP C 142 42.42 -9.37 -0.85
N GLU C 143 42.22 -8.32 -0.07
CA GLU C 143 40.88 -7.96 0.45
C GLU C 143 39.73 -7.72 -0.58
N PRO C 144 40.04 -7.29 -1.82
CA PRO C 144 38.93 -7.15 -2.81
C PRO C 144 38.27 -8.46 -3.29
N TYR C 145 38.94 -9.60 -3.17
CA TYR C 145 38.51 -10.87 -3.81
C TYR C 145 37.70 -11.80 -2.90
N ALA C 146 36.86 -12.62 -3.53
CA ALA C 146 35.89 -13.49 -2.85
C ALA C 146 36.47 -14.33 -1.71
N TYR C 147 37.69 -14.83 -1.91
CA TYR C 147 38.33 -15.71 -0.95
C TYR C 147 38.83 -14.99 0.32
N SER C 148 38.75 -13.66 0.33
CA SER C 148 39.13 -12.84 1.47
C SER C 148 37.97 -11.99 2.03
N ALA C 149 36.75 -12.50 1.88
CA ALA C 149 35.55 -11.85 2.40
C ALA C 149 35.55 -11.77 3.92
N GLN C 150 35.15 -10.62 4.45
CA GLN C 150 35.01 -10.36 5.88
C GLN C 150 33.98 -11.29 6.55
N ILE C 151 34.31 -11.75 7.75
CA ILE C 151 33.47 -12.72 8.50
C ILE C 151 32.43 -12.05 9.39
N SER C 152 31.21 -12.61 9.37
CA SER C 152 30.08 -12.07 10.14
C SER C 152 28.97 -13.12 10.35
N ALA C 153 28.15 -12.92 11.39
CA ALA C 153 27.02 -13.80 11.68
C ALA C 153 25.84 -13.59 10.73
N LEU C 154 25.72 -12.38 10.19
CA LEU C 154 24.71 -12.07 9.20
C LEU C 154 25.39 -11.74 7.87
N THR C 155 25.31 -12.68 6.92
CA THR C 155 25.93 -12.52 5.61
C THR C 155 25.10 -13.17 4.47
N VAL C 156 24.91 -12.44 3.36
CA VAL C 156 24.16 -12.95 2.19
C VAL C 156 25.13 -13.70 1.27
N ALA C 157 24.75 -14.92 0.90
CA ALA C 157 25.55 -15.79 0.02
C ALA C 157 25.09 -15.76 -1.44
N HIS C 158 26.04 -15.53 -2.35
CA HIS C 158 25.78 -15.42 -3.79
C HIS C 158 25.89 -16.76 -4.54
N GLY C 159 24.86 -17.11 -5.30
CA GLY C 159 24.86 -18.26 -6.20
C GLY C 159 24.64 -19.60 -5.53
N GLU C 160 24.64 -20.67 -6.34
CA GLU C 160 24.48 -22.04 -5.85
C GLU C 160 25.76 -22.64 -5.21
N ARG C 161 26.85 -21.89 -5.25
CA ARG C 161 28.11 -22.29 -4.62
C ARG C 161 28.25 -21.66 -3.24
N PHE C 162 27.43 -20.62 -3.01
CA PHE C 162 27.27 -19.93 -1.72
C PHE C 162 28.50 -19.10 -1.31
N ASP C 163 28.89 -18.17 -2.17
CA ASP C 163 30.02 -17.28 -1.88
C ASP C 163 29.54 -16.07 -1.05
N THR C 164 30.14 -15.88 0.12
CA THR C 164 29.62 -14.92 1.12
C THR C 164 30.25 -13.53 1.05
N GLY C 165 29.49 -12.52 1.45
CA GLY C 165 29.99 -11.14 1.59
C GLY C 165 30.51 -10.47 0.33
N VAL C 166 29.92 -10.81 -0.80
CA VAL C 166 30.36 -10.29 -2.10
C VAL C 166 29.17 -9.75 -2.88
N THR C 167 29.49 -8.92 -3.86
CA THR C 167 28.50 -8.42 -4.81
C THR C 167 29.01 -8.73 -6.22
N GLU C 168 28.10 -8.87 -7.18
CA GLU C 168 28.45 -9.18 -8.56
C GLU C 168 28.49 -7.94 -9.45
N VAL C 169 29.67 -7.63 -9.99
CA VAL C 169 29.92 -6.45 -10.81
C VAL C 169 29.89 -6.80 -12.31
N SER C 170 29.02 -6.11 -13.06
CA SER C 170 28.91 -6.28 -14.51
C SER C 170 29.37 -5.03 -15.26
N VAL C 171 30.30 -5.21 -16.18
CA VAL C 171 30.78 -4.13 -17.04
C VAL C 171 30.51 -4.47 -18.52
N THR C 172 29.77 -3.58 -19.17
CA THR C 172 29.39 -3.75 -20.57
C THR C 172 29.88 -2.56 -21.41
N PRO C 173 30.39 -2.84 -22.64
CA PRO C 173 30.83 -1.76 -23.52
C PRO C 173 29.69 -0.91 -24.10
N ALA C 174 29.97 0.39 -24.27
CA ALA C 174 29.10 1.32 -24.98
C ALA C 174 29.69 1.65 -26.36
N ALA C 175 29.58 2.91 -26.77
CA ALA C 175 30.18 3.36 -28.02
C ALA C 175 31.67 3.57 -27.84
N GLU C 176 32.45 3.22 -28.88
CA GLU C 176 33.90 3.44 -28.88
C GLU C 176 34.23 4.84 -28.39
N GLY C 177 35.15 4.92 -27.43
CA GLY C 177 35.64 6.20 -26.89
C GLY C 177 34.92 6.69 -25.64
N GLU C 178 33.69 6.22 -25.45
CA GLU C 178 32.85 6.64 -24.34
C GLU C 178 33.00 5.70 -23.14
N PRO C 179 32.84 6.23 -21.90
CA PRO C 179 32.94 5.38 -20.70
C PRO C 179 32.06 4.13 -20.78
N ALA C 180 32.53 3.05 -20.16
CA ALA C 180 31.78 1.80 -20.13
C ALA C 180 30.63 1.90 -19.15
N ASP C 181 29.62 1.04 -19.32
CA ASP C 181 28.51 0.96 -18.40
C ASP C 181 28.82 0.00 -17.26
N VAL C 182 28.63 0.45 -16.02
CA VAL C 182 28.89 -0.40 -14.83
C VAL C 182 27.64 -0.65 -13.96
N ASP C 183 27.42 -1.92 -13.63
CA ASP C 183 26.38 -2.31 -12.68
C ASP C 183 27.05 -2.94 -11.46
N LEU C 184 26.59 -2.58 -10.27
CA LEU C 184 27.20 -3.07 -9.03
C LEU C 184 26.53 -4.28 -8.36
N GLY C 185 25.43 -4.77 -8.93
CA GLY C 185 24.73 -5.96 -8.41
C GLY C 185 23.99 -5.69 -7.11
N ALA C 186 24.08 -6.62 -6.16
CA ALA C 186 23.42 -6.47 -4.85
C ALA C 186 23.78 -5.14 -4.15
N ALA C 187 25.01 -4.69 -4.33
CA ALA C 187 25.53 -3.48 -3.65
C ALA C 187 25.26 -2.14 -4.36
N GLU C 188 24.31 -2.12 -5.27
CA GLU C 188 23.84 -0.86 -5.86
C GLU C 188 23.13 -0.04 -4.78
N GLY C 189 23.58 1.20 -4.58
CA GLY C 189 23.03 2.07 -3.52
C GLY C 189 23.64 1.87 -2.15
N TYR C 190 24.55 0.91 -2.06
CA TYR C 190 25.31 0.64 -0.84
C TYR C 190 26.78 1.06 -1.01
N ALA C 191 27.47 0.46 -1.98
CA ALA C 191 28.85 0.80 -2.30
C ALA C 191 28.91 2.02 -3.21
N GLU C 192 30.05 2.71 -3.23
CA GLU C 192 30.23 3.86 -4.10
C GLU C 192 30.93 3.51 -5.41
N LEU C 193 30.56 4.18 -6.49
CA LEU C 193 31.21 3.91 -7.78
C LEU C 193 32.21 4.99 -8.22
N ASP C 194 33.41 4.56 -8.56
CA ASP C 194 34.41 5.38 -9.22
C ASP C 194 34.71 4.78 -10.63
N ASN C 195 33.95 5.22 -11.63
CA ASN C 195 33.98 4.62 -12.97
C ASN C 195 34.82 5.38 -14.00
N ARG C 196 36.12 5.11 -14.03
CA ARG C 196 37.04 5.75 -14.96
C ARG C 196 37.47 4.84 -16.13
N ALA C 197 36.60 3.89 -16.48
CA ALA C 197 36.82 2.99 -17.61
C ALA C 197 36.35 3.58 -18.95
N VAL C 198 37.00 3.13 -20.01
CA VAL C 198 36.70 3.54 -21.37
C VAL C 198 36.30 2.33 -22.24
N THR C 199 35.47 2.57 -23.27
CA THR C 199 35.18 1.58 -24.30
C THR C 199 36.27 1.66 -25.38
N GLY C 200 36.93 0.53 -25.64
CA GLY C 200 38.00 0.48 -26.63
C GLY C 200 37.50 0.34 -28.05
N ALA C 201 38.38 0.59 -29.02
CA ALA C 201 38.10 0.30 -30.42
C ALA C 201 37.84 -1.21 -30.57
N ALA C 202 36.89 -1.57 -31.42
CA ALA C 202 36.54 -2.99 -31.62
C ALA C 202 37.76 -3.80 -32.09
N GLY C 203 38.05 -4.90 -31.41
CA GLY C 203 39.14 -5.79 -31.77
C GLY C 203 40.46 -5.54 -31.04
N SER C 204 40.41 -4.67 -30.04
CA SER C 204 41.62 -4.28 -29.32
C SER C 204 41.80 -5.05 -28.02
N ALA C 205 42.85 -4.68 -27.27
CA ALA C 205 43.18 -5.30 -25.99
C ALA C 205 42.22 -4.95 -24.84
N ASN C 206 41.87 -5.97 -24.07
CA ASN C 206 41.09 -5.80 -22.85
C ASN C 206 41.98 -5.51 -21.63
N THR C 207 42.01 -4.26 -21.18
CA THR C 207 42.85 -3.88 -20.04
C THR C 207 42.04 -3.47 -18.80
N LEU C 208 40.80 -3.95 -18.72
CA LEU C 208 39.88 -3.63 -17.64
C LEU C 208 40.31 -4.17 -16.28
N VAL C 209 40.20 -3.32 -15.26
CA VAL C 209 40.53 -3.67 -13.87
C VAL C 209 39.35 -3.27 -12.96
N ILE C 210 39.01 -4.14 -12.00
CA ILE C 210 37.96 -3.86 -11.01
C ILE C 210 38.51 -4.04 -9.61
N ASP C 211 38.48 -2.96 -8.84
CA ASP C 211 39.18 -2.90 -7.57
C ASP C 211 38.27 -2.38 -6.48
N ARG C 212 38.63 -2.66 -5.23
CA ARG C 212 38.11 -1.94 -4.06
C ARG C 212 39.32 -1.50 -3.23
N PRO C 213 39.75 -0.21 -3.38
CA PRO C 213 40.87 0.36 -2.63
C PRO C 213 40.80 0.08 -1.13
N VAL C 214 41.94 -0.28 -0.54
CA VAL C 214 42.00 -0.76 0.85
C VAL C 214 41.42 0.25 1.84
N GLY C 215 40.50 -0.21 2.68
CA GLY C 215 39.91 0.63 3.70
C GLY C 215 38.78 1.51 3.21
N THR C 216 38.26 1.21 2.01
CA THR C 216 37.11 1.94 1.45
C THR C 216 35.95 0.99 1.17
N ASN C 217 34.77 1.54 0.91
CA ASN C 217 33.63 0.79 0.38
C ASN C 217 33.27 1.34 -0.99
N THR C 218 34.30 1.45 -1.84
CA THR C 218 34.18 2.01 -3.18
C THR C 218 34.68 0.98 -4.20
N ILE C 219 33.87 0.74 -5.24
CA ILE C 219 34.34 -0.06 -6.37
C ILE C 219 34.94 0.88 -7.42
N ALA C 220 36.24 0.72 -7.67
CA ALA C 220 36.95 1.50 -8.67
C ALA C 220 37.28 0.72 -9.96
N VAL C 221 36.67 1.14 -11.07
CA VAL C 221 36.80 0.50 -12.38
C VAL C 221 37.67 1.32 -13.34
N THR C 222 38.79 0.74 -13.77
CA THR C 222 39.71 1.38 -14.73
C THR C 222 40.02 0.49 -15.96
N GLY C 223 40.73 1.05 -16.93
CA GLY C 223 41.17 0.32 -18.11
C GLY C 223 40.32 0.52 -19.35
N SER C 224 40.39 -0.44 -20.27
CA SER C 224 39.68 -0.38 -21.57
C SER C 224 39.00 -1.72 -21.89
N LEU C 225 37.74 -1.66 -22.31
CA LEU C 225 36.98 -2.84 -22.73
C LEU C 225 36.52 -2.71 -24.21
N PRO C 226 36.95 -3.64 -25.09
CA PRO C 226 36.71 -3.54 -26.54
C PRO C 226 35.24 -3.49 -26.91
N ALA C 227 34.88 -2.62 -27.84
CA ALA C 227 33.48 -2.40 -28.20
C ALA C 227 32.76 -3.69 -28.58
N ASP C 228 33.50 -4.64 -29.14
CA ASP C 228 32.94 -5.90 -29.64
C ASP C 228 32.91 -7.02 -28.58
N ALA C 229 33.37 -6.69 -27.37
CA ALA C 229 33.59 -7.68 -26.33
C ALA C 229 32.33 -8.05 -25.53
N ALA C 230 32.26 -9.32 -25.13
CA ALA C 230 31.31 -9.78 -24.13
C ALA C 230 31.47 -8.98 -22.84
N PRO C 231 30.38 -8.77 -22.09
CA PRO C 231 30.47 -8.13 -20.77
C PRO C 231 31.45 -8.84 -19.83
N VAL C 232 32.05 -8.08 -18.92
CA VAL C 232 32.91 -8.66 -17.88
C VAL C 232 32.15 -8.75 -16.56
N THR C 233 32.26 -9.92 -15.92
CA THR C 233 31.54 -10.20 -14.68
C THR C 233 32.50 -10.71 -13.61
N ALA C 234 32.53 -10.03 -12.47
CA ALA C 234 33.38 -10.44 -11.35
C ALA C 234 32.64 -10.30 -10.00
N LEU C 235 33.01 -11.14 -9.03
CA LEU C 235 32.58 -11.00 -7.63
C LEU C 235 33.63 -10.19 -6.88
N ARG C 236 33.20 -9.12 -6.22
CA ARG C 236 34.08 -8.37 -5.32
C ARG C 236 33.48 -8.21 -3.91
N THR C 237 34.33 -8.22 -2.89
CA THR C 237 33.90 -8.03 -1.49
C THR C 237 33.35 -6.61 -1.21
N VAL C 238 32.59 -6.48 -0.12
CA VAL C 238 32.18 -5.17 0.43
C VAL C 238 32.63 -5.05 1.89
N ASP C 239 32.57 -3.83 2.41
CA ASP C 239 32.78 -3.57 3.83
C ASP C 239 31.47 -3.85 4.55
N GLU C 240 31.55 -4.57 5.68
CA GLU C 240 30.38 -4.92 6.50
C GLU C 240 29.29 -5.71 5.74
N PRO C 241 29.45 -7.04 5.64
CA PRO C 241 28.45 -7.91 5.02
C PRO C 241 27.05 -7.81 5.64
N ALA C 242 26.96 -7.51 6.94
CA ALA C 242 25.68 -7.39 7.64
C ALA C 242 24.91 -6.11 7.29
N ALA C 243 25.64 -5.05 6.96
CA ALA C 243 25.01 -3.83 6.46
C ALA C 243 24.48 -3.97 5.03
N LEU C 244 25.07 -4.89 4.25
CA LEU C 244 24.55 -5.21 2.92
C LEU C 244 23.28 -6.04 3.01
N ALA C 245 23.24 -6.96 3.99
CA ALA C 245 22.04 -7.71 4.30
C ALA C 245 20.88 -6.76 4.71
N GLY C 246 21.20 -5.72 5.48
CA GLY C 246 20.22 -4.71 5.90
C GLY C 246 19.67 -3.92 4.72
N HIS C 247 20.58 -3.36 3.92
CA HIS C 247 20.27 -2.74 2.63
C HIS C 247 19.38 -3.64 1.73
N LEU C 248 19.74 -4.91 1.59
CA LEU C 248 18.94 -5.86 0.80
C LEU C 248 17.54 -6.11 1.40
N PHE C 249 17.48 -6.30 2.72
CA PHE C 249 16.23 -6.54 3.43
C PHE C 249 15.21 -5.39 3.34
N GLU C 250 15.69 -4.15 3.37
CA GLU C 250 14.80 -3.00 3.20
C GLU C 250 14.07 -3.02 1.86
N GLU C 251 14.81 -3.37 0.80
CA GLU C 251 14.30 -3.43 -0.56
C GLU C 251 13.35 -4.61 -0.74
N ALA C 252 13.64 -5.71 -0.05
CA ALA C 252 12.77 -6.88 -0.02
C ALA C 252 11.50 -6.57 0.78
N LEU C 253 11.63 -5.70 1.80
CA LEU C 253 10.49 -5.25 2.59
C LEU C 253 9.54 -4.39 1.77
N GLU C 254 10.08 -3.49 0.96
CA GLU C 254 9.24 -2.59 0.16
C GLU C 254 8.60 -3.23 -1.09
N SER C 255 9.25 -4.25 -1.66
CA SER C 255 8.69 -5.04 -2.76
C SER C 255 7.46 -5.84 -2.32
N ASN C 256 7.27 -5.92 -1.01
CA ASN C 256 6.15 -6.61 -0.39
C ASN C 256 5.25 -5.64 0.40
N GLY C 257 5.30 -4.37 0.02
CA GLY C 257 4.41 -3.33 0.56
C GLY C 257 4.52 -3.05 2.04
N VAL C 258 5.76 -2.87 2.50
CA VAL C 258 6.07 -2.50 3.88
C VAL C 258 6.98 -1.28 3.79
N THR C 259 6.58 -0.17 4.40
CA THR C 259 7.34 1.07 4.30
C THR C 259 8.26 1.26 5.50
N VAL C 260 9.53 1.54 5.23
CA VAL C 260 10.54 1.79 6.27
C VAL C 260 10.89 3.28 6.28
N LYS C 261 10.47 3.98 7.33
CA LYS C 261 10.60 5.44 7.40
C LYS C 261 11.96 5.94 7.88
N GLY C 262 12.62 5.16 8.74
CA GLY C 262 13.91 5.56 9.32
C GLY C 262 15.11 5.20 8.45
N ASP C 263 16.27 5.09 9.09
CA ASP C 263 17.52 4.73 8.41
C ASP C 263 17.87 3.26 8.60
N VAL C 264 18.90 2.81 7.90
CA VAL C 264 19.44 1.45 8.02
C VAL C 264 20.84 1.49 8.66
N GLY C 265 21.10 0.58 9.60
CA GLY C 265 22.40 0.49 10.24
C GLY C 265 22.56 -0.78 11.04
N LEU C 266 23.61 -0.83 11.86
CA LEU C 266 23.94 -1.99 12.68
C LEU C 266 23.53 -1.77 14.14
N GLY C 267 23.10 -2.86 14.79
CA GLY C 267 22.70 -2.81 16.20
C GLY C 267 22.20 -4.16 16.69
N GLY C 268 22.27 -4.39 18.00
CA GLY C 268 21.79 -5.64 18.61
C GLY C 268 20.50 -5.47 19.40
N VAL C 269 19.62 -6.47 19.32
CA VAL C 269 18.33 -6.48 20.04
C VAL C 269 18.51 -6.11 21.53
N PRO C 270 17.87 -5.00 21.96
CA PRO C 270 18.06 -4.28 23.24
C PRO C 270 18.23 -5.08 24.53
N ALA C 271 17.39 -6.09 24.77
CA ALA C 271 17.32 -6.74 26.10
C ALA C 271 16.62 -5.83 27.13
N ASP C 272 16.28 -4.62 26.68
CA ASP C 272 15.27 -3.76 27.28
C ASP C 272 13.90 -4.44 27.07
N TRP C 273 13.85 -5.27 26.02
CA TRP C 273 12.64 -5.92 25.53
C TRP C 273 12.27 -7.15 26.34
N GLN C 274 11.05 -7.16 26.86
CA GLN C 274 10.59 -8.19 27.78
C GLN C 274 10.03 -9.41 27.05
N ASP C 275 9.34 -9.16 25.94
CA ASP C 275 8.71 -10.22 25.17
C ASP C 275 8.70 -9.89 23.67
N ALA C 276 9.82 -10.20 23.01
CA ALA C 276 9.98 -9.97 21.58
C ALA C 276 9.02 -10.81 20.77
N GLU C 277 8.39 -10.18 19.80
CA GLU C 277 7.54 -10.85 18.83
C GLU C 277 8.37 -11.20 17.61
N VAL C 278 8.54 -12.50 17.34
CA VAL C 278 9.21 -12.98 16.13
C VAL C 278 8.20 -12.97 14.99
N LEU C 279 8.49 -12.16 13.97
CA LEU C 279 7.57 -11.94 12.85
C LEU C 279 7.89 -12.83 11.64
N ALA C 280 9.16 -13.25 11.53
CA ALA C 280 9.65 -14.06 10.41
C ALA C 280 10.91 -14.86 10.77
N ASP C 281 11.09 -16.04 10.16
CA ASP C 281 12.33 -16.82 10.31
C ASP C 281 12.69 -17.74 9.10
N HIS C 282 13.89 -18.32 9.15
CA HIS C 282 14.37 -19.23 8.10
C HIS C 282 15.35 -20.24 8.68
N THR C 283 15.23 -21.50 8.28
CA THR C 283 16.17 -22.56 8.68
C THR C 283 16.96 -23.09 7.46
N SER C 284 18.29 -23.11 7.59
CA SER C 284 19.17 -23.58 6.53
C SER C 284 19.04 -25.09 6.27
N ALA C 285 19.75 -25.59 5.26
CA ALA C 285 19.92 -27.03 5.07
C ALA C 285 20.77 -27.55 6.22
N GLU C 286 20.84 -28.87 6.35
CA GLU C 286 21.62 -29.51 7.42
C GLU C 286 23.07 -29.56 7.02
N LEU C 287 23.96 -29.49 8.02
CA LEU C 287 25.41 -29.29 7.77
C LEU C 287 26.04 -30.30 6.80
N SER C 288 25.47 -31.50 6.70
CA SER C 288 25.98 -32.54 5.80
C SER C 288 25.77 -32.18 4.32
N GLU C 289 24.78 -31.34 4.06
CA GLU C 289 24.50 -30.85 2.73
C GLU C 289 25.40 -29.63 2.44
N ILE C 290 25.52 -28.74 3.43
CA ILE C 290 26.42 -27.58 3.39
C ILE C 290 27.89 -27.95 3.13
N LEU C 291 28.29 -29.16 3.52
CA LEU C 291 29.67 -29.64 3.32
C LEU C 291 30.10 -29.84 1.86
N VAL C 292 29.14 -30.00 0.96
CA VAL C 292 29.41 -30.23 -0.48
C VAL C 292 29.89 -28.95 -1.20
N PRO C 293 29.07 -27.87 -1.22
CA PRO C 293 29.64 -26.61 -1.74
C PRO C 293 30.94 -26.18 -1.06
N PHE C 294 31.03 -26.34 0.25
CA PHE C 294 32.19 -25.96 1.08
C PHE C 294 33.45 -26.75 0.71
N MET C 295 33.36 -28.09 0.68
CA MET C 295 34.55 -28.90 0.40
C MET C 295 34.88 -29.10 -1.10
N LYS C 296 33.86 -29.26 -1.95
CA LYS C 296 34.10 -29.45 -3.38
C LYS C 296 34.80 -28.27 -4.05
N PHE C 297 34.41 -27.04 -3.70
CA PHE C 297 34.92 -25.84 -4.37
C PHE C 297 35.86 -25.02 -3.47
N SER C 298 36.00 -25.45 -2.22
CA SER C 298 36.91 -24.83 -1.25
C SER C 298 36.50 -23.40 -0.83
N ASN C 299 35.47 -23.32 0.03
CA ASN C 299 34.95 -22.03 0.51
C ASN C 299 35.64 -21.55 1.80
N ASN C 300 36.47 -20.50 1.67
CA ASN C 300 37.18 -19.92 2.82
C ASN C 300 36.24 -19.38 3.90
N GLY C 301 35.20 -18.68 3.45
CA GLY C 301 34.19 -18.10 4.33
C GLY C 301 33.42 -19.10 5.17
N HIS C 302 33.06 -20.24 4.57
CA HIS C 302 32.36 -21.30 5.30
C HIS C 302 33.14 -21.77 6.54
N ALA C 303 34.41 -22.08 6.34
CA ALA C 303 35.30 -22.61 7.37
C ALA C 303 35.49 -21.70 8.59
N GLU C 304 35.63 -20.41 8.33
CA GLU C 304 35.85 -19.42 9.41
C GLU C 304 34.59 -19.21 10.22
N MET C 305 33.46 -19.20 9.51
CA MET C 305 32.14 -19.08 10.12
C MET C 305 31.85 -20.30 11.01
N LEU C 306 32.24 -21.48 10.55
CA LEU C 306 32.08 -22.71 11.32
C LEU C 306 32.99 -22.76 12.55
N VAL C 307 34.20 -22.21 12.43
CA VAL C 307 35.12 -22.09 13.57
C VAL C 307 34.49 -21.25 14.69
N LYS C 308 33.75 -20.21 14.33
CA LYS C 308 33.12 -19.36 15.32
C LYS C 308 31.80 -19.94 15.82
N SER C 309 31.14 -20.72 14.97
CA SER C 309 29.99 -21.52 15.42
C SER C 309 30.49 -22.59 16.40
N ILE C 310 31.69 -23.12 16.15
CA ILE C 310 32.30 -24.09 17.06
C ILE C 310 32.59 -23.44 18.42
N GLY C 311 32.96 -22.16 18.39
CA GLY C 311 33.21 -21.40 19.60
C GLY C 311 31.97 -21.17 20.45
N GLN C 312 30.84 -20.91 19.80
CA GLN C 312 29.57 -20.69 20.51
C GLN C 312 29.05 -21.95 21.21
N GLU C 313 29.18 -23.12 20.58
CA GLU C 313 28.69 -24.37 21.16
C GLU C 313 29.58 -24.87 22.30
N THR C 314 30.84 -24.46 22.27
CA THR C 314 31.92 -25.03 23.07
C THR C 314 32.26 -24.22 24.33
N ALA C 315 32.16 -22.91 24.23
CA ALA C 315 32.57 -22.01 25.30
C ALA C 315 31.71 -20.75 25.36
N GLY C 316 30.69 -20.68 24.50
CA GLY C 316 29.76 -19.56 24.46
C GLY C 316 30.32 -18.24 23.96
N ALA C 317 31.40 -18.32 23.18
CA ALA C 317 32.02 -17.13 22.58
C ALA C 317 32.23 -17.34 21.07
N GLY C 318 31.71 -16.42 20.26
CA GLY C 318 31.84 -16.50 18.80
C GLY C 318 33.05 -15.75 18.28
N THR C 319 34.22 -16.27 18.63
CA THR C 319 35.53 -15.67 18.33
C THR C 319 36.42 -16.73 17.68
N TRP C 320 37.48 -16.27 17.01
CA TRP C 320 38.53 -17.16 16.48
C TRP C 320 39.31 -17.88 17.59
N ASP C 321 39.60 -17.15 18.67
CA ASP C 321 40.36 -17.65 19.82
C ASP C 321 39.69 -18.85 20.50
N ALA C 322 38.40 -18.72 20.79
CA ALA C 322 37.59 -19.80 21.39
C ALA C 322 37.31 -20.98 20.46
N GLY C 323 36.98 -20.70 19.19
CA GLY C 323 36.72 -21.73 18.19
C GLY C 323 37.90 -22.61 17.82
N LEU C 324 39.08 -22.02 17.71
CA LEU C 324 40.31 -22.74 17.40
C LEU C 324 40.75 -23.71 18.53
N VAL C 325 40.46 -23.31 19.77
CA VAL C 325 40.60 -24.17 20.95
C VAL C 325 39.72 -25.42 20.84
N GLY C 326 38.45 -25.21 20.48
CA GLY C 326 37.48 -26.30 20.28
C GLY C 326 37.82 -27.27 19.16
N VAL C 327 38.34 -26.75 18.05
CA VAL C 327 38.87 -27.57 16.94
C VAL C 327 39.91 -28.57 17.45
N GLU C 328 40.89 -28.07 18.20
CA GLU C 328 41.97 -28.85 18.79
C GLU C 328 41.44 -29.95 19.70
N GLU C 329 40.50 -29.59 20.58
CA GLU C 329 39.91 -30.54 21.54
C GLU C 329 39.11 -31.65 20.87
N ALA C 330 38.32 -31.29 19.84
CA ALA C 330 37.59 -32.25 19.03
C ALA C 330 38.52 -33.25 18.32
N LEU C 331 39.63 -32.75 17.77
CA LEU C 331 40.60 -33.60 17.08
C LEU C 331 41.22 -34.63 18.04
N SER C 332 41.77 -34.16 19.16
CA SER C 332 42.28 -35.04 20.23
C SER C 332 41.25 -36.08 20.71
N GLY C 333 40.00 -35.65 20.87
CA GLY C 333 38.89 -36.52 21.29
C GLY C 333 38.49 -37.56 20.25
N LEU C 334 38.94 -37.33 19.02
CA LEU C 334 38.76 -38.26 17.90
C LEU C 334 39.94 -39.23 17.77
N GLY C 335 40.96 -39.06 18.59
CA GLY C 335 42.11 -39.96 18.60
C GLY C 335 43.34 -39.46 17.87
N VAL C 336 43.28 -38.23 17.37
CA VAL C 336 44.38 -37.62 16.62
C VAL C 336 45.39 -36.96 17.57
N ASP C 337 46.68 -37.18 17.31
CA ASP C 337 47.78 -36.52 18.02
C ASP C 337 48.04 -35.12 17.41
N THR C 338 47.85 -34.07 18.22
CA THR C 338 47.89 -32.70 17.72
C THR C 338 49.19 -31.96 18.04
N ALA C 339 50.27 -32.73 18.24
CA ALA C 339 51.57 -32.17 18.62
C ALA C 339 52.17 -31.21 17.59
N GLY C 340 52.11 -31.59 16.32
CA GLY C 340 52.72 -30.82 15.22
C GLY C 340 51.88 -29.73 14.61
N LEU C 341 50.62 -29.62 15.06
CA LEU C 341 49.67 -28.63 14.52
C LEU C 341 49.78 -27.26 15.16
N VAL C 342 49.82 -26.23 14.32
CA VAL C 342 49.70 -24.86 14.79
C VAL C 342 48.48 -24.27 14.07
N LEU C 343 47.43 -23.95 14.82
CA LEU C 343 46.16 -23.51 14.22
C LEU C 343 45.98 -21.99 14.31
N ASN C 344 45.79 -21.35 13.16
CA ASN C 344 45.62 -19.90 13.09
C ASN C 344 44.32 -19.45 12.45
N ASP C 345 43.79 -20.25 11.52
CA ASP C 345 42.45 -20.02 10.94
C ASP C 345 41.72 -21.32 10.56
N GLY C 346 40.49 -21.20 10.09
CA GLY C 346 39.71 -22.37 9.67
C GLY C 346 39.84 -22.75 8.21
N SER C 347 40.22 -21.78 7.38
CA SER C 347 40.22 -21.94 5.91
C SER C 347 41.55 -22.38 5.27
N GLY C 348 42.67 -22.11 5.94
CA GLY C 348 44.00 -22.35 5.34
C GLY C 348 44.68 -21.15 4.69
N LEU C 349 43.94 -20.06 4.47
CA LEU C 349 44.48 -18.80 3.93
C LEU C 349 45.67 -18.27 4.74
N SER C 350 45.59 -18.37 6.06
CA SER C 350 46.63 -17.84 6.95
C SER C 350 47.95 -18.58 6.79
N ARG C 351 49.02 -17.80 6.74
CA ARG C 351 50.38 -18.32 6.62
C ARG C 351 51.01 -18.61 7.98
N GLY C 352 50.22 -18.38 9.03
CA GLY C 352 50.58 -18.78 10.39
C GLY C 352 50.16 -20.21 10.74
N ASN C 353 49.52 -20.90 9.81
CA ASN C 353 49.11 -22.30 10.01
C ASN C 353 50.27 -23.24 9.76
N LEU C 354 50.38 -24.31 10.52
CA LEU C 354 51.33 -25.39 10.20
C LEU C 354 50.70 -26.76 10.38
N VAL C 355 51.19 -27.74 9.62
CA VAL C 355 50.80 -29.15 9.80
C VAL C 355 52.02 -30.03 9.55
N THR C 356 51.87 -31.33 9.78
CA THR C 356 52.79 -32.33 9.24
C THR C 356 51.96 -33.33 8.43
N ALA C 357 52.62 -34.08 7.54
CA ALA C 357 51.96 -35.07 6.70
C ALA C 357 51.53 -36.32 7.47
N ASP C 358 52.24 -36.63 8.56
CA ASP C 358 51.83 -37.67 9.52
C ASP C 358 50.49 -37.29 10.18
N THR C 359 50.37 -36.03 10.63
CA THR C 359 49.13 -35.51 11.25
C THR C 359 47.89 -35.64 10.35
N VAL C 360 48.07 -35.33 9.06
CA VAL C 360 46.99 -35.41 8.08
C VAL C 360 46.56 -36.87 7.85
N VAL C 361 47.54 -37.77 7.74
CA VAL C 361 47.27 -39.19 7.57
C VAL C 361 46.57 -39.82 8.79
N ASP C 362 46.95 -39.39 10.01
CA ASP C 362 46.26 -39.77 11.25
C ASP C 362 44.77 -39.36 11.21
N LEU C 363 44.50 -38.09 10.92
CA LEU C 363 43.13 -37.60 10.74
C LEU C 363 42.35 -38.43 9.72
N LEU C 364 42.95 -38.72 8.56
CA LEU C 364 42.26 -39.47 7.50
C LEU C 364 41.86 -40.87 7.97
N GLY C 365 42.74 -41.52 8.74
CA GLY C 365 42.45 -42.81 9.35
C GLY C 365 41.34 -42.73 10.39
N GLN C 366 41.41 -41.72 11.26
CA GLN C 366 40.41 -41.53 12.32
C GLN C 366 39.03 -41.23 11.77
N ALA C 367 38.96 -40.35 10.77
CA ALA C 367 37.69 -39.91 10.20
C ALA C 367 36.97 -41.02 9.46
N GLY C 368 37.73 -41.94 8.87
CA GLY C 368 37.17 -43.04 8.10
C GLY C 368 36.36 -44.06 8.88
N SER C 369 36.45 -44.00 10.21
CA SER C 369 35.78 -44.96 11.09
C SER C 369 34.79 -44.33 12.06
N ALA C 370 34.58 -43.01 11.94
CA ALA C 370 33.64 -42.28 12.77
C ALA C 370 32.21 -42.52 12.26
N PRO C 371 31.17 -42.26 13.11
CA PRO C 371 29.80 -42.47 12.66
C PRO C 371 29.44 -41.65 11.41
N TRP C 372 30.13 -40.53 11.21
CA TRP C 372 29.86 -39.62 10.10
C TRP C 372 30.78 -39.83 8.90
N ALA C 373 31.29 -41.05 8.73
CA ALA C 373 32.32 -41.34 7.73
C ALA C 373 31.89 -41.13 6.28
N GLN C 374 30.66 -41.49 5.92
CA GLN C 374 30.22 -41.45 4.52
C GLN C 374 29.71 -40.07 4.05
N THR C 375 29.33 -39.22 4.98
CA THR C 375 29.06 -37.80 4.71
C THR C 375 30.37 -37.00 4.61
N TRP C 376 31.45 -37.53 5.20
CA TRP C 376 32.81 -36.99 5.08
C TRP C 376 33.34 -37.23 3.67
N SER C 377 33.19 -38.46 3.18
CA SER C 377 33.64 -38.86 1.83
C SER C 377 32.87 -38.25 0.65
N ALA C 378 31.55 -38.14 0.79
CA ALA C 378 30.69 -37.61 -0.26
C ALA C 378 31.03 -36.16 -0.63
N SER C 379 31.66 -35.43 0.30
CA SER C 379 31.97 -34.01 0.10
C SER C 379 33.38 -33.76 -0.45
N LEU C 380 34.23 -34.79 -0.52
CA LEU C 380 35.56 -34.62 -1.10
C LEU C 380 35.47 -34.68 -2.62
N PRO C 381 36.22 -33.80 -3.33
CA PRO C 381 36.30 -33.84 -4.80
C PRO C 381 36.76 -35.22 -5.34
N VAL C 382 36.11 -35.69 -6.41
CA VAL C 382 36.47 -36.94 -7.08
C VAL C 382 37.26 -36.68 -8.39
N ALA C 383 38.48 -37.22 -8.45
CA ALA C 383 39.36 -37.03 -9.60
C ALA C 383 38.67 -37.24 -10.94
N GLY C 384 38.92 -36.33 -11.88
CA GLY C 384 38.58 -36.49 -13.31
C GLY C 384 37.10 -36.60 -13.67
N GLU C 385 36.25 -36.01 -12.83
CA GLU C 385 34.80 -36.02 -13.04
C GLU C 385 34.34 -34.63 -13.45
N SER C 386 33.72 -34.55 -14.62
CA SER C 386 33.44 -33.26 -15.27
C SER C 386 32.25 -32.47 -14.70
N ASP C 387 31.41 -33.13 -13.91
CA ASP C 387 30.33 -32.45 -13.16
C ASP C 387 30.96 -31.63 -12.03
N PRO C 388 30.86 -30.29 -12.10
CA PRO C 388 31.53 -29.46 -11.10
C PRO C 388 31.22 -29.88 -9.65
N PHE C 389 29.97 -30.24 -9.37
CA PHE C 389 29.55 -30.61 -8.01
C PHE C 389 30.02 -32.01 -7.57
N VAL C 390 30.53 -32.81 -8.51
CA VAL C 390 31.08 -34.14 -8.23
C VAL C 390 32.61 -34.12 -8.23
N GLY C 391 33.21 -33.44 -9.21
CA GLY C 391 34.66 -33.34 -9.35
C GLY C 391 35.32 -32.15 -8.67
N GLY C 392 34.54 -31.10 -8.40
CA GLY C 392 35.05 -29.92 -7.72
C GLY C 392 36.30 -29.35 -8.36
N THR C 393 37.32 -29.06 -7.54
CA THR C 393 38.60 -28.53 -8.02
C THR C 393 39.52 -29.64 -8.55
N LEU C 394 38.99 -30.85 -8.66
CA LEU C 394 39.72 -31.98 -9.24
C LEU C 394 39.16 -32.37 -10.62
N ALA C 395 38.21 -31.60 -11.12
CA ALA C 395 37.43 -31.94 -12.32
C ALA C 395 38.24 -31.99 -13.62
N ASN C 396 39.32 -31.21 -13.71
CA ASN C 396 40.19 -31.18 -14.91
C ASN C 396 41.52 -31.92 -14.78
N ARG C 397 41.68 -32.66 -13.69
CA ARG C 397 42.94 -33.36 -13.40
C ARG C 397 42.75 -34.88 -13.45
N MET C 398 43.79 -35.59 -13.87
CA MET C 398 43.81 -37.06 -13.87
C MET C 398 42.73 -37.76 -14.73
N ARG C 399 42.25 -37.07 -15.76
CA ARG C 399 41.31 -37.69 -16.72
C ARG C 399 41.99 -38.73 -17.58
N GLY C 400 41.38 -39.92 -17.70
CA GLY C 400 41.91 -41.01 -18.54
C GLY C 400 43.07 -41.74 -17.91
N THR C 401 43.25 -41.55 -16.60
CA THR C 401 44.26 -42.26 -15.84
C THR C 401 43.53 -43.25 -14.95
N ALA C 402 44.30 -44.15 -14.33
CA ALA C 402 43.75 -45.15 -13.41
C ALA C 402 42.99 -44.52 -12.23
N ALA C 403 43.13 -43.22 -12.06
CA ALA C 403 42.60 -42.51 -10.90
C ALA C 403 41.29 -41.73 -11.17
N GLU C 404 40.79 -41.78 -12.40
CA GLU C 404 39.51 -41.18 -12.80
C GLU C 404 38.33 -41.92 -12.15
N GLY C 405 37.49 -41.17 -11.42
CA GLY C 405 36.32 -41.71 -10.70
C GLY C 405 36.60 -42.53 -9.45
N VAL C 406 37.85 -42.51 -8.98
CA VAL C 406 38.34 -43.37 -7.90
C VAL C 406 38.92 -42.57 -6.70
N VAL C 407 39.98 -41.80 -6.96
CA VAL C 407 40.66 -41.00 -5.94
C VAL C 407 39.73 -39.89 -5.42
N GLU C 408 39.61 -39.80 -4.09
CA GLU C 408 38.85 -38.72 -3.40
C GLU C 408 39.81 -37.90 -2.55
N ALA C 409 40.06 -36.64 -2.93
CA ALA C 409 41.12 -35.85 -2.32
C ALA C 409 40.81 -34.35 -2.24
N LYS C 410 41.54 -33.66 -1.34
CA LYS C 410 41.36 -32.23 -1.08
C LYS C 410 42.59 -31.43 -1.53
N THR C 411 42.34 -30.32 -2.23
CA THR C 411 43.38 -29.51 -2.87
C THR C 411 43.82 -28.30 -2.01
N GLY C 412 44.74 -27.48 -2.51
CA GLY C 412 45.07 -26.21 -1.85
C GLY C 412 46.31 -25.54 -2.41
N THR C 413 46.15 -24.37 -3.02
CA THR C 413 47.28 -23.66 -3.67
C THR C 413 47.35 -22.15 -3.37
N MET C 414 48.53 -21.73 -2.91
CA MET C 414 48.94 -20.33 -2.78
C MET C 414 50.38 -20.26 -3.32
N SER C 415 50.96 -19.06 -3.31
CA SER C 415 52.39 -18.85 -3.58
C SER C 415 53.33 -19.73 -2.77
N GLY C 416 54.10 -20.56 -3.48
CA GLY C 416 55.08 -21.43 -2.84
C GLY C 416 54.50 -22.54 -1.97
N VAL C 417 53.21 -22.81 -2.12
CA VAL C 417 52.46 -23.75 -1.26
C VAL C 417 51.39 -24.52 -2.06
N SER C 418 51.44 -25.86 -2.05
CA SER C 418 50.47 -26.68 -2.79
C SER C 418 50.32 -28.06 -2.14
N ALA C 419 49.08 -28.56 -2.06
CA ALA C 419 48.82 -29.82 -1.38
C ALA C 419 47.69 -30.66 -1.97
N LEU C 420 47.86 -31.99 -1.90
CA LEU C 420 46.82 -32.97 -2.24
C LEU C 420 46.87 -34.12 -1.24
N SER C 421 45.82 -34.23 -0.41
CA SER C 421 45.67 -35.33 0.56
C SER C 421 44.29 -35.99 0.42
N GLY C 422 44.21 -37.32 0.57
CA GLY C 422 42.93 -38.04 0.43
C GLY C 422 42.92 -39.57 0.54
N TYR C 423 41.98 -40.22 -0.15
CA TYR C 423 41.80 -41.69 -0.13
C TYR C 423 41.91 -42.37 -1.51
N VAL C 424 42.27 -43.65 -1.52
CA VAL C 424 42.31 -44.47 -2.73
C VAL C 424 41.66 -45.85 -2.49
N PRO C 425 40.32 -45.96 -2.70
CA PRO C 425 39.63 -47.24 -2.54
C PRO C 425 40.01 -48.25 -3.62
N GLY C 426 39.85 -49.55 -3.32
CA GLY C 426 40.20 -50.59 -4.26
C GLY C 426 39.72 -51.97 -3.86
N PRO C 427 39.74 -52.93 -4.82
CA PRO C 427 39.45 -54.34 -4.56
C PRO C 427 40.26 -54.87 -3.37
N GLU C 428 41.59 -54.74 -3.44
CA GLU C 428 42.54 -55.12 -2.38
C GLU C 428 42.52 -54.22 -1.11
N GLY C 429 42.86 -52.94 -1.25
CA GLY C 429 42.95 -52.08 -0.06
C GLY C 429 42.74 -50.58 -0.23
N GLU C 430 42.11 -49.98 0.78
CA GLU C 430 41.92 -48.53 0.84
C GLU C 430 43.15 -47.83 1.42
N LEU C 431 43.76 -46.98 0.59
CA LEU C 431 44.97 -46.27 0.95
C LEU C 431 44.60 -44.86 1.42
N ALA C 432 45.44 -44.28 2.26
CA ALA C 432 45.30 -42.89 2.66
C ALA C 432 46.64 -42.20 2.45
N PHE C 433 46.61 -41.06 1.77
CA PHE C 433 47.83 -40.35 1.39
C PHE C 433 47.77 -38.85 1.68
N SER C 434 48.94 -38.25 1.90
CA SER C 434 49.07 -36.80 2.03
C SER C 434 50.34 -36.31 1.34
N ILE C 435 50.20 -35.32 0.45
CA ILE C 435 51.35 -34.66 -0.19
C ILE C 435 51.30 -33.17 0.15
N VAL C 436 52.34 -32.65 0.80
CA VAL C 436 52.43 -31.20 1.09
C VAL C 436 53.72 -30.60 0.53
N ASN C 437 53.58 -29.68 -0.42
CA ASN C 437 54.74 -29.06 -1.09
C ASN C 437 54.94 -27.63 -0.61
N ASN C 438 56.13 -27.33 -0.11
CA ASN C 438 56.49 -25.97 0.29
C ASN C 438 57.83 -25.62 -0.34
N GLY C 439 57.98 -24.37 -0.78
CA GLY C 439 59.28 -23.81 -1.12
C GLY C 439 59.70 -23.77 -2.58
N HIS C 440 58.87 -24.32 -3.46
CA HIS C 440 59.14 -24.36 -4.90
C HIS C 440 59.10 -22.97 -5.54
N SER C 441 59.89 -22.79 -6.59
CA SER C 441 60.06 -21.49 -7.22
C SER C 441 59.08 -21.21 -8.37
N GLY C 442 58.47 -22.27 -8.91
CA GLY C 442 57.60 -22.14 -10.07
C GLY C 442 56.11 -22.17 -9.77
N PRO C 443 55.28 -22.36 -10.82
CA PRO C 443 53.85 -22.64 -10.65
C PRO C 443 53.66 -23.91 -9.82
N ALA C 444 52.49 -24.04 -9.21
CA ALA C 444 52.11 -25.20 -8.41
C ALA C 444 52.49 -26.51 -9.10
N PRO C 445 53.13 -27.44 -8.36
CA PRO C 445 53.49 -28.71 -8.98
C PRO C 445 52.32 -29.70 -9.01
N LEU C 446 51.24 -29.33 -9.70
CA LEU C 446 50.01 -30.14 -9.72
C LEU C 446 50.23 -31.50 -10.36
N ALA C 447 51.17 -31.57 -11.29
CA ALA C 447 51.37 -32.76 -12.14
C ALA C 447 52.21 -33.86 -11.47
N VAL C 448 53.15 -33.44 -10.62
CA VAL C 448 53.84 -34.36 -9.70
C VAL C 448 52.83 -35.01 -8.74
N GLN C 449 51.94 -34.18 -8.19
CA GLN C 449 50.84 -34.62 -7.32
C GLN C 449 49.94 -35.65 -7.99
N ASP C 450 49.52 -35.36 -9.22
CA ASP C 450 48.69 -36.24 -10.04
C ASP C 450 49.37 -37.59 -10.30
N ALA C 451 50.68 -37.57 -10.53
CA ALA C 451 51.46 -38.77 -10.84
C ALA C 451 51.54 -39.76 -9.67
N ILE C 452 51.67 -39.24 -8.45
CA ILE C 452 51.67 -40.07 -7.24
C ILE C 452 50.26 -40.64 -6.98
N ALA C 453 49.25 -39.78 -7.09
CA ALA C 453 47.86 -40.22 -7.02
C ALA C 453 47.56 -41.33 -8.04
N VAL C 454 48.01 -41.16 -9.28
CA VAL C 454 47.82 -42.18 -10.33
C VAL C 454 48.56 -43.48 -10.02
N ARG C 455 49.79 -43.36 -9.49
CA ARG C 455 50.59 -44.53 -9.12
C ARG C 455 49.93 -45.36 -8.00
N LEU C 456 49.54 -44.69 -6.91
CA LEU C 456 48.81 -45.35 -5.82
C LEU C 456 47.50 -46.03 -6.27
N ALA C 457 46.85 -45.48 -7.29
CA ALA C 457 45.65 -46.09 -7.91
C ALA C 457 45.95 -47.41 -8.63
N GLU C 458 47.10 -47.48 -9.32
CA GLU C 458 47.61 -48.71 -9.92
C GLU C 458 47.86 -49.81 -8.88
N TYR C 459 48.64 -49.47 -7.85
CA TYR C 459 48.98 -50.38 -6.76
C TYR C 459 47.74 -50.99 -6.12
N ALA C 460 46.66 -50.20 -6.03
CA ALA C 460 45.40 -50.63 -5.43
C ALA C 460 44.49 -51.46 -6.36
N GLY C 461 44.93 -51.68 -7.60
CA GLY C 461 44.25 -52.59 -8.53
C GLY C 461 43.37 -51.98 -9.60
N HIS C 462 43.57 -50.70 -9.90
CA HIS C 462 42.75 -50.02 -10.90
C HIS C 462 43.45 -49.86 -12.25
N GLN C 463 42.65 -49.77 -13.31
CA GLN C 463 43.16 -49.53 -14.67
C GLN C 463 42.42 -48.35 -15.30
N ALA C 464 43.06 -47.69 -16.26
CA ALA C 464 42.48 -46.56 -16.97
C ALA C 464 41.09 -46.88 -17.53
N PRO C 465 40.09 -46.00 -17.30
CA PRO C 465 38.72 -46.29 -17.73
C PRO C 465 38.56 -46.17 -19.25
N GLU C 466 37.55 -46.63 -19.81
N ARG D 1 -4.68 -6.37 -33.14
CA ARG D 1 -4.11 -7.70 -33.47
C ARG D 1 -4.85 -8.84 -32.76
N LEU D 2 -5.43 -8.52 -31.59
CA LEU D 2 -6.16 -9.49 -30.76
C LEU D 2 -7.47 -10.00 -31.38
N THR D 3 -8.23 -9.10 -32.00
CA THR D 3 -9.48 -9.47 -32.69
C THR D 3 -9.17 -10.40 -33.84
N GLU D 4 -8.10 -10.11 -34.57
CA GLU D 4 -7.56 -10.99 -35.60
C GLU D 4 -7.10 -12.34 -35.04
N LEU D 5 -6.37 -12.31 -33.91
CA LEU D 5 -5.92 -13.53 -33.22
C LEU D 5 -7.09 -14.45 -32.86
N ARG D 6 -8.12 -13.89 -32.23
CA ARG D 6 -9.33 -14.65 -31.86
C ARG D 6 -10.07 -15.20 -33.07
N GLU D 7 -10.26 -14.35 -34.08
CA GLU D 7 -10.87 -14.77 -35.35
C GLU D 7 -10.10 -15.96 -35.93
N ASP D 8 -8.76 -15.88 -35.86
CA ASP D 8 -7.87 -16.92 -36.37
C ASP D 8 -7.96 -18.25 -35.62
N ILE D 9 -8.05 -18.21 -34.29
CA ILE D 9 -8.21 -19.44 -33.50
C ILE D 9 -9.60 -20.07 -33.65
N ASP D 10 -10.63 -19.22 -33.70
CA ASP D 10 -12.01 -19.64 -34.00
C ASP D 10 -12.08 -20.45 -35.29
N ALA D 11 -11.49 -19.91 -36.35
CA ALA D 11 -11.38 -20.58 -37.66
C ALA D 11 -10.67 -21.95 -37.61
N ILE D 12 -9.66 -22.07 -36.75
CA ILE D 12 -8.92 -23.32 -36.57
C ILE D 12 -9.78 -24.42 -35.94
N LEU D 13 -10.55 -24.06 -34.91
CA LEU D 13 -11.40 -25.02 -34.19
C LEU D 13 -12.66 -25.46 -34.98
N GLU D 14 -12.71 -25.14 -36.27
CA GLU D 14 -13.81 -25.57 -37.16
C GLU D 14 -13.37 -26.71 -38.10
N ASP D 15 -12.09 -27.07 -38.02
CA ASP D 15 -11.51 -28.19 -38.76
C ASP D 15 -12.29 -29.50 -38.57
N PRO D 16 -12.61 -30.20 -39.67
CA PRO D 16 -13.37 -31.45 -39.59
C PRO D 16 -12.81 -32.55 -38.67
N ALA D 17 -11.53 -32.49 -38.32
CA ALA D 17 -10.90 -33.47 -37.41
C ALA D 17 -11.49 -33.43 -35.99
N LEU D 18 -12.04 -32.28 -35.60
CA LEU D 18 -12.74 -32.10 -34.32
C LEU D 18 -14.26 -32.37 -34.41
N GLU D 19 -14.66 -33.18 -35.39
CA GLU D 19 -16.04 -33.69 -35.51
C GLU D 19 -16.50 -34.46 -34.26
N GLY D 20 -17.43 -33.84 -33.53
CA GLY D 20 -18.02 -34.45 -32.34
C GLY D 20 -17.19 -34.32 -31.08
N ALA D 21 -16.06 -33.63 -31.18
CA ALA D 21 -15.14 -33.48 -30.06
C ALA D 21 -15.57 -32.30 -29.19
N VAL D 22 -15.25 -32.35 -27.90
CA VAL D 22 -15.35 -31.17 -27.02
C VAL D 22 -13.94 -30.64 -26.73
N SER D 23 -13.73 -29.34 -26.91
CA SER D 23 -12.39 -28.77 -26.83
C SER D 23 -12.28 -27.55 -25.90
N GLY D 24 -11.60 -27.73 -24.77
CA GLY D 24 -11.28 -26.62 -23.88
C GLY D 24 -10.00 -25.97 -24.32
N VAL D 25 -10.07 -24.68 -24.67
CA VAL D 25 -8.93 -23.89 -25.16
C VAL D 25 -8.92 -22.54 -24.43
N VAL D 26 -7.83 -22.25 -23.73
CA VAL D 26 -7.71 -21.06 -22.86
C VAL D 26 -6.31 -20.43 -23.03
N VAL D 27 -6.26 -19.12 -23.24
CA VAL D 27 -5.00 -18.37 -23.37
C VAL D 27 -5.00 -17.14 -22.46
N VAL D 28 -3.98 -17.04 -21.61
CA VAL D 28 -3.84 -15.96 -20.63
C VAL D 28 -2.47 -15.28 -20.74
N ASP D 29 -2.44 -13.96 -20.51
CA ASP D 29 -1.16 -13.26 -20.40
C ASP D 29 -0.63 -13.31 -18.97
N THR D 30 0.53 -13.95 -18.80
CA THR D 30 1.20 -14.12 -17.51
C THR D 30 1.52 -12.79 -16.78
N ALA D 31 1.92 -11.79 -17.55
CA ALA D 31 2.29 -10.47 -17.02
C ALA D 31 1.12 -9.71 -16.41
N THR D 32 -0.02 -9.70 -17.11
CA THR D 32 -1.22 -8.97 -16.67
C THR D 32 -2.26 -9.85 -15.96
N GLY D 33 -2.36 -11.12 -16.37
CA GLY D 33 -3.44 -12.01 -15.93
C GLY D 33 -4.65 -11.94 -16.85
N GLU D 34 -4.53 -11.10 -17.88
CA GLU D 34 -5.58 -10.93 -18.88
C GLU D 34 -5.86 -12.22 -19.65
N GLU D 35 -7.15 -12.47 -19.85
CA GLU D 35 -7.61 -13.62 -20.59
C GLU D 35 -7.73 -13.25 -22.06
N LEU D 36 -6.84 -13.79 -22.90
CA LEU D 36 -6.81 -13.45 -24.33
C LEU D 36 -7.75 -14.32 -25.19
N TYR D 37 -7.90 -15.59 -24.81
CA TYR D 37 -8.84 -16.50 -25.48
C TYR D 37 -9.45 -17.49 -24.48
N SER D 38 -10.72 -17.82 -24.66
CA SER D 38 -11.43 -18.74 -23.76
C SER D 38 -12.66 -19.41 -24.41
N ARG D 39 -12.65 -20.74 -24.45
CA ARG D 39 -13.78 -21.53 -24.95
C ARG D 39 -13.92 -22.86 -24.20
N ASP D 40 -15.08 -23.08 -23.58
CA ASP D 40 -15.36 -24.28 -22.78
C ASP D 40 -14.25 -24.59 -21.76
N GLY D 41 -13.84 -23.55 -21.03
CA GLY D 41 -12.71 -23.62 -20.13
C GLY D 41 -12.99 -24.28 -18.79
N GLY D 42 -14.27 -24.48 -18.51
CA GLY D 42 -14.72 -25.13 -17.28
C GLY D 42 -15.28 -26.53 -17.49
N GLU D 43 -15.10 -27.06 -18.70
CA GLU D 43 -15.58 -28.39 -19.07
C GLU D 43 -14.63 -29.49 -18.60
N GLN D 44 -15.17 -30.43 -17.81
CA GLN D 44 -14.36 -31.52 -17.24
C GLN D 44 -13.97 -32.56 -18.30
N LEU D 45 -12.67 -32.64 -18.58
CA LEU D 45 -12.17 -33.46 -19.67
C LEU D 45 -10.98 -34.33 -19.24
N LEU D 46 -10.71 -35.39 -20.00
CA LEU D 46 -9.60 -36.30 -19.74
C LEU D 46 -8.25 -35.64 -20.06
N PRO D 47 -7.28 -35.71 -19.14
CA PRO D 47 -6.00 -35.03 -19.33
C PRO D 47 -4.91 -35.82 -20.11
N ALA D 48 -5.00 -37.15 -20.14
CA ALA D 48 -3.87 -37.99 -20.52
C ALA D 48 -2.60 -37.54 -19.76
N SER D 49 -1.44 -37.44 -20.42
CA SER D 49 -0.18 -37.10 -19.69
C SER D 49 -0.06 -35.66 -19.17
N ASN D 50 -0.97 -34.76 -19.55
CA ASN D 50 -0.96 -33.40 -19.00
C ASN D 50 -1.13 -33.41 -17.50
N MET D 51 -1.64 -34.53 -17.00
CA MET D 51 -1.69 -34.85 -15.57
C MET D 51 -0.34 -34.79 -14.88
N LYS D 52 0.73 -35.12 -15.59
CA LYS D 52 2.09 -35.07 -15.02
C LYS D 52 2.44 -33.64 -14.59
N LEU D 53 1.72 -32.65 -15.11
CA LEU D 53 1.91 -31.25 -14.71
C LEU D 53 1.57 -31.08 -13.24
N PHE D 54 0.43 -31.65 -12.84
CA PHE D 54 -0.05 -31.58 -11.46
C PHE D 54 0.84 -32.34 -10.47
N THR D 55 1.25 -33.55 -10.86
CA THR D 55 2.15 -34.41 -10.09
C THR D 55 3.51 -33.80 -9.84
N ALA D 56 4.11 -33.24 -10.90
CA ALA D 56 5.43 -32.61 -10.84
C ALA D 56 5.43 -31.38 -9.96
N ALA D 57 4.36 -30.59 -10.02
CA ALA D 57 4.19 -29.44 -9.13
C ALA D 57 4.14 -29.89 -7.67
N ALA D 58 3.33 -30.91 -7.38
CA ALA D 58 3.20 -31.40 -6.00
C ALA D 58 4.49 -32.03 -5.47
N ALA D 59 5.25 -32.73 -6.32
CA ALA D 59 6.49 -33.38 -5.87
C ALA D 59 7.59 -32.36 -5.51
N LEU D 60 7.48 -31.15 -6.04
CA LEU D 60 8.46 -30.09 -5.79
C LEU D 60 8.15 -29.34 -4.51
N GLU D 61 6.86 -29.11 -4.25
CA GLU D 61 6.36 -28.53 -3.01
C GLU D 61 6.63 -29.44 -1.80
N VAL D 62 6.32 -30.73 -1.94
CA VAL D 62 6.36 -31.69 -0.84
C VAL D 62 7.75 -32.22 -0.58
N LEU D 63 8.43 -32.66 -1.64
CA LEU D 63 9.78 -33.19 -1.48
C LEU D 63 10.87 -32.12 -1.51
N GLY D 64 10.76 -31.13 -2.40
CA GLY D 64 11.79 -30.09 -2.55
C GLY D 64 12.71 -30.37 -3.74
N ALA D 65 13.24 -29.32 -4.36
CA ALA D 65 14.06 -29.49 -5.56
C ALA D 65 15.37 -30.26 -5.33
N ASP D 66 15.91 -30.20 -4.11
CA ASP D 66 17.16 -30.90 -3.82
C ASP D 66 16.99 -32.19 -3.01
N HIS D 67 15.90 -32.90 -3.27
CA HIS D 67 15.60 -34.19 -2.63
C HIS D 67 16.22 -35.33 -3.44
N SER D 68 16.82 -36.29 -2.75
CA SER D 68 17.41 -37.46 -3.40
C SER D 68 16.88 -38.77 -2.82
N PHE D 69 17.10 -39.88 -3.53
CA PHE D 69 16.61 -41.18 -3.09
C PHE D 69 17.76 -42.15 -2.85
N GLY D 70 17.64 -42.97 -1.81
CA GLY D 70 18.70 -43.88 -1.44
C GLY D 70 18.35 -45.35 -1.55
N THR D 71 19.40 -46.16 -1.70
CA THR D 71 19.33 -47.63 -1.73
C THR D 71 20.44 -48.13 -0.81
N GLU D 72 20.20 -49.25 -0.13
CA GLU D 72 21.13 -49.80 0.88
C GLU D 72 21.34 -51.31 0.77
N VAL D 73 22.42 -51.81 1.37
CA VAL D 73 22.64 -53.24 1.56
C VAL D 73 22.97 -53.50 3.03
N ALA D 74 22.22 -54.41 3.66
CA ALA D 74 22.34 -54.64 5.10
C ALA D 74 22.49 -56.11 5.51
N ALA D 75 23.28 -56.35 6.55
CA ALA D 75 23.39 -57.67 7.20
C ALA D 75 23.11 -57.52 8.71
N GLU D 76 22.90 -58.63 9.41
CA GLU D 76 22.55 -58.59 10.84
C GLU D 76 23.60 -57.89 11.70
N SER D 77 24.87 -58.16 11.36
CA SER D 77 26.02 -57.44 11.89
C SER D 77 27.22 -57.60 10.96
N ALA D 78 28.28 -56.84 11.22
CA ALA D 78 29.53 -56.87 10.44
C ALA D 78 30.01 -58.30 10.16
N PRO D 79 30.70 -58.52 9.03
CA PRO D 79 31.34 -59.82 8.84
C PRO D 79 32.55 -60.00 9.78
N GLY D 80 33.03 -61.24 9.90
CA GLY D 80 34.21 -61.54 10.70
C GLY D 80 35.51 -61.55 9.91
N ARG D 81 36.58 -62.00 10.57
CA ARG D 81 37.91 -62.21 9.95
C ARG D 81 37.85 -63.13 8.72
N ARG D 82 37.00 -64.17 8.78
CA ARG D 82 36.77 -65.07 7.65
C ARG D 82 35.78 -64.52 6.58
N GLY D 83 35.16 -63.37 6.88
CA GLY D 83 34.31 -62.67 5.91
C GLY D 83 33.01 -63.36 5.55
N GLU D 84 32.32 -63.89 6.56
CA GLU D 84 31.05 -64.57 6.35
C GLU D 84 29.91 -63.78 6.96
N VAL D 85 28.81 -63.71 6.22
CA VAL D 85 27.52 -63.24 6.74
C VAL D 85 26.50 -64.36 6.50
N GLN D 86 25.33 -64.30 7.13
CA GLN D 86 24.26 -65.25 6.80
C GLN D 86 23.41 -64.75 5.64
N ASP D 87 22.38 -63.95 5.94
CA ASP D 87 21.50 -63.39 4.93
C ASP D 87 21.86 -61.93 4.62
N LEU D 88 21.46 -61.46 3.43
CA LEU D 88 21.80 -60.10 2.96
C LEU D 88 20.57 -59.47 2.32
N TYR D 89 20.41 -58.16 2.49
CA TYR D 89 19.23 -57.45 2.00
C TYR D 89 19.60 -56.26 1.12
N LEU D 90 19.02 -56.23 -0.08
CA LEU D 90 19.06 -55.04 -0.94
C LEU D 90 17.81 -54.24 -0.65
N VAL D 91 17.98 -53.09 -0.01
CA VAL D 91 16.84 -52.26 0.41
C VAL D 91 16.67 -51.04 -0.49
N GLY D 92 15.60 -51.04 -1.28
CA GLY D 92 15.25 -49.92 -2.16
C GLY D 92 14.21 -48.96 -1.57
N ARG D 93 14.46 -47.66 -1.73
CA ARG D 93 13.54 -46.64 -1.21
C ARG D 93 13.07 -45.62 -2.25
N GLY D 94 12.63 -46.11 -3.40
CA GLY D 94 11.98 -45.28 -4.42
C GLY D 94 12.88 -44.46 -5.33
N ASP D 95 14.09 -44.95 -5.58
CA ASP D 95 14.98 -44.34 -6.58
C ASP D 95 14.46 -44.72 -7.98
N PRO D 96 14.02 -43.72 -8.78
CA PRO D 96 13.55 -44.05 -10.12
C PRO D 96 14.66 -44.06 -11.20
N THR D 97 15.92 -43.97 -10.79
CA THR D 97 17.07 -43.92 -11.71
C THR D 97 18.19 -44.91 -11.34
N LEU D 98 17.82 -46.05 -10.76
CA LEU D 98 18.80 -47.05 -10.32
C LEU D 98 19.32 -47.93 -11.47
N SER D 99 20.56 -47.72 -11.89
CA SER D 99 21.12 -48.48 -13.02
C SER D 99 21.73 -49.82 -12.63
N ALA D 100 22.08 -50.64 -13.63
CA ALA D 100 22.77 -51.91 -13.39
C ALA D 100 24.24 -51.67 -12.99
N GLU D 101 24.77 -50.51 -13.36
CA GLU D 101 26.12 -50.10 -12.96
C GLU D 101 26.13 -49.62 -11.52
N ASP D 102 25.04 -48.96 -11.11
CA ASP D 102 24.79 -48.61 -9.73
C ASP D 102 24.79 -49.86 -8.82
N LEU D 103 24.14 -50.93 -9.28
CA LEU D 103 24.16 -52.20 -8.56
C LEU D 103 25.58 -52.75 -8.42
N ASP D 104 26.37 -52.65 -9.48
CA ASP D 104 27.76 -53.11 -9.52
C ASP D 104 28.66 -52.42 -8.47
N ALA D 105 28.60 -51.09 -8.44
CA ALA D 105 29.34 -50.25 -7.49
C ALA D 105 29.06 -50.59 -6.02
N MET D 106 27.80 -50.90 -5.70
CA MET D 106 27.39 -51.41 -4.39
C MET D 106 27.91 -52.83 -4.10
N ALA D 107 28.04 -53.66 -5.14
CA ALA D 107 28.61 -55.00 -4.97
C ALA D 107 30.14 -54.95 -4.72
N ALA D 108 30.77 -53.90 -5.27
CA ALA D 108 32.19 -53.62 -5.02
C ALA D 108 32.40 -53.08 -3.61
N GLU D 109 31.36 -52.50 -3.03
CA GLU D 109 31.41 -52.00 -1.67
C GLU D 109 31.24 -53.14 -0.65
N VAL D 110 30.24 -53.99 -0.87
CA VAL D 110 30.03 -55.20 -0.07
C VAL D 110 31.31 -56.03 0.07
N ALA D 111 32.16 -56.02 -0.97
CA ALA D 111 33.47 -56.70 -0.92
C ALA D 111 34.52 -55.89 -0.13
N ALA D 112 34.55 -54.57 -0.34
CA ALA D 112 35.46 -53.67 0.36
C ALA D 112 35.25 -53.66 1.88
N SER D 113 34.00 -53.85 2.30
CA SER D 113 33.66 -53.93 3.72
C SER D 113 34.06 -55.28 4.32
N GLY D 114 34.49 -56.22 3.48
CA GLY D 114 35.13 -57.45 3.94
C GLY D 114 34.36 -58.75 3.79
N VAL D 115 33.24 -58.73 3.05
CA VAL D 115 32.42 -59.93 2.83
C VAL D 115 32.99 -60.77 1.66
N ARG D 116 33.12 -62.08 1.87
CA ARG D 116 33.64 -62.99 0.86
C ARG D 116 32.61 -64.04 0.45
N THR D 117 31.67 -64.30 1.36
CA THR D 117 30.71 -65.38 1.23
C THR D 117 29.42 -65.00 1.94
N VAL D 118 28.31 -65.04 1.20
CA VAL D 118 26.99 -64.90 1.77
C VAL D 118 26.48 -66.33 1.97
N ARG D 119 26.52 -66.79 3.21
CA ARG D 119 26.21 -68.19 3.56
C ARG D 119 24.73 -68.56 3.39
N GLY D 120 23.82 -67.62 3.65
CA GLY D 120 22.39 -67.88 3.51
C GLY D 120 21.74 -67.36 2.24
N ASP D 121 20.53 -66.82 2.37
CA ASP D 121 19.74 -66.36 1.23
C ASP D 121 19.84 -64.84 0.98
N LEU D 122 19.79 -64.43 -0.30
CA LEU D 122 19.73 -63.01 -0.67
C LEU D 122 18.26 -62.57 -0.86
N TYR D 123 17.91 -61.44 -0.25
CA TYR D 123 16.52 -60.96 -0.29
C TYR D 123 16.43 -59.55 -0.89
N ALA D 124 15.38 -59.34 -1.69
CA ALA D 124 15.07 -58.02 -2.26
C ALA D 124 13.89 -57.35 -1.53
N ASP D 125 14.17 -56.22 -0.90
CA ASP D 125 13.24 -55.53 -0.01
C ASP D 125 12.65 -54.28 -0.70
N ASP D 126 11.38 -54.36 -1.10
CA ASP D 126 10.69 -53.23 -1.72
C ASP D 126 9.52 -52.68 -0.88
N THR D 127 9.57 -52.95 0.43
CA THR D 127 8.46 -52.66 1.36
C THR D 127 8.31 -51.20 1.78
N TRP D 128 9.15 -50.32 1.23
CA TRP D 128 9.02 -48.86 1.41
C TRP D 128 7.71 -48.37 0.79
N PHE D 129 7.30 -48.98 -0.33
CA PHE D 129 5.96 -48.80 -0.93
C PHE D 129 5.12 -50.08 -0.71
N ASP D 130 3.80 -49.97 -0.86
CA ASP D 130 2.92 -51.14 -0.85
C ASP D 130 3.16 -51.97 -2.11
N SER D 131 2.50 -53.11 -2.22
CA SER D 131 2.75 -53.98 -3.34
C SER D 131 1.56 -54.03 -4.30
N GLU D 132 0.92 -52.88 -4.50
CA GLU D 132 -0.09 -52.73 -5.54
C GLU D 132 0.60 -52.19 -6.79
N ARG D 133 0.75 -53.08 -7.77
CA ARG D 133 1.58 -52.89 -8.96
C ARG D 133 0.94 -52.00 -10.01
N LEU D 134 -0.39 -52.02 -10.04
CA LEU D 134 -1.13 -51.40 -11.12
C LEU D 134 -2.37 -50.69 -10.55
N VAL D 135 -2.84 -49.67 -11.25
CA VAL D 135 -4.05 -48.96 -10.84
C VAL D 135 -5.25 -49.78 -11.26
N ASP D 136 -6.28 -49.79 -10.40
CA ASP D 136 -7.56 -50.47 -10.65
C ASP D 136 -7.98 -50.50 -12.14
N ASP D 137 -8.22 -49.33 -12.74
CA ASP D 137 -8.85 -49.22 -14.07
C ASP D 137 -7.92 -49.17 -15.31
N TRP D 138 -6.64 -49.51 -15.12
CA TRP D 138 -5.71 -49.72 -16.24
C TRP D 138 -6.13 -50.94 -17.06
N TRP D 139 -5.83 -50.96 -18.36
CA TRP D 139 -6.21 -52.10 -19.21
C TRP D 139 -5.14 -53.20 -19.30
N PRO D 140 -5.50 -54.45 -18.97
CA PRO D 140 -4.59 -55.61 -19.00
C PRO D 140 -3.80 -55.81 -20.28
N GLU D 141 -4.34 -55.35 -21.42
CA GLU D 141 -3.72 -55.55 -22.72
C GLU D 141 -2.57 -54.57 -22.95
N ASP D 142 -2.50 -53.55 -22.11
CA ASP D 142 -1.44 -52.53 -22.18
C ASP D 142 -0.17 -52.96 -21.46
N GLU D 143 -0.28 -53.96 -20.58
CA GLU D 143 0.76 -54.37 -19.63
C GLU D 143 2.14 -54.76 -20.16
N PRO D 144 2.23 -55.38 -21.37
CA PRO D 144 3.59 -55.70 -21.84
C PRO D 144 4.46 -54.51 -22.29
N TYR D 145 3.93 -53.29 -22.31
CA TYR D 145 4.68 -52.15 -22.83
C TYR D 145 5.23 -51.22 -21.75
N ALA D 146 6.40 -50.64 -22.02
CA ALA D 146 7.22 -49.89 -21.06
C ALA D 146 6.46 -48.85 -20.21
N TYR D 147 5.45 -48.21 -20.79
CA TYR D 147 4.67 -47.18 -20.09
C TYR D 147 3.64 -47.74 -19.08
N SER D 148 3.45 -49.06 -19.08
CA SER D 148 2.47 -49.73 -18.21
C SER D 148 3.19 -50.65 -17.22
N ALA D 149 4.46 -50.35 -16.94
CA ALA D 149 5.29 -51.12 -16.01
C ALA D 149 4.77 -51.07 -14.56
N GLN D 150 5.01 -52.15 -13.83
CA GLN D 150 4.55 -52.34 -12.47
C GLN D 150 5.30 -51.42 -11.52
N ILE D 151 4.65 -50.99 -10.45
CA ILE D 151 5.23 -50.00 -9.54
C ILE D 151 5.82 -50.59 -8.26
N SER D 152 7.13 -50.42 -8.10
CA SER D 152 7.85 -50.92 -6.93
C SER D 152 8.83 -49.89 -6.39
N ALA D 153 9.11 -49.96 -5.09
CA ALA D 153 10.13 -49.14 -4.43
C ALA D 153 11.57 -49.50 -4.84
N LEU D 154 11.79 -50.77 -5.22
CA LEU D 154 13.08 -51.25 -5.70
C LEU D 154 12.95 -51.65 -7.17
N THR D 155 13.43 -50.78 -8.06
CA THR D 155 13.31 -51.01 -9.49
C THR D 155 14.60 -50.65 -10.25
N VAL D 156 14.98 -51.48 -11.22
CA VAL D 156 16.16 -51.21 -12.06
C VAL D 156 15.76 -50.39 -13.30
N ALA D 157 16.46 -49.28 -13.54
CA ALA D 157 16.20 -48.41 -14.69
C ALA D 157 17.18 -48.61 -15.86
N HIS D 158 16.62 -48.73 -17.07
CA HIS D 158 17.37 -48.92 -18.30
C HIS D 158 17.72 -47.61 -19.03
N GLY D 159 18.96 -47.53 -19.54
CA GLY D 159 19.40 -46.45 -20.42
C GLY D 159 19.53 -45.09 -19.78
N GLU D 160 19.91 -44.09 -20.58
CA GLU D 160 20.04 -42.71 -20.08
C GLU D 160 18.67 -42.05 -19.84
N ARG D 161 17.62 -42.67 -20.37
CA ARG D 161 16.24 -42.16 -20.28
C ARG D 161 15.53 -42.65 -19.03
N PHE D 162 16.13 -43.64 -18.39
CA PHE D 162 15.71 -44.20 -17.10
C PHE D 162 14.34 -44.90 -17.10
N ASP D 163 14.15 -45.84 -18.02
CA ASP D 163 12.91 -46.63 -18.09
C ASP D 163 12.93 -47.82 -17.16
N THR D 164 12.06 -47.79 -16.13
CA THR D 164 12.05 -48.80 -15.04
C THR D 164 11.22 -50.08 -15.33
N GLY D 165 11.55 -51.17 -14.66
CA GLY D 165 10.78 -52.43 -14.70
C GLY D 165 10.76 -53.21 -15.99
N VAL D 166 11.64 -52.86 -16.91
CA VAL D 166 11.67 -53.45 -18.25
C VAL D 166 12.98 -54.17 -18.54
N THR D 167 12.96 -54.99 -19.60
CA THR D 167 14.17 -55.56 -20.17
C THR D 167 14.21 -55.19 -21.64
N GLU D 168 15.40 -55.05 -22.22
CA GLU D 168 15.51 -54.89 -23.66
C GLU D 168 15.66 -56.26 -24.36
N VAL D 169 14.67 -56.59 -25.18
CA VAL D 169 14.67 -57.78 -26.02
C VAL D 169 15.21 -57.44 -27.41
N SER D 170 15.93 -58.38 -28.02
CA SER D 170 16.62 -58.14 -29.25
C SER D 170 16.54 -59.33 -30.21
N VAL D 171 16.03 -59.10 -31.42
CA VAL D 171 15.87 -60.18 -32.41
C VAL D 171 16.80 -60.04 -33.63
N THR D 172 17.62 -61.07 -33.86
CA THR D 172 18.54 -61.16 -34.99
C THR D 172 18.15 -62.33 -35.92
N PRO D 173 17.88 -62.03 -37.21
CA PRO D 173 17.49 -63.07 -38.18
C PRO D 173 18.62 -64.00 -38.62
N ALA D 174 18.29 -65.25 -38.98
CA ALA D 174 19.21 -66.14 -39.68
C ALA D 174 19.05 -65.97 -41.21
N ALA D 175 19.04 -67.06 -41.97
CA ALA D 175 18.72 -66.98 -43.40
C ALA D 175 17.27 -67.42 -43.62
N GLU D 176 16.75 -67.22 -44.83
CA GLU D 176 15.43 -67.69 -45.20
C GLU D 176 15.15 -69.11 -44.68
N GLY D 177 13.99 -69.26 -44.04
CA GLY D 177 13.48 -70.58 -43.63
C GLY D 177 13.92 -71.02 -42.26
N GLU D 178 15.04 -70.47 -41.81
CA GLU D 178 15.60 -70.77 -40.50
C GLU D 178 14.94 -69.94 -39.38
N PRO D 179 15.05 -70.39 -38.10
CA PRO D 179 14.58 -69.62 -36.93
C PRO D 179 15.44 -68.42 -36.54
N ALA D 180 14.79 -67.40 -35.97
CA ALA D 180 15.48 -66.20 -35.48
C ALA D 180 16.10 -66.39 -34.07
N ASP D 181 17.13 -65.61 -33.78
CA ASP D 181 17.80 -65.60 -32.48
C ASP D 181 17.26 -64.47 -31.63
N VAL D 182 16.70 -64.81 -30.46
CA VAL D 182 16.22 -63.81 -29.49
C VAL D 182 17.13 -63.76 -28.23
N ASP D 183 17.63 -62.57 -27.91
CA ASP D 183 18.29 -62.31 -26.62
C ASP D 183 17.33 -61.53 -25.72
N LEU D 184 17.35 -61.84 -24.42
CA LEU D 184 16.40 -61.27 -23.44
C LEU D 184 16.89 -60.03 -22.66
N GLY D 185 18.15 -59.67 -22.82
CA GLY D 185 18.77 -58.53 -22.11
C GLY D 185 19.00 -58.80 -20.64
N ALA D 186 18.65 -57.83 -19.79
CA ALA D 186 18.80 -57.96 -18.34
C ALA D 186 17.96 -59.09 -17.71
N ALA D 187 16.81 -59.40 -18.30
CA ALA D 187 15.93 -60.45 -17.76
C ALA D 187 16.34 -61.89 -18.13
N GLU D 188 17.55 -62.06 -18.67
CA GLU D 188 18.09 -63.36 -19.06
C GLU D 188 18.42 -64.20 -17.82
N GLY D 189 17.75 -65.34 -17.69
CA GLY D 189 17.90 -66.21 -16.51
C GLY D 189 16.89 -65.91 -15.40
N TYR D 190 16.10 -64.85 -15.59
CA TYR D 190 15.01 -64.50 -14.67
C TYR D 190 13.65 -64.79 -15.31
N ALA D 191 13.42 -64.23 -16.50
CA ALA D 191 12.21 -64.47 -17.28
C ALA D 191 12.37 -65.68 -18.19
N GLU D 192 11.25 -66.31 -18.53
CA GLU D 192 11.25 -67.44 -19.48
C GLU D 192 11.05 -66.94 -20.92
N LEU D 193 11.56 -67.71 -21.87
CA LEU D 193 11.45 -67.37 -23.30
C LEU D 193 10.65 -68.41 -24.08
N ASP D 194 9.67 -67.95 -24.86
CA ASP D 194 8.98 -68.80 -25.80
C ASP D 194 9.16 -68.25 -27.22
N ASN D 195 10.22 -68.70 -27.90
CA ASN D 195 10.55 -68.22 -29.26
C ASN D 195 10.01 -69.10 -30.40
N ARG D 196 8.97 -68.59 -31.07
CA ARG D 196 8.35 -69.29 -32.19
C ARG D 196 8.65 -68.61 -33.52
N ALA D 197 9.38 -67.50 -33.47
CA ALA D 197 9.68 -66.66 -34.64
C ALA D 197 10.59 -67.34 -35.67
N VAL D 198 10.26 -67.21 -36.94
CA VAL D 198 11.13 -67.64 -38.04
C VAL D 198 11.74 -66.46 -38.82
N THR D 199 12.56 -66.79 -39.81
CA THR D 199 13.11 -65.82 -40.73
C THR D 199 12.43 -65.99 -42.07
N GLY D 200 12.05 -64.87 -42.69
CA GLY D 200 11.49 -64.88 -44.04
C GLY D 200 12.56 -64.55 -45.07
N ALA D 201 12.19 -64.64 -46.34
CA ALA D 201 13.04 -64.27 -47.46
C ALA D 201 13.30 -62.76 -47.45
N ALA D 202 14.44 -62.33 -47.99
CA ALA D 202 14.76 -60.91 -48.08
C ALA D 202 13.65 -60.13 -48.79
N GLY D 203 13.29 -58.96 -48.25
CA GLY D 203 12.22 -58.13 -48.83
C GLY D 203 10.79 -58.64 -48.66
N SER D 204 10.62 -59.71 -47.89
CA SER D 204 9.28 -60.26 -47.60
C SER D 204 8.56 -59.44 -46.51
N ALA D 205 7.28 -59.75 -46.30
CA ALA D 205 6.45 -59.04 -45.31
C ALA D 205 6.83 -59.35 -43.86
N ASN D 206 7.00 -58.28 -43.09
CA ASN D 206 7.37 -58.31 -41.67
C ASN D 206 6.14 -58.52 -40.76
N THR D 207 5.99 -59.73 -40.24
CA THR D 207 4.86 -60.07 -39.37
C THR D 207 5.31 -60.34 -37.91
N LEU D 208 6.35 -59.64 -37.45
CA LEU D 208 6.95 -59.95 -36.14
C LEU D 208 6.20 -59.35 -34.95
N VAL D 209 5.97 -60.19 -33.94
CA VAL D 209 5.31 -59.78 -32.69
C VAL D 209 6.09 -60.26 -31.47
N ILE D 210 6.19 -59.40 -30.45
CA ILE D 210 6.81 -59.74 -29.17
C ILE D 210 5.85 -59.39 -28.03
N ASP D 211 5.39 -60.43 -27.33
CA ASP D 211 4.36 -60.31 -26.29
C ASP D 211 4.91 -60.76 -24.92
N ARG D 212 4.14 -60.45 -23.87
CA ARG D 212 4.19 -61.14 -22.56
C ARG D 212 2.76 -61.39 -22.07
N PRO D 213 2.24 -62.62 -22.27
CA PRO D 213 0.87 -62.97 -21.85
C PRO D 213 0.52 -62.52 -20.42
N VAL D 214 -0.73 -62.12 -20.18
CA VAL D 214 -1.17 -61.63 -18.84
C VAL D 214 -0.97 -62.62 -17.70
N GLY D 215 -0.38 -62.14 -16.62
CA GLY D 215 -0.22 -62.95 -15.43
C GLY D 215 0.91 -63.96 -15.46
N THR D 216 1.75 -63.91 -16.50
CA THR D 216 2.93 -64.78 -16.60
C THR D 216 4.23 -63.97 -16.54
N ASN D 217 5.38 -64.64 -16.46
CA ASN D 217 6.68 -63.98 -16.62
C ASN D 217 7.46 -64.58 -17.80
N THR D 218 6.77 -64.67 -18.94
CA THR D 218 7.26 -65.34 -20.15
C THR D 218 7.21 -64.37 -21.32
N ILE D 219 8.33 -64.25 -22.03
CA ILE D 219 8.40 -63.44 -23.25
C ILE D 219 8.06 -64.32 -24.44
N ALA D 220 6.92 -64.05 -25.09
CA ALA D 220 6.42 -64.88 -26.21
C ALA D 220 6.53 -64.23 -27.61
N VAL D 221 7.48 -64.74 -28.42
CA VAL D 221 7.77 -64.17 -29.74
C VAL D 221 7.22 -65.04 -30.88
N THR D 222 6.50 -64.40 -31.82
CA THR D 222 5.89 -65.09 -32.97
C THR D 222 6.12 -64.32 -34.29
N GLY D 223 5.82 -64.96 -35.42
CA GLY D 223 5.80 -64.25 -36.71
C GLY D 223 7.07 -64.41 -37.51
N SER D 224 7.24 -63.56 -38.53
CA SER D 224 8.36 -63.63 -39.47
C SER D 224 9.15 -62.31 -39.64
N LEU D 225 10.47 -62.37 -39.43
CA LEU D 225 11.36 -61.23 -39.71
C LEU D 225 12.20 -61.48 -40.98
N PRO D 226 12.18 -60.54 -41.95
CA PRO D 226 12.96 -60.65 -43.19
C PRO D 226 14.46 -60.81 -42.96
N ALA D 227 15.09 -61.64 -43.79
CA ALA D 227 16.53 -61.89 -43.73
C ALA D 227 17.39 -60.61 -43.77
N ASP D 228 16.94 -59.61 -44.51
CA ASP D 228 17.74 -58.38 -44.70
C ASP D 228 17.29 -57.19 -43.85
N ALA D 229 16.30 -57.42 -43.00
CA ALA D 229 15.87 -56.42 -42.02
C ALA D 229 16.95 -56.28 -40.95
N ALA D 230 17.19 -55.04 -40.54
CA ALA D 230 18.05 -54.74 -39.40
C ALA D 230 17.52 -55.44 -38.12
N PRO D 231 18.43 -55.92 -37.26
CA PRO D 231 18.05 -56.49 -35.97
C PRO D 231 17.12 -55.58 -35.15
N VAL D 232 16.11 -56.20 -34.54
CA VAL D 232 15.06 -55.49 -33.79
C VAL D 232 15.46 -55.39 -32.31
N THR D 233 15.24 -54.23 -31.69
CA THR D 233 15.36 -54.07 -30.23
C THR D 233 14.11 -53.41 -29.65
N ALA D 234 13.57 -53.97 -28.57
CA ALA D 234 12.28 -53.58 -27.98
C ALA D 234 12.25 -53.73 -26.46
N LEU D 235 11.71 -52.73 -25.77
CA LEU D 235 11.54 -52.78 -24.31
C LEU D 235 10.26 -53.54 -23.93
N ARG D 236 10.42 -54.55 -23.08
CA ARG D 236 9.30 -55.32 -22.55
C ARG D 236 9.34 -55.38 -21.02
N THR D 237 8.18 -55.26 -20.39
CA THR D 237 8.07 -55.34 -18.93
C THR D 237 8.25 -56.76 -18.43
N VAL D 238 8.64 -56.89 -17.15
CA VAL D 238 8.69 -58.17 -16.44
C VAL D 238 7.70 -58.14 -15.27
N ASP D 239 7.45 -59.32 -14.68
CA ASP D 239 6.74 -59.42 -13.40
C ASP D 239 7.72 -59.28 -12.27
N GLU D 240 7.33 -58.51 -11.25
CA GLU D 240 8.14 -58.30 -10.05
C GLU D 240 9.46 -57.58 -10.32
N PRO D 241 9.42 -56.26 -10.61
CA PRO D 241 10.67 -55.49 -10.81
C PRO D 241 11.77 -55.76 -9.76
N ALA D 242 11.39 -55.82 -8.47
CA ALA D 242 12.32 -55.98 -7.35
C ALA D 242 13.05 -57.32 -7.32
N ALA D 243 12.39 -58.37 -7.80
CA ALA D 243 12.99 -59.69 -7.90
C ALA D 243 13.98 -59.73 -9.07
N LEU D 244 13.68 -59.00 -10.15
CA LEU D 244 14.68 -58.81 -11.19
C LEU D 244 15.91 -58.09 -10.61
N ALA D 245 15.69 -57.03 -9.83
CA ALA D 245 16.79 -56.32 -9.17
C ALA D 245 17.65 -57.24 -8.29
N GLY D 246 17.00 -58.18 -7.60
CA GLY D 246 17.70 -59.22 -6.82
C GLY D 246 18.55 -60.13 -7.70
N HIS D 247 17.97 -60.57 -8.81
CA HIS D 247 18.69 -61.33 -9.84
C HIS D 247 19.96 -60.63 -10.36
N LEU D 248 19.82 -59.39 -10.82
CA LEU D 248 20.95 -58.59 -11.29
C LEU D 248 22.00 -58.32 -10.20
N PHE D 249 21.58 -58.37 -8.93
CA PHE D 249 22.49 -58.15 -7.81
C PHE D 249 23.31 -59.38 -7.40
N GLU D 250 22.71 -60.58 -7.46
CA GLU D 250 23.49 -61.81 -7.30
C GLU D 250 24.62 -61.85 -8.32
N GLU D 251 24.28 -61.56 -9.58
CA GLU D 251 25.24 -61.54 -10.68
C GLU D 251 26.38 -60.54 -10.47
N ALA D 252 26.02 -59.34 -10.01
CA ALA D 252 27.00 -58.29 -9.68
C ALA D 252 27.91 -58.73 -8.54
N LEU D 253 27.32 -59.38 -7.53
CA LEU D 253 28.06 -59.88 -6.36
C LEU D 253 29.08 -60.96 -6.72
N GLU D 254 28.71 -61.86 -7.63
CA GLU D 254 29.62 -62.95 -8.03
C GLU D 254 30.80 -62.43 -8.86
N SER D 255 30.63 -61.26 -9.49
CA SER D 255 31.67 -60.62 -10.31
C SER D 255 32.68 -59.81 -9.49
N ASN D 256 32.40 -59.65 -8.21
CA ASN D 256 33.27 -58.92 -7.30
C ASN D 256 33.84 -59.82 -6.21
N GLY D 257 33.78 -61.13 -6.45
CA GLY D 257 34.32 -62.13 -5.53
C GLY D 257 33.50 -62.38 -4.27
N VAL D 258 32.18 -62.31 -4.39
CA VAL D 258 31.28 -62.69 -3.30
C VAL D 258 30.36 -63.82 -3.79
N THR D 259 30.53 -65.03 -3.23
CA THR D 259 29.68 -66.17 -3.58
C THR D 259 28.40 -66.14 -2.74
N VAL D 260 27.26 -66.29 -3.42
CA VAL D 260 25.95 -66.43 -2.77
C VAL D 260 25.55 -67.92 -2.77
N LYS D 261 25.40 -68.51 -1.58
CA LYS D 261 25.15 -69.97 -1.41
C LYS D 261 23.68 -70.39 -1.42
N GLY D 262 22.78 -69.49 -1.06
CA GLY D 262 21.33 -69.78 -0.99
C GLY D 262 20.55 -69.30 -2.19
N ASP D 263 19.28 -68.95 -1.97
CA ASP D 263 18.37 -68.54 -3.04
C ASP D 263 18.07 -67.04 -3.05
N VAL D 264 17.54 -66.53 -4.17
CA VAL D 264 17.11 -65.12 -4.27
C VAL D 264 15.58 -64.99 -4.27
N GLY D 265 15.06 -64.10 -3.42
CA GLY D 265 13.62 -63.87 -3.35
C GLY D 265 13.25 -62.57 -2.69
N LEU D 266 11.94 -62.39 -2.47
CA LEU D 266 11.38 -61.19 -1.86
C LEU D 266 11.21 -61.37 -0.34
N GLY D 267 11.43 -60.30 0.41
CA GLY D 267 11.34 -60.28 1.87
C GLY D 267 11.94 -59.04 2.51
N GLY D 268 11.29 -58.52 3.55
CA GLY D 268 11.78 -57.33 4.25
C GLY D 268 12.70 -57.62 5.43
N VAL D 269 13.49 -56.62 5.84
CA VAL D 269 14.41 -56.71 6.98
C VAL D 269 13.61 -57.02 8.25
N PRO D 270 13.88 -58.19 8.88
CA PRO D 270 13.10 -58.86 9.93
C PRO D 270 12.35 -58.06 11.01
N ALA D 271 12.94 -56.95 11.48
CA ALA D 271 12.35 -56.10 12.54
C ALA D 271 12.98 -56.31 13.91
N ASP D 272 13.37 -57.55 14.21
CA ASP D 272 14.10 -57.86 15.45
C ASP D 272 15.62 -57.67 15.32
N TRP D 273 16.05 -56.99 14.26
CA TRP D 273 17.45 -56.64 14.02
C TRP D 273 17.71 -55.22 14.57
N GLN D 274 18.21 -55.14 15.80
CA GLN D 274 18.36 -53.83 16.48
C GLN D 274 19.55 -52.96 16.06
N ASP D 275 20.68 -53.58 15.71
CA ASP D 275 21.85 -52.84 15.22
C ASP D 275 22.31 -53.37 13.85
N ALA D 276 21.51 -53.12 12.82
CA ALA D 276 21.78 -53.66 11.48
C ALA D 276 22.98 -53.01 10.79
N GLU D 277 23.79 -53.85 10.16
CA GLU D 277 25.04 -53.40 9.53
C GLU D 277 24.86 -53.06 8.05
N VAL D 278 25.00 -51.77 7.75
CA VAL D 278 24.91 -51.27 6.39
C VAL D 278 26.26 -51.46 5.70
N LEU D 279 26.28 -52.32 4.69
CA LEU D 279 27.51 -52.70 3.99
C LEU D 279 27.77 -51.85 2.73
N ALA D 280 26.70 -51.38 2.09
CA ALA D 280 26.79 -50.58 0.87
C ALA D 280 25.59 -49.65 0.77
N ASP D 281 25.79 -48.50 0.10
CA ASP D 281 24.68 -47.61 -0.26
C ASP D 281 24.88 -46.76 -1.53
N HIS D 282 23.79 -46.16 -2.00
CA HIS D 282 23.78 -45.30 -3.19
C HIS D 282 22.82 -44.14 -2.96
N THR D 283 23.16 -42.96 -3.49
CA THR D 283 22.30 -41.78 -3.42
C THR D 283 22.13 -41.18 -4.81
N SER D 284 20.87 -41.05 -5.24
CA SER D 284 20.57 -40.66 -6.62
C SER D 284 20.89 -39.18 -6.87
N ALA D 285 20.71 -38.75 -8.13
CA ALA D 285 20.78 -37.33 -8.45
C ALA D 285 19.61 -36.64 -7.73
N GLU D 286 19.71 -35.33 -7.52
CA GLU D 286 18.62 -34.58 -6.89
C GLU D 286 17.38 -34.47 -7.80
N LEU D 287 16.21 -34.19 -7.22
CA LEU D 287 14.93 -34.21 -7.95
C LEU D 287 14.83 -33.26 -9.15
N SER D 288 15.58 -32.17 -9.13
CA SER D 288 15.59 -31.23 -10.24
C SER D 288 16.22 -31.81 -11.50
N GLU D 289 17.18 -32.71 -11.32
CA GLU D 289 17.83 -33.42 -12.42
C GLU D 289 16.93 -34.52 -12.99
N ILE D 290 16.20 -35.20 -12.11
CA ILE D 290 15.31 -36.31 -12.48
C ILE D 290 14.05 -35.82 -13.22
N LEU D 291 13.63 -34.58 -12.95
CA LEU D 291 12.48 -33.97 -13.62
C LEU D 291 12.64 -33.90 -15.14
N VAL D 292 13.86 -33.65 -15.61
CA VAL D 292 14.17 -33.58 -17.05
C VAL D 292 13.77 -34.87 -17.84
N PRO D 293 14.44 -36.03 -17.60
CA PRO D 293 14.03 -37.19 -18.39
C PRO D 293 12.58 -37.65 -18.15
N PHE D 294 12.04 -37.30 -16.98
CA PHE D 294 10.68 -37.65 -16.59
C PHE D 294 9.63 -36.87 -17.41
N MET D 295 9.78 -35.55 -17.46
CA MET D 295 8.85 -34.67 -18.19
C MET D 295 9.15 -34.54 -19.70
N LYS D 296 10.41 -34.69 -20.11
CA LYS D 296 10.76 -34.62 -21.52
C LYS D 296 10.13 -35.76 -22.31
N PHE D 297 10.21 -36.97 -21.74
CA PHE D 297 9.79 -38.19 -22.41
C PHE D 297 8.46 -38.78 -21.92
N SER D 298 7.85 -38.14 -20.92
CA SER D 298 6.57 -38.56 -20.38
C SER D 298 6.65 -39.95 -19.70
N ASN D 299 7.62 -40.11 -18.79
CA ASN D 299 7.83 -41.36 -18.04
C ASN D 299 6.73 -41.66 -17.02
N ASN D 300 5.93 -42.70 -17.28
CA ASN D 300 4.79 -43.06 -16.43
C ASN D 300 5.19 -43.61 -15.05
N GLY D 301 6.25 -44.41 -15.01
CA GLY D 301 6.79 -44.98 -13.77
C GLY D 301 7.34 -43.93 -12.82
N HIS D 302 8.17 -43.03 -13.36
CA HIS D 302 8.66 -41.86 -12.61
C HIS D 302 7.50 -41.19 -11.87
N ALA D 303 6.41 -40.95 -12.59
CA ALA D 303 5.19 -40.30 -12.06
C ALA D 303 4.51 -40.99 -10.89
N GLU D 304 4.26 -42.29 -10.99
CA GLU D 304 3.58 -43.07 -9.94
C GLU D 304 4.47 -43.37 -8.72
N MET D 305 5.77 -43.54 -8.96
CA MET D 305 6.75 -43.64 -7.89
C MET D 305 6.86 -42.34 -7.07
N LEU D 306 6.75 -41.19 -7.75
CA LEU D 306 6.77 -39.88 -7.07
C LEU D 306 5.50 -39.64 -6.25
N VAL D 307 4.37 -40.18 -6.73
CA VAL D 307 3.11 -40.16 -5.95
C VAL D 307 3.24 -40.93 -4.63
N LYS D 308 3.82 -42.12 -4.68
CA LYS D 308 3.97 -42.91 -3.48
C LYS D 308 4.99 -42.34 -2.50
N SER D 309 6.04 -41.68 -3.04
CA SER D 309 6.99 -40.88 -2.26
C SER D 309 6.32 -39.75 -1.49
N ILE D 310 5.36 -39.08 -2.12
CA ILE D 310 4.58 -38.01 -1.45
C ILE D 310 3.72 -38.58 -0.30
N GLY D 311 3.07 -39.72 -0.53
CA GLY D 311 2.31 -40.39 0.53
C GLY D 311 3.15 -40.87 1.71
N GLN D 312 4.44 -41.06 1.47
CA GLN D 312 5.37 -41.44 2.53
C GLN D 312 5.78 -40.25 3.38
N GLU D 313 6.05 -39.12 2.73
CA GLU D 313 6.45 -37.91 3.44
C GLU D 313 5.30 -37.30 4.25
N THR D 314 4.06 -37.42 3.76
CA THR D 314 2.92 -36.72 4.37
C THR D 314 2.02 -37.55 5.31
N ALA D 315 2.09 -38.87 5.16
CA ALA D 315 1.18 -39.77 5.83
C ALA D 315 1.87 -41.07 6.29
N GLY D 316 3.11 -41.29 5.86
CA GLY D 316 3.93 -42.41 6.33
C GLY D 316 3.64 -43.76 5.71
N ALA D 317 3.05 -43.74 4.51
CA ALA D 317 2.67 -44.93 3.76
C ALA D 317 2.87 -44.70 2.27
N GLY D 318 3.49 -45.65 1.59
CA GLY D 318 3.73 -45.56 0.16
C GLY D 318 2.58 -46.14 -0.65
N THR D 319 1.48 -45.40 -0.70
CA THR D 319 0.25 -45.85 -1.38
C THR D 319 -0.30 -44.75 -2.30
N TRP D 320 -1.17 -45.15 -3.24
CA TRP D 320 -1.91 -44.23 -4.10
C TRP D 320 -2.94 -43.41 -3.31
N ASP D 321 -3.55 -44.01 -2.28
CA ASP D 321 -4.54 -43.34 -1.43
C ASP D 321 -3.97 -42.16 -0.67
N ALA D 322 -2.79 -42.38 -0.08
CA ALA D 322 -2.09 -41.37 0.67
C ALA D 322 -1.51 -40.31 -0.26
N GLY D 323 -0.83 -40.76 -1.31
CA GLY D 323 -0.17 -39.89 -2.27
C GLY D 323 -1.07 -38.95 -3.04
N LEU D 324 -2.20 -39.47 -3.52
CA LEU D 324 -3.17 -38.64 -4.23
C LEU D 324 -3.77 -37.51 -3.35
N VAL D 325 -4.03 -37.80 -2.07
CA VAL D 325 -4.46 -36.79 -1.07
C VAL D 325 -3.37 -35.71 -0.92
N GLY D 326 -2.12 -36.14 -0.85
CA GLY D 326 -0.97 -35.24 -0.83
C GLY D 326 -0.89 -34.29 -2.02
N VAL D 327 -1.05 -34.85 -3.22
CA VAL D 327 -1.07 -34.04 -4.45
C VAL D 327 -2.16 -32.97 -4.42
N GLU D 328 -3.39 -33.34 -4.06
CA GLU D 328 -4.49 -32.38 -4.00
C GLU D 328 -4.19 -31.29 -2.96
N GLU D 329 -3.71 -31.71 -1.78
CA GLU D 329 -3.39 -30.78 -0.69
C GLU D 329 -2.23 -29.82 -0.98
N ALA D 330 -1.16 -30.36 -1.58
CA ALA D 330 -0.03 -29.55 -2.06
C ALA D 330 -0.45 -28.47 -3.07
N LEU D 331 -1.46 -28.80 -3.87
CA LEU D 331 -1.96 -27.93 -4.92
C LEU D 331 -2.76 -26.74 -4.41
N SER D 332 -3.62 -26.99 -3.41
CA SER D 332 -4.35 -25.93 -2.74
C SER D 332 -3.45 -24.95 -1.95
N GLY D 333 -2.34 -25.44 -1.41
CA GLY D 333 -1.39 -24.59 -0.70
C GLY D 333 -0.52 -23.75 -1.62
N LEU D 334 -0.44 -24.17 -2.87
CA LEU D 334 0.26 -23.44 -3.90
C LEU D 334 -0.65 -22.36 -4.51
N GLY D 335 -1.95 -22.50 -4.29
CA GLY D 335 -2.92 -21.49 -4.71
C GLY D 335 -3.85 -21.89 -5.83
N VAL D 336 -3.77 -23.16 -6.24
CA VAL D 336 -4.61 -23.70 -7.32
C VAL D 336 -5.99 -24.07 -6.75
N ASP D 337 -7.05 -23.69 -7.48
CA ASP D 337 -8.42 -24.08 -7.16
C ASP D 337 -8.70 -25.46 -7.75
N THR D 338 -8.80 -26.45 -6.87
CA THR D 338 -8.81 -27.87 -7.25
C THR D 338 -10.22 -28.46 -7.35
N ALA D 339 -11.24 -27.59 -7.44
CA ALA D 339 -12.64 -27.99 -7.46
C ALA D 339 -13.04 -28.84 -8.66
N GLY D 340 -12.47 -28.55 -9.83
CA GLY D 340 -12.79 -29.29 -11.04
C GLY D 340 -11.87 -30.48 -11.32
N LEU D 341 -10.95 -30.73 -10.41
CA LEU D 341 -9.91 -31.75 -10.56
C LEU D 341 -10.38 -33.08 -9.96
N VAL D 342 -9.99 -34.19 -10.59
CA VAL D 342 -10.30 -35.55 -10.11
C VAL D 342 -9.06 -36.44 -10.32
N LEU D 343 -8.55 -37.06 -9.25
CA LEU D 343 -7.23 -37.73 -9.29
C LEU D 343 -7.31 -39.24 -9.09
N ASN D 344 -6.83 -39.99 -10.07
CA ASN D 344 -6.84 -41.45 -9.98
C ASN D 344 -5.44 -42.05 -10.08
N ASP D 345 -4.51 -41.26 -10.62
CA ASP D 345 -3.07 -41.57 -10.61
C ASP D 345 -2.25 -40.32 -10.93
N GLY D 346 -0.92 -40.46 -10.94
CA GLY D 346 -0.03 -39.32 -11.22
C GLY D 346 0.40 -39.14 -12.66
N SER D 347 0.40 -40.23 -13.43
CA SER D 347 0.89 -40.22 -14.81
C SER D 347 -0.13 -39.80 -15.87
N GLY D 348 -1.42 -39.88 -15.56
CA GLY D 348 -2.45 -39.69 -16.57
C GLY D 348 -2.85 -40.93 -17.38
N LEU D 349 -2.23 -42.08 -17.13
CA LEU D 349 -2.62 -43.33 -17.82
C LEU D 349 -4.10 -43.71 -17.60
N SER D 350 -4.55 -43.56 -16.35
CA SER D 350 -5.93 -43.84 -15.94
C SER D 350 -6.99 -42.95 -16.58
N ARG D 351 -8.07 -43.57 -17.05
CA ARG D 351 -9.25 -42.87 -17.58
C ARG D 351 -10.23 -42.39 -16.49
N GLY D 352 -9.81 -42.49 -15.23
CA GLY D 352 -10.56 -41.96 -14.10
C GLY D 352 -10.16 -40.54 -13.68
N ASN D 353 -9.31 -39.91 -14.49
CA ASN D 353 -8.80 -38.56 -14.23
C ASN D 353 -9.61 -37.50 -14.99
N LEU D 354 -9.86 -36.36 -14.34
CA LEU D 354 -10.46 -35.18 -14.99
C LEU D 354 -9.73 -33.89 -14.63
N VAL D 355 -9.59 -33.02 -15.63
CA VAL D 355 -9.10 -31.64 -15.47
C VAL D 355 -10.05 -30.70 -16.21
N THR D 356 -9.81 -29.39 -16.09
CA THR D 356 -10.41 -28.39 -16.95
C THR D 356 -9.27 -27.55 -17.51
N ALA D 357 -9.50 -26.85 -18.62
CA ALA D 357 -8.47 -25.97 -19.17
C ALA D 357 -8.11 -24.81 -18.22
N ASP D 358 -9.12 -24.19 -17.60
CA ASP D 358 -8.92 -23.12 -16.60
C ASP D 358 -8.01 -23.54 -15.45
N THR D 359 -8.10 -24.82 -15.07
CA THR D 359 -7.34 -25.38 -13.96
C THR D 359 -5.87 -25.55 -14.35
N VAL D 360 -5.62 -26.09 -15.55
CA VAL D 360 -4.24 -26.20 -16.08
C VAL D 360 -3.57 -24.82 -16.15
N VAL D 361 -4.25 -23.87 -16.82
CA VAL D 361 -3.79 -22.48 -16.92
C VAL D 361 -3.59 -21.86 -15.53
N ASP D 362 -4.50 -22.12 -14.59
CA ASP D 362 -4.34 -21.72 -13.19
C ASP D 362 -3.01 -22.23 -12.61
N LEU D 363 -2.69 -23.50 -12.86
CA LEU D 363 -1.43 -24.14 -12.40
C LEU D 363 -0.18 -23.55 -13.08
N LEU D 364 -0.31 -23.24 -14.36
CA LEU D 364 0.79 -22.71 -15.15
C LEU D 364 1.25 -21.33 -14.68
N GLY D 365 0.30 -20.53 -14.20
CA GLY D 365 0.56 -19.21 -13.61
C GLY D 365 1.24 -19.30 -12.26
N GLN D 366 0.76 -20.20 -11.40
CA GLN D 366 1.29 -20.36 -10.05
C GLN D 366 2.70 -20.96 -10.01
N ALA D 367 2.98 -21.85 -10.98
CA ALA D 367 4.31 -22.44 -11.14
C ALA D 367 5.33 -21.40 -11.61
N GLY D 368 4.90 -20.48 -12.48
CA GLY D 368 5.76 -19.41 -13.02
C GLY D 368 6.33 -18.52 -11.92
N SER D 369 5.59 -18.40 -10.83
CA SER D 369 5.95 -17.53 -9.72
C SER D 369 6.43 -18.26 -8.45
N ALA D 370 6.69 -19.56 -8.56
CA ALA D 370 7.21 -20.36 -7.44
C ALA D 370 8.74 -20.31 -7.36
N PRO D 371 9.34 -20.60 -6.16
CA PRO D 371 10.80 -20.61 -6.08
C PRO D 371 11.50 -21.56 -7.08
N TRP D 372 10.80 -22.63 -7.45
CA TRP D 372 11.32 -23.68 -8.36
C TRP D 372 10.88 -23.51 -9.84
N ALA D 373 10.54 -22.28 -10.21
CA ALA D 373 10.07 -21.96 -11.57
C ALA D 373 11.06 -22.29 -12.66
N GLN D 374 12.35 -22.21 -12.34
CA GLN D 374 13.40 -22.50 -13.32
C GLN D 374 13.64 -23.98 -13.55
N THR D 375 13.60 -24.79 -12.51
CA THR D 375 13.82 -26.23 -12.67
C THR D 375 12.58 -26.91 -13.29
N TRP D 376 11.41 -26.32 -13.05
CA TRP D 376 10.13 -26.66 -13.71
C TRP D 376 10.13 -26.45 -15.24
N SER D 377 10.66 -25.31 -15.71
CA SER D 377 10.80 -25.07 -17.17
C SER D 377 11.85 -25.97 -17.85
N ALA D 378 12.96 -26.21 -17.15
CA ALA D 378 14.04 -27.03 -17.69
C ALA D 378 13.62 -28.50 -17.94
N SER D 379 12.38 -28.83 -17.55
CA SER D 379 11.80 -30.17 -17.75
C SER D 379 10.81 -30.24 -18.92
N LEU D 380 10.30 -29.09 -19.35
CA LEU D 380 9.31 -29.06 -20.42
C LEU D 380 9.93 -29.10 -21.82
N PRO D 381 9.39 -29.98 -22.70
CA PRO D 381 9.82 -30.09 -24.10
C PRO D 381 9.83 -28.76 -24.86
N VAL D 382 10.88 -28.56 -25.67
CA VAL D 382 10.96 -27.40 -26.56
C VAL D 382 10.64 -27.85 -27.98
N ALA D 383 9.70 -27.14 -28.61
CA ALA D 383 9.17 -27.52 -29.92
C ALA D 383 10.24 -27.49 -31.00
N GLY D 384 10.26 -28.56 -31.80
CA GLY D 384 11.07 -28.61 -33.02
C GLY D 384 12.56 -28.83 -32.86
N GLU D 385 13.01 -29.01 -31.62
CA GLU D 385 14.44 -29.23 -31.31
C GLU D 385 14.88 -30.71 -31.47
N SER D 386 15.97 -30.91 -32.21
CA SER D 386 16.51 -32.23 -32.65
C SER D 386 16.93 -33.21 -31.56
N ASP D 387 17.69 -32.70 -30.59
CA ASP D 387 18.26 -33.46 -29.49
C ASP D 387 17.12 -33.99 -28.63
N PRO D 388 17.05 -35.32 -28.43
CA PRO D 388 15.96 -35.91 -27.61
C PRO D 388 15.82 -35.27 -26.22
N PHE D 389 16.92 -34.83 -25.63
CA PHE D 389 16.89 -34.28 -24.26
C PHE D 389 16.47 -32.80 -24.18
N VAL D 390 16.30 -32.16 -25.35
CA VAL D 390 15.86 -30.76 -25.43
C VAL D 390 14.42 -30.68 -25.93
N GLY D 391 14.11 -31.46 -26.97
CA GLY D 391 12.80 -31.47 -27.63
C GLY D 391 11.80 -32.48 -27.08
N GLY D 392 12.29 -33.63 -26.58
CA GLY D 392 11.43 -34.64 -25.98
C GLY D 392 10.34 -35.11 -26.91
N THR D 393 9.10 -35.08 -26.43
CA THR D 393 7.94 -35.53 -27.21
C THR D 393 7.56 -34.54 -28.32
N LEU D 394 8.29 -33.42 -28.39
CA LEU D 394 7.98 -32.38 -29.39
C LEU D 394 9.08 -32.22 -30.46
N ALA D 395 10.02 -33.16 -30.49
CA ALA D 395 11.20 -33.06 -31.37
C ALA D 395 10.87 -33.11 -32.87
N ASN D 396 9.79 -33.81 -33.23
CA ASN D 396 9.37 -33.95 -34.62
C ASN D 396 8.14 -33.11 -34.98
N ARG D 397 7.75 -32.19 -34.10
CA ARG D 397 6.57 -31.35 -34.31
C ARG D 397 6.97 -29.89 -34.42
N MET D 398 6.32 -29.16 -35.32
CA MET D 398 6.53 -27.69 -35.46
C MET D 398 7.87 -27.23 -36.08
N ARG D 399 8.67 -28.18 -36.57
CA ARG D 399 9.95 -27.87 -37.21
C ARG D 399 9.77 -26.90 -38.39
N GLY D 400 10.63 -25.90 -38.47
CA GLY D 400 10.60 -24.93 -39.56
C GLY D 400 9.52 -23.85 -39.48
N THR D 401 8.89 -23.70 -38.30
CA THR D 401 7.91 -22.64 -38.08
C THR D 401 8.38 -21.63 -37.04
N ALA D 402 7.52 -20.67 -36.73
CA ALA D 402 7.76 -19.65 -35.73
C ALA D 402 7.90 -20.23 -34.33
N ALA D 403 7.31 -21.40 -34.10
CA ALA D 403 7.31 -22.03 -32.77
C ALA D 403 8.50 -22.96 -32.51
N GLU D 404 9.33 -23.20 -33.53
CA GLU D 404 10.54 -24.02 -33.38
C GLU D 404 11.58 -23.35 -32.46
N GLY D 405 11.81 -23.93 -31.29
CA GLY D 405 12.77 -23.41 -30.33
C GLY D 405 12.20 -22.33 -29.42
N VAL D 406 10.87 -22.16 -29.45
CA VAL D 406 10.19 -21.09 -28.70
C VAL D 406 9.21 -21.68 -27.68
N VAL D 407 8.29 -22.52 -28.16
CA VAL D 407 7.22 -23.08 -27.34
C VAL D 407 7.67 -24.23 -26.41
N GLU D 408 7.52 -23.99 -25.10
CA GLU D 408 7.69 -24.99 -24.04
C GLU D 408 6.33 -25.54 -23.65
N ALA D 409 6.14 -26.86 -23.76
CA ALA D 409 4.80 -27.44 -23.59
C ALA D 409 4.78 -28.92 -23.24
N LYS D 410 3.74 -29.36 -22.54
CA LYS D 410 3.58 -30.77 -22.17
C LYS D 410 2.49 -31.43 -23.03
N THR D 411 2.86 -32.54 -23.66
CA THR D 411 1.96 -33.35 -24.48
C THR D 411 1.12 -34.35 -23.65
N GLY D 412 0.26 -35.10 -24.35
CA GLY D 412 -0.48 -36.22 -23.75
C GLY D 412 -1.60 -36.72 -24.65
N THR D 413 -1.38 -37.84 -25.35
CA THR D 413 -2.46 -38.51 -26.12
C THR D 413 -2.66 -40.00 -25.79
N MET D 414 -3.92 -40.43 -25.76
CA MET D 414 -4.34 -41.84 -25.86
C MET D 414 -5.49 -41.85 -26.85
N SER D 415 -6.15 -43.01 -26.98
CA SER D 415 -7.39 -43.14 -27.75
C SER D 415 -8.49 -42.17 -27.34
N GLY D 416 -8.93 -41.37 -28.32
CA GLY D 416 -9.99 -40.38 -28.13
C GLY D 416 -9.69 -39.26 -27.16
N VAL D 417 -8.40 -38.99 -26.91
CA VAL D 417 -7.92 -37.95 -25.96
C VAL D 417 -6.60 -37.29 -26.41
N SER D 418 -6.49 -35.94 -26.31
CA SER D 418 -5.28 -35.22 -26.72
C SER D 418 -5.13 -33.83 -26.07
N ALA D 419 -3.89 -33.46 -25.70
CA ALA D 419 -3.64 -32.20 -24.97
C ALA D 419 -2.29 -31.56 -25.26
N LEU D 420 -2.27 -30.22 -25.20
CA LEU D 420 -1.03 -29.46 -25.26
C LEU D 420 -1.18 -28.21 -24.39
N SER D 421 -0.34 -28.13 -23.36
CA SER D 421 -0.37 -27.01 -22.43
C SER D 421 1.06 -26.60 -22.11
N GLY D 422 1.29 -25.28 -22.07
CA GLY D 422 2.63 -24.71 -21.87
C GLY D 422 2.74 -23.20 -21.93
N TYR D 423 3.91 -22.70 -22.35
CA TYR D 423 4.26 -21.25 -22.40
C TYR D 423 4.83 -20.82 -23.75
N VAL D 424 4.59 -19.55 -24.12
CA VAL D 424 5.14 -18.93 -25.34
C VAL D 424 5.88 -17.64 -24.97
N PRO D 425 7.24 -17.66 -24.99
CA PRO D 425 8.01 -16.47 -24.60
C PRO D 425 8.21 -15.48 -25.74
N GLY D 426 7.84 -14.23 -25.48
CA GLY D 426 7.98 -13.21 -26.49
C GLY D 426 8.95 -12.09 -26.15
N PRO D 427 9.70 -11.61 -27.17
CA PRO D 427 10.13 -10.21 -27.24
C PRO D 427 9.08 -9.27 -26.66
N GLU D 428 7.87 -9.79 -26.47
CA GLU D 428 6.76 -9.07 -25.83
C GLU D 428 6.69 -9.43 -24.32
N GLY D 429 6.27 -10.66 -24.01
CA GLY D 429 6.22 -11.15 -22.62
C GLY D 429 6.36 -12.67 -22.46
N GLU D 430 5.44 -13.26 -21.70
CA GLU D 430 5.21 -14.70 -21.78
C GLU D 430 3.71 -15.00 -21.68
N LEU D 431 3.23 -15.89 -22.56
CA LEU D 431 1.85 -16.35 -22.50
C LEU D 431 1.83 -17.78 -21.95
N ALA D 432 0.70 -18.16 -21.36
CA ALA D 432 0.46 -19.53 -20.90
C ALA D 432 -0.84 -20.01 -21.54
N PHE D 433 -0.90 -21.28 -21.96
CA PHE D 433 -2.05 -21.79 -22.71
C PHE D 433 -2.42 -23.23 -22.39
N SER D 434 -3.68 -23.59 -22.65
CA SER D 434 -4.13 -24.97 -22.54
C SER D 434 -5.11 -25.36 -23.64
N ILE D 435 -4.74 -26.36 -24.45
CA ILE D 435 -5.64 -27.01 -25.41
C ILE D 435 -5.87 -28.46 -24.98
N VAL D 436 -7.14 -28.84 -24.75
CA VAL D 436 -7.54 -30.23 -24.41
C VAL D 436 -8.76 -30.66 -25.24
N ASN D 437 -8.59 -31.72 -26.03
CA ASN D 437 -9.65 -32.25 -26.91
C ASN D 437 -10.02 -33.67 -26.50
N ASN D 438 -11.34 -33.93 -26.42
CA ASN D 438 -11.87 -35.27 -26.11
C ASN D 438 -12.93 -35.64 -27.14
N GLY D 439 -13.05 -36.93 -27.44
CA GLY D 439 -14.20 -37.45 -28.20
C GLY D 439 -14.16 -37.38 -29.71
N HIS D 440 -13.03 -36.92 -30.26
CA HIS D 440 -12.76 -36.97 -31.70
C HIS D 440 -12.58 -38.44 -32.08
N SER D 441 -12.91 -38.78 -33.32
CA SER D 441 -12.93 -40.19 -33.74
C SER D 441 -11.85 -40.60 -34.74
N GLY D 442 -11.11 -39.64 -35.30
CA GLY D 442 -10.00 -39.98 -36.19
C GLY D 442 -8.71 -40.14 -35.41
N PRO D 443 -7.57 -39.82 -36.03
CA PRO D 443 -6.28 -39.68 -35.33
C PRO D 443 -6.27 -38.45 -34.41
N ALA D 444 -5.37 -38.44 -33.43
CA ALA D 444 -5.22 -37.30 -32.52
C ALA D 444 -5.06 -35.99 -33.31
N PRO D 445 -5.82 -34.93 -32.94
CA PRO D 445 -5.78 -33.72 -33.76
C PRO D 445 -4.55 -32.85 -33.48
N LEU D 446 -3.37 -33.43 -33.70
CA LEU D 446 -2.09 -32.76 -33.40
C LEU D 446 -1.81 -31.55 -34.31
N ALA D 447 -2.25 -31.62 -35.56
CA ALA D 447 -2.06 -30.53 -36.54
C ALA D 447 -2.82 -29.25 -36.16
N VAL D 448 -3.93 -29.42 -35.43
CA VAL D 448 -4.72 -28.31 -34.89
C VAL D 448 -3.97 -27.67 -33.72
N GLN D 449 -3.39 -28.51 -32.86
CA GLN D 449 -2.60 -28.05 -31.72
C GLN D 449 -1.40 -27.22 -32.16
N ASP D 450 -0.64 -27.75 -33.12
CA ASP D 450 0.51 -27.05 -33.73
C ASP D 450 0.15 -25.69 -34.34
N ALA D 451 -1.03 -25.61 -34.95
CA ALA D 451 -1.51 -24.40 -35.61
C ALA D 451 -1.88 -23.28 -34.64
N ILE D 452 -2.44 -23.64 -33.49
CA ILE D 452 -2.71 -22.66 -32.43
C ILE D 452 -1.40 -22.22 -31.77
N ALA D 453 -0.51 -23.17 -31.51
CA ALA D 453 0.82 -22.85 -30.96
C ALA D 453 1.66 -21.93 -31.85
N VAL D 454 1.69 -22.20 -33.16
CA VAL D 454 2.44 -21.37 -34.14
C VAL D 454 1.89 -19.94 -34.26
N ARG D 455 0.56 -19.82 -34.30
CA ARG D 455 -0.15 -18.53 -34.28
C ARG D 455 0.08 -17.73 -32.99
N LEU D 456 0.15 -18.42 -31.85
CA LEU D 456 0.50 -17.78 -30.56
C LEU D 456 1.96 -17.32 -30.55
N ALA D 457 2.84 -18.09 -31.17
CA ALA D 457 4.25 -17.68 -31.29
C ALA D 457 4.43 -16.49 -32.25
N GLU D 458 3.58 -16.40 -33.28
CA GLU D 458 3.57 -15.26 -34.20
C GLU D 458 3.06 -14.00 -33.53
N TYR D 459 2.08 -14.18 -32.65
CA TYR D 459 1.49 -13.09 -31.88
C TYR D 459 2.51 -12.48 -30.89
N ALA D 460 3.41 -13.32 -30.40
CA ALA D 460 4.47 -12.88 -29.50
C ALA D 460 5.70 -12.37 -30.27
N GLY D 461 5.52 -12.13 -31.56
CA GLY D 461 6.49 -11.40 -32.37
C GLY D 461 7.58 -12.21 -33.06
N HIS D 462 7.41 -13.53 -33.13
CA HIS D 462 8.38 -14.42 -33.78
C HIS D 462 8.09 -14.61 -35.27
N GLN D 463 9.02 -15.23 -36.00
CA GLN D 463 8.85 -15.52 -37.43
C GLN D 463 9.49 -16.86 -37.86
N ALA D 464 8.98 -17.43 -38.95
CA ALA D 464 9.43 -18.73 -39.47
C ALA D 464 10.82 -18.67 -40.13
N PRO D 465 11.67 -19.69 -39.87
CA PRO D 465 13.04 -19.75 -40.42
C PRO D 465 13.07 -20.21 -41.88
N GLU D 466 13.52 -19.33 -42.77
CA GLU D 466 13.51 -19.58 -44.21
C GLU D 466 14.82 -20.19 -44.71
N GLY D 467 14.89 -20.69 -45.84
CA1 REZ E . -3.53 38.54 42.61
CB1 REZ E . -2.18 38.63 41.91
CG1 REZ E . -1.19 37.69 42.57
CD1 REZ E . 0.11 37.63 41.77
CE1 REZ E . 1.21 36.86 42.49
NZ1 REZ E . 2.21 36.45 41.52
CZ1 REZ E . 1.86 37.73 43.53
OH1 REZ E . 2.80 38.46 43.18
OH2 REZ E . 1.44 37.67 44.70
C1 REZ E . -4.67 39.20 41.85
O1 REZ E . -4.49 40.16 41.11
N REZ E . -5.85 38.63 42.12
CA REZ E . -7.17 38.98 41.57
CB REZ E . -7.50 40.46 41.81
C REZ E . -8.24 38.11 42.19
O REZ E . -8.13 37.80 43.40
OXT REZ E . -9.20 37.73 41.48
S SO4 F . -8.30 43.28 44.24
O1 SO4 F . -6.85 43.16 44.46
O2 SO4 F . -8.58 43.75 42.89
O3 SO4 F . -8.82 44.27 45.16
O4 SO4 F . -8.97 42.00 44.41
S SO4 G . -31.22 35.88 23.23
O1 SO4 G . -30.50 37.15 23.06
O2 SO4 G . -31.82 35.49 21.96
O3 SO4 G . -32.23 36.08 24.27
O4 SO4 G . -30.36 34.78 23.65
S SO4 H . -8.21 28.57 45.86
O1 SO4 H . -8.69 27.66 44.82
O2 SO4 H . -9.17 28.59 46.96
O3 SO4 H . -8.08 29.91 45.28
O4 SO4 H . -6.91 28.13 46.36
S SO4 I . 0.61 32.30 24.97
O1 SO4 I . 0.33 33.40 25.89
O2 SO4 I . -0.63 31.68 24.49
O3 SO4 I . 1.39 31.27 25.66
O4 SO4 I . 1.36 32.81 23.84
S SO4 J . -21.11 32.38 42.35
O1 SO4 J . -21.23 33.37 43.42
O2 SO4 J . -22.43 32.00 41.83
O3 SO4 J . -20.49 31.16 42.86
O4 SO4 J . -20.30 32.96 41.28
MG MG K . -18.31 16.94 29.90
MG MG L . -22.91 59.13 55.49
CA1 REZ M . -21.52 27.18 -25.51
CB1 REZ M . -20.76 28.17 -24.62
CG1 REZ M . -20.21 29.35 -25.42
CD1 REZ M . -19.41 30.29 -24.53
CE1 REZ M . -18.65 31.34 -25.33
NZ1 REZ M . -18.31 32.45 -24.48
CZ1 REZ M . -17.37 30.78 -25.90
OH1 REZ M . -16.38 30.62 -25.15
OH2 REZ M . -17.35 30.50 -27.11
C1 REZ M . -22.64 26.48 -24.75
O1 REZ M . -22.60 26.39 -23.53
N REZ M . -23.63 25.99 -25.51
CA REZ M . -24.82 25.29 -25.03
CB REZ M . -24.51 23.88 -24.54
C REZ M . -25.90 25.20 -26.09
O REZ M . -25.58 25.22 -27.31
OXT REZ M . -27.09 25.11 -25.71
S SO4 N . -21.89 21.11 -26.23
O1 SO4 N . -20.93 22.21 -26.13
O2 SO4 N . -23.02 21.37 -25.37
O3 SO4 N . -21.30 19.85 -25.81
O4 SO4 N . -22.36 20.96 -27.61
S SO4 O . -52.21 17.27 -16.43
O1 SO4 O . -51.64 17.08 -15.10
O2 SO4 O . -53.11 18.44 -16.41
O3 SO4 O . -52.97 16.08 -16.80
O4 SO4 O . -51.16 17.51 -17.41
S SO4 P . -28.73 33.20 -35.50
O1 SO4 P . -27.28 33.18 -35.70
O2 SO4 P . -29.38 32.45 -36.57
O3 SO4 P . -29.19 34.58 -35.53
O4 SO4 P . -29.03 32.59 -34.20
S SO4 Q . -29.00 39.02 -11.79
O1 SO4 Q . -28.42 37.94 -12.60
O2 SO4 Q . -30.24 39.51 -12.39
O3 SO4 Q . -28.06 40.12 -11.67
O4 SO4 Q . -29.29 38.48 -10.47
S SO4 R . -37.45 22.28 -31.70
O1 SO4 R . -37.51 23.74 -31.76
O2 SO4 R . -38.76 21.72 -32.05
O3 SO4 R . -37.10 21.88 -30.34
O4 SO4 R . -36.44 21.77 -32.64
CA1 REZ S . 43.74 -18.83 -2.71
CB1 REZ S . 44.59 -17.90 -1.85
CG1 REZ S . 45.78 -17.33 -2.62
CD1 REZ S . 46.44 -16.24 -1.79
CE1 REZ S . 47.39 -15.34 -2.58
NZ1 REZ S . 47.47 -14.07 -1.90
CZ1 REZ S . 48.77 -15.94 -2.62
OH1 REZ S . 49.60 -15.60 -1.77
OH2 REZ S . 49.03 -16.78 -3.52
C1 REZ S . 42.60 -19.40 -1.89
O1 REZ S . 42.76 -19.59 -0.69
N REZ S . 41.46 -19.67 -2.55
CA REZ S . 40.22 -20.23 -1.98
CB REZ S . 40.20 -21.74 -2.18
C REZ S . 38.97 -19.65 -2.57
O REZ S . 38.91 -19.50 -3.81
OXT REZ S . 38.01 -19.33 -1.80
S SO4 T . 42.11 -24.62 -3.60
O1 SO4 T . 42.73 -23.91 -2.49
O2 SO4 T . 41.43 -23.69 -4.48
O3 SO4 T . 41.16 -25.60 -3.08
O4 SO4 T . 43.12 -25.34 -4.37
S SO4 U . 11.71 -21.60 6.18
O1 SO4 U . 12.94 -22.36 6.44
O2 SO4 U . 11.10 -21.24 7.46
O3 SO4 U . 10.82 -22.45 5.40
O4 SO4 U . 11.97 -20.36 5.45
S SO4 V . 38.31 -11.78 -11.49
O1 SO4 V . 38.39 -10.61 -12.38
O2 SO4 V . 37.25 -11.59 -10.51
O3 SO4 V . 39.59 -11.94 -10.80
O4 SO4 V . 38.03 -12.98 -12.28
S SO4 W . 39.12 -6.10 11.69
O1 SO4 W . 37.65 -5.95 11.74
O2 SO4 W . 39.52 -7.48 11.37
O3 SO4 W . 39.67 -5.78 13.01
O4 SO4 W . 39.63 -5.20 10.68
S SO4 X . 27.16 -20.01 -9.14
O1 SO4 X . 27.01 -18.86 -10.02
O2 SO4 X . 25.84 -20.35 -8.62
O3 SO4 X . 28.04 -19.69 -8.01
O4 SO4 X . 27.75 -21.14 -9.86
S SO4 Y . 2.70 -38.45 -24.35
O1 SO4 Y . 1.35 -38.90 -24.61
O2 SO4 Y . 3.41 -39.47 -23.61
O3 SO4 Y . 2.70 -37.20 -23.59
O4 SO4 Y . 3.32 -38.19 -25.64
S SO4 Z . 27.40 -42.97 -4.36
O1 SO4 Z . 26.92 -41.86 -5.19
O2 SO4 Z . 26.76 -42.94 -3.06
O3 SO4 Z . 28.84 -42.84 -4.20
O4 SO4 Z . 27.13 -44.24 -5.04
S SO4 AA . 7.40 -51.84 -29.72
O1 SO4 AA . 7.48 -50.48 -29.17
O2 SO4 AA . 6.01 -52.18 -30.03
O3 SO4 AA . 7.93 -52.79 -28.75
O4 SO4 AA . 8.21 -51.92 -30.93
S SO4 BA . -1.86 -55.65 -8.56
O1 SO4 BA . -2.32 -54.40 -9.17
O2 SO4 BA . -2.98 -56.56 -8.38
O3 SO4 BA . -1.27 -55.36 -7.27
O4 SO4 BA . -0.87 -56.32 -9.41
S SO4 CA . 18.58 -44.78 -24.01
O1 SO4 CA . 17.55 -44.87 -22.97
O2 SO4 CA . 18.45 -45.90 -24.94
O3 SO4 CA . 19.90 -44.86 -23.40
O4 SO4 CA . 18.45 -43.52 -24.74
MG MG DA . 20.96 -63.34 -15.67
MG MG EA . 12.00 -16.75 -32.77
#